data_8BHO
#
_entry.id   8BHO
#
_cell.length_a   1.00
_cell.length_b   1.00
_cell.length_c   1.00
_cell.angle_alpha   90.00
_cell.angle_beta   90.00
_cell.angle_gamma   90.00
#
_symmetry.space_group_name_H-M   'P 1'
#
loop_
_entity.id
_entity.type
_entity.pdbx_description
1 polymer 'Gamma-aminobutyric acid receptor subunit alpha-5'
2 non-polymer 2-acetamido-2-deoxy-beta-D-glucopyranose
3 non-polymer 'ethyl (7~{S})-15-methoxy-12-oxidanylidene-2,4,11-triazatetracyclo[11.4.0.0^{2,6}.0^{7,11}]heptadeca-1(17),3,5,13,15-pentaene-5-carboxylate'
#
_entity_poly.entity_id   1
_entity_poly.type   'polypeptide(L)'
_entity_poly.pdbx_seq_one_letter_code
;QMPTSSVKDETNDNITIFTRILDGLLDGYDNRLRPGLGERITQVRTDMYVNSFGPVSDTEMEYTIDIFFAQTWKDERLRF
KGPMQRLPLNNLLASKIWTPDTFFHNGKKSFAHWMTTPNRMLRIWNDGRVLYTLRLTISAECPMDLEDFPMDEQNCPLKF
GSYAYPNSEVVYVWTNGSTKSVVVAEDGSRLNQYHLMGQTVGTENISTSTGEYTIMTAHFHLKRKIGYFVIQTYLPCIMT
VILSQVSFWLNRESVAARTVFGVTTVLTMTTLSISARNSLPKVAYATAMDWFIAVCYAFVFSALLEFAFVNYITKSQPAR
AAKIDKMSRIVFPILFGTFNLVYWATYLNGTTETSQVAPA
;
_entity_poly.pdbx_strand_id   A,B,C,D,E
#
loop_
_chem_comp.id
_chem_comp.type
_chem_comp.name
_chem_comp.formula
NAG D-saccharide, beta linking 2-acetamido-2-deoxy-beta-D-glucopyranose 'C8 H15 N O6'
QMJ non-polymer 'ethyl (7~{S})-15-methoxy-12-oxidanylidene-2,4,11-triazatetracyclo[11.4.0.0^{2,6}.0^{7,11}]heptadeca-1(17),3,5,13,15-pentaene-5-carboxylate' 'C18 H19 N3 O4'
#
# COMPACT_ATOMS: atom_id res chain seq x y z
N ASN A 14 24.04 50.23 -2.22
CA ASN A 14 23.94 49.75 -0.85
C ASN A 14 23.72 48.23 -0.82
N ILE A 15 23.06 47.72 -1.85
CA ILE A 15 22.79 46.30 -1.96
C ILE A 15 23.84 45.65 -2.85
N THR A 16 24.38 46.44 -3.79
CA THR A 16 25.40 45.91 -4.69
C THR A 16 26.66 45.48 -3.95
N ILE A 17 26.90 46.00 -2.76
CA ILE A 17 28.08 45.61 -1.99
C ILE A 17 28.04 44.11 -1.68
N PHE A 18 26.87 43.60 -1.30
CA PHE A 18 26.75 42.19 -1.00
C PHE A 18 27.03 41.33 -2.24
N THR A 19 26.58 41.78 -3.41
CA THR A 19 26.79 41.02 -4.63
C THR A 19 28.28 40.86 -4.92
N ARG A 20 29.06 41.93 -4.74
CA ARG A 20 30.49 41.84 -4.99
C ARG A 20 31.16 40.86 -4.03
N ILE A 21 30.73 40.86 -2.77
CA ILE A 21 31.32 39.97 -1.77
C ILE A 21 31.12 38.52 -2.19
N LEU A 22 29.91 38.17 -2.62
CA LEU A 22 29.63 36.79 -3.02
C LEU A 22 30.50 36.39 -4.20
N ASP A 23 30.64 37.28 -5.19
CA ASP A 23 31.47 36.97 -6.35
C ASP A 23 32.92 36.73 -5.94
N GLY A 24 33.44 37.56 -5.03
CA GLY A 24 34.82 37.40 -4.61
C GLY A 24 35.07 36.06 -3.94
N LEU A 25 34.16 35.63 -3.07
CA LEU A 25 34.34 34.36 -2.39
C LEU A 25 34.35 33.19 -3.37
N LEU A 26 33.45 33.21 -4.36
CA LEU A 26 33.39 32.14 -5.35
C LEU A 26 34.55 32.18 -6.33
N ASP A 27 35.31 33.28 -6.37
CA ASP A 27 36.44 33.38 -7.28
C ASP A 27 37.62 32.61 -6.70
N GLY A 28 38.07 31.58 -7.42
CA GLY A 28 39.16 30.76 -6.95
C GLY A 28 38.79 29.75 -5.88
N TYR A 29 37.50 29.52 -5.65
CA TYR A 29 37.03 28.59 -4.64
C TYR A 29 36.60 27.29 -5.31
N ASP A 30 37.17 26.18 -4.85
CA ASP A 30 36.84 24.85 -5.37
C ASP A 30 35.97 24.13 -4.35
N ASN A 31 34.79 23.69 -4.80
CA ASN A 31 33.86 23.00 -3.91
C ASN A 31 34.18 21.51 -3.77
N ARG A 32 35.13 20.99 -4.53
CA ARG A 32 35.51 19.59 -4.47
C ARG A 32 36.60 19.30 -3.45
N LEU A 33 37.14 20.33 -2.79
CA LEU A 33 38.21 20.18 -1.83
C LEU A 33 37.74 20.68 -0.47
N ARG A 34 37.97 19.87 0.56
CA ARG A 34 37.57 20.25 1.91
C ARG A 34 38.47 21.38 2.41
N PRO A 35 37.97 22.21 3.32
CA PRO A 35 38.80 23.29 3.86
C PRO A 35 39.97 22.74 4.65
N GLY A 36 41.09 23.47 4.59
CA GLY A 36 42.28 23.06 5.32
C GLY A 36 42.82 21.71 4.89
N LEU A 37 42.79 21.44 3.59
CA LEU A 37 43.29 20.16 3.09
C LEU A 37 44.81 20.11 3.20
N GLY A 38 45.32 19.01 3.77
CA GLY A 38 46.75 18.86 3.91
C GLY A 38 47.39 19.84 4.87
N GLU A 39 46.60 20.51 5.70
CA GLU A 39 47.13 21.49 6.64
C GLU A 39 46.64 21.20 8.06
N ARG A 40 45.45 20.61 8.17
CA ARG A 40 44.86 20.31 9.47
C ARG A 40 43.72 19.31 9.25
N ILE A 41 42.98 19.04 10.31
CA ILE A 41 41.84 18.11 10.27
C ILE A 41 40.57 18.93 10.43
N THR A 42 39.66 18.79 9.47
CA THR A 42 38.41 19.53 9.53
C THR A 42 37.58 19.08 10.72
N GLN A 43 37.04 20.05 11.46
CA GLN A 43 36.21 19.80 12.63
C GLN A 43 34.80 20.29 12.35
N VAL A 44 33.82 19.42 12.54
CA VAL A 44 32.42 19.71 12.27
C VAL A 44 31.62 19.53 13.55
N ARG A 45 30.82 20.53 13.90
CA ARG A 45 29.93 20.47 15.05
C ARG A 45 28.50 20.27 14.57
N THR A 46 27.83 19.25 15.11
CA THR A 46 26.50 18.87 14.68
C THR A 46 25.50 19.08 15.81
N ASP A 47 24.38 19.72 15.50
CA ASP A 47 23.28 19.90 16.43
C ASP A 47 21.99 19.47 15.74
N MET A 48 21.13 18.77 16.47
CA MET A 48 19.93 18.19 15.91
C MET A 48 18.71 18.63 16.70
N TYR A 49 17.62 18.93 15.99
CA TYR A 49 16.34 19.25 16.59
C TYR A 49 15.28 18.36 15.96
N VAL A 50 14.51 17.67 16.80
CA VAL A 50 13.52 16.71 16.34
C VAL A 50 12.17 17.44 16.29
N ASN A 51 11.76 17.82 15.07
CA ASN A 51 10.46 18.49 14.92
C ASN A 51 9.32 17.56 15.31
N SER A 52 9.40 16.29 14.88
CA SER A 52 8.35 15.33 15.19
C SER A 52 8.91 13.93 15.04
N PHE A 53 8.55 13.06 15.99
CA PHE A 53 8.98 11.66 15.97
C PHE A 53 7.86 10.85 15.33
N GLY A 54 8.06 10.45 14.07
CA GLY A 54 7.06 9.74 13.33
C GLY A 54 6.69 8.40 13.96
N PRO A 55 5.76 7.68 13.34
CA PRO A 55 5.33 6.41 13.90
C PRO A 55 6.44 5.37 13.88
N VAL A 56 6.40 4.47 14.86
CA VAL A 56 7.36 3.39 14.98
C VAL A 56 6.67 2.13 14.48
N SER A 57 7.02 1.68 13.28
CA SER A 57 6.42 0.49 12.69
C SER A 57 7.13 -0.75 13.21
N ASP A 58 6.42 -1.57 13.98
CA ASP A 58 7.01 -2.78 14.54
C ASP A 58 7.14 -3.87 13.50
N THR A 59 6.24 -3.92 12.52
CA THR A 59 6.29 -4.97 11.51
C THR A 59 7.58 -4.92 10.71
N GLU A 60 8.00 -3.72 10.31
CA GLU A 60 9.19 -3.53 9.50
C GLU A 60 10.42 -3.17 10.33
N MET A 61 10.30 -3.11 11.65
CA MET A 61 11.42 -2.76 12.52
C MET A 61 12.05 -1.44 12.09
N GLU A 62 11.22 -0.46 11.78
CA GLU A 62 11.68 0.85 11.34
C GLU A 62 10.87 1.93 12.04
N TYR A 63 11.44 3.14 12.08
CA TYR A 63 10.75 4.29 12.63
C TYR A 63 11.05 5.49 11.76
N THR A 64 10.11 6.43 11.72
CA THR A 64 10.22 7.65 10.94
C THR A 64 10.45 8.82 11.88
N ILE A 65 11.43 9.66 11.56
CA ILE A 65 11.77 10.81 12.36
C ILE A 65 12.06 11.99 11.45
N ASP A 66 11.52 13.15 11.81
CA ASP A 66 11.75 14.40 11.08
C ASP A 66 12.60 15.31 11.96
N ILE A 67 13.76 15.71 11.45
CA ILE A 67 14.72 16.51 12.21
C ILE A 67 15.21 17.65 11.33
N PHE A 68 15.69 18.71 12.01
CA PHE A 68 16.38 19.81 11.34
C PHE A 68 17.86 19.66 11.62
N PHE A 69 18.50 18.80 10.82
CA PHE A 69 19.92 18.51 11.01
C PHE A 69 20.75 19.73 10.64
N ALA A 70 21.74 20.03 11.47
CA ALA A 70 22.59 21.19 11.30
C ALA A 70 24.05 20.82 11.49
N GLN A 71 24.93 21.46 10.72
CA GLN A 71 26.36 21.24 10.82
C GLN A 71 27.07 22.59 10.80
N THR A 72 28.13 22.68 11.60
CA THR A 72 28.94 23.90 11.68
C THR A 72 30.41 23.53 11.50
N TRP A 73 31.12 24.33 10.71
CA TRP A 73 32.53 24.09 10.46
C TRP A 73 33.21 25.40 10.10
N LYS A 74 34.54 25.39 10.14
CA LYS A 74 35.34 26.57 9.88
C LYS A 74 35.97 26.47 8.50
N ASP A 75 35.84 27.54 7.71
CA ASP A 75 36.40 27.61 6.37
C ASP A 75 37.03 28.98 6.19
N GLU A 76 38.36 29.03 6.07
CA GLU A 76 39.06 30.29 5.90
C GLU A 76 38.91 30.87 4.50
N ARG A 77 38.54 30.06 3.52
CA ARG A 77 38.38 30.55 2.16
C ARG A 77 37.18 31.47 1.99
N LEU A 78 36.26 31.49 2.96
CA LEU A 78 35.06 32.30 2.87
C LEU A 78 35.15 33.60 3.68
N ARG A 79 36.35 33.94 4.15
CA ARG A 79 36.51 35.17 4.92
C ARG A 79 36.17 36.38 4.07
N PHE A 80 35.50 37.36 4.68
CA PHE A 80 35.10 38.58 3.99
C PHE A 80 34.99 39.70 4.99
N LYS A 81 35.04 40.94 4.48
CA LYS A 81 34.91 42.14 5.28
C LYS A 81 33.80 43.00 4.71
N GLY A 82 32.89 43.45 5.57
CA GLY A 82 31.79 44.28 5.15
C GLY A 82 31.01 44.85 6.32
N PRO A 83 30.10 45.78 6.03
CA PRO A 83 29.30 46.38 7.11
C PRO A 83 28.46 45.37 7.87
N MET A 84 27.98 44.32 7.20
CA MET A 84 27.13 43.31 7.82
C MET A 84 27.98 42.13 8.25
N GLN A 85 27.82 41.72 9.51
CA GLN A 85 28.62 40.64 10.07
C GLN A 85 28.13 39.26 9.68
N ARG A 86 26.92 39.14 9.14
CA ARG A 86 26.35 37.85 8.76
C ARG A 86 25.73 37.97 7.38
N LEU A 87 25.67 36.84 6.67
CA LEU A 87 25.14 36.77 5.31
C LEU A 87 24.14 35.63 5.22
N PRO A 88 22.92 35.84 5.70
CA PRO A 88 21.87 34.83 5.52
C PRO A 88 21.64 34.57 4.04
N LEU A 89 21.42 33.30 3.70
CA LEU A 89 21.26 32.88 2.32
C LEU A 89 20.32 31.70 2.27
N ASN A 90 20.24 31.05 1.11
CA ASN A 90 19.34 29.93 0.89
C ASN A 90 20.11 28.84 0.15
N ASN A 91 19.36 27.84 -0.35
CA ASN A 91 19.97 26.68 -1.00
C ASN A 91 20.70 27.03 -2.30
N LEU A 92 20.49 28.23 -2.85
CA LEU A 92 21.10 28.56 -4.13
C LEU A 92 22.62 28.49 -4.06
N LEU A 93 23.21 29.03 -2.99
CA LEU A 93 24.66 29.03 -2.84
C LEU A 93 25.19 27.78 -2.18
N ALA A 94 24.32 26.89 -1.69
CA ALA A 94 24.78 25.68 -1.02
C ALA A 94 25.58 24.79 -1.96
N SER A 95 25.10 24.64 -3.20
CA SER A 95 25.79 23.79 -4.17
C SER A 95 27.07 24.42 -4.68
N LYS A 96 27.24 25.74 -4.50
CA LYS A 96 28.42 26.43 -5.01
C LYS A 96 29.64 26.26 -4.12
N ILE A 97 29.47 25.73 -2.90
CA ILE A 97 30.59 25.58 -1.98
C ILE A 97 30.70 24.11 -1.58
N TRP A 98 31.68 23.81 -0.73
CA TRP A 98 31.92 22.44 -0.27
C TRP A 98 31.13 22.17 1.00
N THR A 99 30.47 21.01 1.04
CA THR A 99 29.74 20.57 2.21
C THR A 99 30.10 19.13 2.52
N PRO A 100 30.04 18.72 3.79
CA PRO A 100 30.38 17.34 4.14
C PRO A 100 29.39 16.35 3.54
N ASP A 101 29.90 15.16 3.23
CA ASP A 101 29.08 14.08 2.67
C ASP A 101 28.44 13.25 3.79
N THR A 102 27.74 13.92 4.69
CA THR A 102 27.12 13.25 5.83
C THR A 102 26.02 12.32 5.35
N PHE A 103 25.91 11.16 6.00
CA PHE A 103 24.89 10.19 5.66
C PHE A 103 24.59 9.35 6.89
N PHE A 104 23.45 8.67 6.86
CA PHE A 104 23.01 7.82 7.97
C PHE A 104 23.37 6.38 7.66
N HIS A 105 24.22 5.79 8.50
CA HIS A 105 24.67 4.41 8.27
C HIS A 105 23.54 3.40 8.42
N ASN A 106 22.46 3.76 9.11
CA ASN A 106 21.35 2.85 9.33
C ASN A 106 20.08 3.27 8.59
N GLY A 107 20.02 4.48 8.05
CA GLY A 107 18.86 4.92 7.33
C GLY A 107 18.55 4.06 6.12
N LYS A 108 17.30 3.62 6.00
CA LYS A 108 16.88 2.79 4.87
C LYS A 108 16.33 3.63 3.71
N LYS A 109 15.70 4.76 4.01
CA LYS A 109 15.18 5.63 2.96
C LYS A 109 15.03 7.03 3.54
N SER A 110 15.90 7.94 3.14
CA SER A 110 15.91 9.31 3.62
C SER A 110 15.63 10.26 2.47
N PHE A 111 14.65 11.15 2.64
CA PHE A 111 14.31 12.14 1.64
C PHE A 111 14.07 13.47 2.31
N ALA A 112 14.31 14.55 1.57
CA ALA A 112 14.11 15.90 2.07
C ALA A 112 12.79 16.47 1.51
N HIS A 113 12.50 17.70 1.90
CA HIS A 113 11.29 18.41 1.48
C HIS A 113 11.70 19.56 0.58
N TRP A 114 11.13 19.61 -0.61
CA TRP A 114 11.47 20.62 -1.61
C TRP A 114 10.39 21.67 -1.79
N MET A 115 9.28 21.57 -1.07
CA MET A 115 8.17 22.52 -1.20
C MET A 115 8.04 23.32 0.09
N THR A 116 7.82 24.64 -0.04
CA THR A 116 7.73 25.40 -1.29
C THR A 116 9.12 25.56 -1.92
N THR A 117 10.13 25.66 -1.07
CA THR A 117 11.51 25.79 -1.47
C THR A 117 12.35 24.79 -0.69
N PRO A 118 13.42 24.24 -1.30
CA PRO A 118 14.31 23.36 -0.53
C PRO A 118 14.69 23.92 0.82
N ASN A 119 14.34 23.22 1.89
CA ASN A 119 14.50 23.72 3.25
C ASN A 119 15.96 23.61 3.65
N ARG A 120 16.73 24.62 3.26
CA ARG A 120 18.15 24.68 3.58
C ARG A 120 18.53 26.13 3.87
N MET A 121 19.56 26.29 4.69
CA MET A 121 20.07 27.60 5.05
C MET A 121 21.59 27.59 4.98
N LEU A 122 22.16 28.77 4.75
CA LEU A 122 23.61 28.92 4.66
C LEU A 122 23.98 30.29 5.21
N ARG A 123 24.52 30.30 6.43
CA ARG A 123 24.93 31.53 7.10
C ARG A 123 26.44 31.53 7.25
N ILE A 124 27.06 32.65 6.90
CA ILE A 124 28.52 32.78 6.89
C ILE A 124 28.90 34.03 7.67
N TRP A 125 29.89 33.91 8.55
CA TRP A 125 30.39 35.02 9.33
C TRP A 125 31.73 35.50 8.77
N ASN A 126 32.20 36.64 9.29
CA ASN A 126 33.44 37.22 8.80
C ASN A 126 34.62 36.29 9.06
N ASP A 127 34.66 35.65 10.24
CA ASP A 127 35.78 34.77 10.57
C ASP A 127 35.82 33.55 9.66
N GLY A 128 34.76 33.26 8.94
CA GLY A 128 34.70 32.10 8.06
C GLY A 128 33.87 30.95 8.58
N ARG A 129 33.28 31.08 9.77
CA ARG A 129 32.42 30.02 10.28
C ARG A 129 31.18 29.89 9.41
N VAL A 130 30.75 28.65 9.19
CA VAL A 130 29.66 28.33 8.28
C VAL A 130 28.61 27.52 9.04
N LEU A 131 27.35 27.91 8.89
CA LEU A 131 26.22 27.18 9.45
C LEU A 131 25.35 26.67 8.31
N TYR A 132 25.02 25.38 8.36
CA TYR A 132 24.26 24.73 7.29
C TYR A 132 23.26 23.79 7.94
N THR A 133 21.99 24.14 7.89
CA THR A 133 20.92 23.34 8.47
C THR A 133 20.05 22.76 7.37
N LEU A 134 19.64 21.51 7.55
CA LEU A 134 18.85 20.79 6.55
C LEU A 134 17.72 20.07 7.26
N ARG A 135 16.59 19.94 6.56
CA ARG A 135 15.43 19.21 7.05
C ARG A 135 15.36 17.86 6.35
N LEU A 136 15.20 16.80 7.13
CA LEU A 136 15.21 15.44 6.59
C LEU A 136 14.15 14.61 7.28
N THR A 137 13.70 13.57 6.58
CA THR A 137 12.79 12.56 7.12
C THR A 137 13.46 11.21 6.94
N ILE A 138 13.87 10.60 8.05
CA ILE A 138 14.70 9.39 8.03
C ILE A 138 13.83 8.22 8.44
N SER A 139 13.76 7.21 7.58
CA SER A 139 13.08 5.96 7.88
C SER A 139 14.08 4.91 8.33
N ALA A 140 14.71 5.19 9.47
CA ALA A 140 15.77 4.33 9.98
C ALA A 140 15.20 3.02 10.50
N GLU A 141 16.09 2.04 10.69
CA GLU A 141 15.73 0.72 11.17
C GLU A 141 16.08 0.61 12.65
N CYS A 142 15.14 0.11 13.44
CA CYS A 142 15.30 -0.02 14.89
C CYS A 142 14.99 -1.45 15.30
N PRO A 143 15.98 -2.35 15.28
CA PRO A 143 15.72 -3.73 15.71
C PRO A 143 15.24 -3.76 17.16
N MET A 144 14.29 -4.65 17.42
CA MET A 144 13.67 -4.76 18.74
C MET A 144 13.69 -6.22 19.19
N ASP A 145 13.95 -6.42 20.48
CA ASP A 145 13.92 -7.74 21.10
C ASP A 145 12.59 -7.87 21.84
N LEU A 146 11.62 -8.51 21.21
CA LEU A 146 10.28 -8.64 21.77
C LEU A 146 10.18 -9.85 22.70
N GLU A 147 11.09 -9.93 23.67
CA GLU A 147 11.04 -11.01 24.64
C GLU A 147 10.10 -10.71 25.79
N ASP A 148 10.01 -9.44 26.20
CA ASP A 148 9.10 -9.02 27.26
C ASP A 148 7.90 -8.27 26.72
N PHE A 149 7.59 -8.44 25.43
CA PHE A 149 6.49 -7.71 24.83
C PHE A 149 5.18 -8.05 25.54
N PRO A 150 4.33 -7.06 25.82
CA PRO A 150 4.46 -5.62 25.53
C PRO A 150 5.25 -4.85 26.59
N MET A 151 5.72 -5.51 27.66
CA MET A 151 6.52 -4.84 28.68
C MET A 151 7.99 -4.82 28.26
N ASP A 152 8.25 -4.14 27.14
CA ASP A 152 9.58 -4.07 26.54
C ASP A 152 10.00 -2.62 26.39
N GLU A 153 11.30 -2.37 26.56
CA GLU A 153 11.89 -1.06 26.37
C GLU A 153 12.82 -1.10 25.17
N GLN A 154 12.64 -0.16 24.24
CA GLN A 154 13.39 -0.13 23.00
C GLN A 154 14.30 1.09 22.97
N ASN A 155 15.53 0.88 22.49
CA ASN A 155 16.54 1.93 22.39
C ASN A 155 16.91 2.07 20.91
N CYS A 156 16.14 2.89 20.20
CA CYS A 156 16.38 3.08 18.78
C CYS A 156 17.54 4.04 18.56
N PRO A 157 18.61 3.63 17.88
CA PRO A 157 19.74 4.53 17.65
C PRO A 157 19.58 5.32 16.36
N LEU A 158 20.51 6.26 16.18
CA LEU A 158 20.55 7.07 14.95
C LEU A 158 22.03 7.35 14.66
N LYS A 159 22.59 6.61 13.70
CA LYS A 159 24.00 6.68 13.39
C LYS A 159 24.20 7.43 12.08
N PHE A 160 25.14 8.37 12.08
CA PHE A 160 25.48 9.12 10.87
C PHE A 160 26.94 9.51 10.92
N GLY A 161 27.49 9.79 9.75
CA GLY A 161 28.89 10.16 9.65
C GLY A 161 29.28 10.40 8.21
N SER A 162 30.56 10.69 8.03
CA SER A 162 31.09 10.94 6.69
C SER A 162 31.13 9.66 5.87
N TYR A 163 30.91 9.80 4.56
CA TYR A 163 30.93 8.67 3.64
C TYR A 163 32.26 8.52 2.92
N ALA A 164 32.99 9.62 2.71
CA ALA A 164 34.25 9.58 1.96
C ALA A 164 35.44 10.11 2.75
N TYR A 165 35.22 10.89 3.81
CA TYR A 165 36.32 11.48 4.56
C TYR A 165 36.53 10.69 5.85
N PRO A 166 37.66 10.00 6.02
CA PRO A 166 37.87 9.23 7.25
C PRO A 166 38.05 10.12 8.47
N ASN A 167 38.27 9.48 9.63
CA ASN A 167 38.44 10.23 10.87
C ASN A 167 39.67 11.13 10.82
N SER A 168 40.68 10.76 10.04
CA SER A 168 41.90 11.54 9.96
C SER A 168 41.71 12.86 9.21
N GLU A 169 40.58 13.05 8.53
CA GLU A 169 40.33 14.25 7.75
C GLU A 169 39.14 15.04 8.28
N VAL A 170 38.01 14.38 8.54
CA VAL A 170 36.80 15.03 9.03
C VAL A 170 36.38 14.34 10.31
N VAL A 171 36.11 15.14 11.35
CA VAL A 171 35.70 14.64 12.65
C VAL A 171 34.40 15.33 13.05
N TYR A 172 33.43 14.54 13.51
CA TYR A 172 32.16 15.06 13.99
C TYR A 172 32.14 15.05 15.52
N VAL A 173 31.73 16.16 16.11
CA VAL A 173 31.65 16.28 17.56
C VAL A 173 30.37 17.02 17.92
N TRP A 174 29.67 16.53 18.93
CA TRP A 174 28.48 17.20 19.41
C TRP A 174 28.84 18.54 20.03
N THR A 175 27.94 19.51 19.89
CA THR A 175 28.16 20.85 20.40
C THR A 175 27.52 21.00 21.77
N ASN A 176 28.29 21.54 22.72
CA ASN A 176 27.81 21.76 24.09
C ASN A 176 27.44 20.40 24.69
N GLY A 177 26.48 20.38 25.61
CA GLY A 177 26.08 19.16 26.27
C GLY A 177 25.09 18.35 25.46
N SER A 178 24.69 17.21 26.05
CA SER A 178 23.74 16.33 25.37
C SER A 178 22.39 17.01 25.18
N THR A 179 21.93 17.75 26.21
CA THR A 179 20.62 18.38 26.13
C THR A 179 20.55 19.38 24.97
N LYS A 180 21.59 20.20 24.81
CA LYS A 180 21.60 21.17 23.73
C LYS A 180 21.87 20.51 22.38
N SER A 181 22.67 19.45 22.37
CA SER A 181 23.01 18.81 21.10
C SER A 181 21.77 18.22 20.43
N VAL A 182 20.90 17.57 21.20
CA VAL A 182 19.67 16.97 20.69
C VAL A 182 18.50 17.56 21.46
N VAL A 183 17.52 18.08 20.72
CA VAL A 183 16.32 18.68 21.29
C VAL A 183 15.10 18.09 20.60
N VAL A 184 14.08 17.76 21.39
CA VAL A 184 12.84 17.18 20.89
C VAL A 184 11.70 18.12 21.25
N ALA A 185 10.87 18.44 20.27
CA ALA A 185 9.73 19.31 20.50
C ALA A 185 8.74 18.66 21.45
N GLU A 186 8.04 19.50 22.21
CA GLU A 186 7.08 19.00 23.20
C GLU A 186 5.98 18.20 22.51
N ASP A 187 5.44 18.73 21.41
CA ASP A 187 4.40 18.05 20.67
C ASP A 187 4.95 17.03 19.68
N GLY A 188 6.25 17.06 19.39
CA GLY A 188 6.81 16.11 18.45
C GLY A 188 6.78 14.68 18.98
N SER A 189 7.07 14.50 20.27
CA SER A 189 7.14 13.18 20.88
C SER A 189 5.72 12.76 21.26
N ARG A 190 4.95 12.37 20.26
CA ARG A 190 3.58 11.89 20.44
C ARG A 190 3.43 10.59 19.66
N LEU A 191 3.59 9.46 20.35
CA LEU A 191 3.46 8.15 19.75
C LEU A 191 2.27 7.43 20.37
N ASN A 192 1.46 6.80 19.51
CA ASN A 192 0.23 6.16 19.97
C ASN A 192 0.51 4.94 20.85
N GLN A 193 1.70 4.33 20.76
CA GLN A 193 2.00 3.14 21.53
C GLN A 193 3.43 3.19 22.08
N TYR A 194 3.95 4.37 22.35
CA TYR A 194 5.30 4.51 22.91
C TYR A 194 5.40 5.81 23.68
N HIS A 195 6.30 5.83 24.65
CA HIS A 195 6.64 7.03 25.42
C HIS A 195 8.13 7.31 25.24
N LEU A 196 8.45 8.58 24.95
CA LEU A 196 9.84 9.00 24.78
C LEU A 196 10.40 9.36 26.15
N MET A 197 11.14 8.43 26.75
CA MET A 197 11.64 8.62 28.11
C MET A 197 12.90 9.49 28.17
N GLY A 198 13.55 9.73 27.04
CA GLY A 198 14.74 10.55 27.04
C GLY A 198 15.58 10.30 25.80
N GLN A 199 16.70 11.02 25.74
CA GLN A 199 17.63 10.91 24.63
C GLN A 199 19.05 10.87 25.16
N THR A 200 19.94 10.25 24.39
CA THR A 200 21.35 10.19 24.72
C THR A 200 22.17 10.23 23.44
N VAL A 201 23.43 10.66 23.57
CA VAL A 201 24.32 10.82 22.43
C VAL A 201 25.67 10.21 22.78
N GLY A 202 26.44 9.91 21.74
CA GLY A 202 27.76 9.34 21.93
C GLY A 202 28.53 9.35 20.62
N THR A 203 29.84 9.15 20.75
CA THR A 203 30.74 9.13 19.61
C THR A 203 31.66 7.93 19.71
N GLU A 204 32.05 7.40 18.56
CA GLU A 204 32.93 6.24 18.51
C GLU A 204 33.61 6.19 17.15
N ASN A 205 34.69 5.42 17.08
CA ASN A 205 35.44 5.20 15.86
C ASN A 205 35.31 3.74 15.44
N ILE A 206 34.98 3.51 14.18
CA ILE A 206 34.82 2.18 13.63
C ILE A 206 35.94 1.93 12.62
N SER A 207 36.53 0.74 12.68
CA SER A 207 37.60 0.36 11.76
C SER A 207 36.99 -0.34 10.56
N THR A 208 37.23 0.19 9.37
CA THR A 208 36.68 -0.34 8.14
C THR A 208 37.81 -0.53 7.13
N SER A 209 37.56 -1.40 6.15
CA SER A 209 38.54 -1.62 5.09
C SER A 209 38.90 -0.32 4.38
N THR A 210 37.92 0.55 4.17
CA THR A 210 38.17 1.85 3.54
C THR A 210 38.96 2.78 4.46
N GLY A 211 38.88 2.60 5.76
CA GLY A 211 39.56 3.43 6.73
C GLY A 211 38.76 3.52 8.00
N GLU A 212 39.21 4.40 8.89
CA GLU A 212 38.54 4.64 10.16
C GLU A 212 37.63 5.85 10.03
N TYR A 213 36.37 5.71 10.43
CA TYR A 213 35.38 6.78 10.36
C TYR A 213 34.77 6.99 11.73
N THR A 214 34.60 8.26 12.10
CA THR A 214 33.91 8.60 13.33
C THR A 214 32.40 8.45 13.15
N ILE A 215 31.74 7.92 14.18
CA ILE A 215 30.31 7.65 14.14
C ILE A 215 29.64 8.46 15.24
N MET A 216 28.62 9.22 14.86
CA MET A 216 27.82 10.00 15.79
C MET A 216 26.50 9.27 16.00
N THR A 217 26.31 8.70 17.19
CA THR A 217 25.16 7.87 17.50
C THR A 217 24.28 8.58 18.52
N ALA A 218 22.99 8.66 18.23
CA ALA A 218 22.00 9.20 19.15
C ALA A 218 20.96 8.12 19.44
N HIS A 219 20.72 7.85 20.72
CA HIS A 219 19.82 6.80 21.15
C HIS A 219 18.59 7.43 21.78
N PHE A 220 17.40 6.94 21.40
CA PHE A 220 16.14 7.39 21.94
C PHE A 220 15.54 6.28 22.78
N HIS A 221 15.21 6.59 24.04
CA HIS A 221 14.64 5.61 24.95
C HIS A 221 13.13 5.58 24.76
N LEU A 222 12.60 4.40 24.44
CA LEU A 222 11.18 4.21 24.18
C LEU A 222 10.60 3.25 25.21
N LYS A 223 9.52 3.66 25.86
CA LYS A 223 8.80 2.84 26.83
C LYS A 223 7.40 2.60 26.30
N ARG A 224 7.14 1.39 25.81
CA ARG A 224 5.83 1.08 25.26
C ARG A 224 4.75 1.30 26.30
N LYS A 225 3.68 1.96 25.91
CA LYS A 225 2.56 2.25 26.80
C LYS A 225 1.53 1.13 26.69
N ILE A 226 1.15 0.57 27.83
CA ILE A 226 0.18 -0.52 27.86
C ILE A 226 -1.22 0.05 28.02
N GLY A 227 -2.20 -0.70 27.56
CA GLY A 227 -3.59 -0.28 27.61
C GLY A 227 -4.34 -0.60 26.34
N TYR A 228 -3.64 -0.53 25.20
CA TYR A 228 -4.25 -0.94 23.94
C TYR A 228 -4.38 -2.46 23.86
N PHE A 229 -3.36 -3.18 24.32
CA PHE A 229 -3.41 -4.64 24.30
C PHE A 229 -4.33 -5.17 25.39
N VAL A 230 -4.49 -4.43 26.48
CA VAL A 230 -5.40 -4.84 27.55
C VAL A 230 -6.83 -4.93 27.01
N ILE A 231 -7.23 -3.91 26.25
CA ILE A 231 -8.57 -3.92 25.67
C ILE A 231 -8.65 -4.80 24.44
N GLN A 232 -7.51 -5.20 23.87
CA GLN A 232 -7.47 -5.97 22.63
C GLN A 232 -7.29 -7.47 22.88
N THR A 233 -6.37 -7.85 23.76
CA THR A 233 -6.02 -9.25 23.96
C THR A 233 -6.29 -9.73 25.38
N TYR A 234 -5.78 -9.03 26.39
CA TYR A 234 -5.87 -9.54 27.76
C TYR A 234 -7.32 -9.64 28.23
N LEU A 235 -8.08 -8.56 28.09
CA LEU A 235 -9.45 -8.56 28.62
C LEU A 235 -10.31 -9.65 27.98
N PRO A 236 -10.34 -9.80 26.65
CA PRO A 236 -11.12 -10.92 26.09
C PRO A 236 -10.69 -12.27 26.62
N CYS A 237 -9.38 -12.47 26.81
CA CYS A 237 -8.91 -13.73 27.39
C CYS A 237 -9.38 -13.88 28.84
N ILE A 238 -9.30 -12.81 29.63
CA ILE A 238 -9.69 -12.89 31.02
C ILE A 238 -11.17 -13.22 31.15
N MET A 239 -12.01 -12.52 30.37
CA MET A 239 -13.45 -12.80 30.41
C MET A 239 -13.76 -14.17 29.86
N THR A 240 -13.01 -14.64 28.87
CA THR A 240 -13.24 -15.97 28.32
C THR A 240 -13.01 -17.04 29.39
N VAL A 241 -11.96 -16.91 30.18
CA VAL A 241 -11.70 -17.88 31.24
C VAL A 241 -12.84 -17.86 32.26
N ILE A 242 -13.30 -16.68 32.64
CA ILE A 242 -14.41 -16.59 33.59
C ILE A 242 -15.65 -17.23 33.00
N LEU A 243 -15.87 -17.07 31.69
CA LEU A 243 -17.02 -17.68 31.05
C LEU A 243 -16.99 -19.20 31.18
N SER A 244 -15.82 -19.81 31.00
CA SER A 244 -15.70 -21.26 31.14
C SER A 244 -16.03 -21.70 32.57
N GLN A 245 -15.56 -20.95 33.56
CA GLN A 245 -15.80 -21.32 34.95
C GLN A 245 -17.28 -21.35 35.29
N VAL A 246 -18.12 -20.69 34.51
CA VAL A 246 -19.56 -20.71 34.77
C VAL A 246 -20.10 -22.13 34.65
N SER A 247 -19.49 -22.94 33.77
CA SER A 247 -19.95 -24.32 33.60
C SER A 247 -19.84 -25.11 34.90
N PHE A 248 -18.90 -24.74 35.77
CA PHE A 248 -18.75 -25.44 37.04
C PHE A 248 -19.97 -25.29 37.94
N TRP A 249 -20.79 -24.26 37.71
CA TRP A 249 -21.99 -24.03 38.50
C TRP A 249 -23.23 -24.69 37.91
N LEU A 250 -23.07 -25.42 36.82
CA LEU A 250 -24.19 -26.09 36.16
C LEU A 250 -24.25 -27.56 36.57
N ASN A 251 -25.45 -28.13 36.45
CA ASN A 251 -25.66 -29.52 36.82
C ASN A 251 -24.89 -30.46 35.90
N ARG A 252 -24.42 -31.57 36.47
CA ARG A 252 -23.65 -32.53 35.68
C ARG A 252 -24.48 -33.13 34.56
N GLU A 253 -25.75 -33.45 34.84
CA GLU A 253 -26.60 -34.06 33.83
C GLU A 253 -26.81 -33.15 32.63
N SER A 254 -26.61 -31.84 32.79
CA SER A 254 -26.73 -30.89 31.68
C SER A 254 -25.49 -31.00 30.80
N VAL A 255 -25.37 -32.16 30.14
CA VAL A 255 -24.19 -32.43 29.32
C VAL A 255 -24.10 -31.43 28.17
N ALA A 256 -25.22 -31.20 27.48
CA ALA A 256 -25.20 -30.30 26.33
C ALA A 256 -24.85 -28.88 26.75
N ALA A 257 -25.44 -28.41 27.86
CA ALA A 257 -25.22 -27.02 28.27
C ALA A 257 -23.75 -26.76 28.57
N ARG A 258 -23.11 -27.66 29.32
CA ARG A 258 -21.70 -27.48 29.67
C ARG A 258 -20.78 -27.71 28.48
N THR A 259 -21.20 -28.51 27.51
CA THR A 259 -20.36 -28.75 26.33
C THR A 259 -20.13 -27.47 25.55
N VAL A 260 -21.16 -26.62 25.43
CA VAL A 260 -21.02 -25.39 24.66
C VAL A 260 -19.94 -24.50 25.25
N PHE A 261 -19.94 -24.35 26.58
CA PHE A 261 -18.96 -23.48 27.22
C PHE A 261 -17.54 -23.92 26.90
N GLY A 262 -17.26 -25.22 27.06
CA GLY A 262 -15.91 -25.70 26.84
C GLY A 262 -15.47 -25.53 25.39
N VAL A 263 -16.32 -25.92 24.45
CA VAL A 263 -15.96 -25.85 23.04
C VAL A 263 -15.86 -24.39 22.60
N THR A 264 -16.86 -23.58 22.93
CA THR A 264 -16.86 -22.19 22.48
C THR A 264 -15.68 -21.41 23.05
N THR A 265 -15.40 -21.60 24.34
CA THR A 265 -14.30 -20.86 24.96
C THR A 265 -12.96 -21.23 24.35
N VAL A 266 -12.74 -22.52 24.10
CA VAL A 266 -11.46 -22.97 23.55
C VAL A 266 -11.25 -22.37 22.17
N LEU A 267 -12.28 -22.40 21.32
CA LEU A 267 -12.17 -21.81 19.99
C LEU A 267 -11.97 -20.30 20.07
N THR A 268 -12.66 -19.65 21.01
CA THR A 268 -12.50 -18.21 21.15
C THR A 268 -11.07 -17.84 21.49
N MET A 269 -10.45 -18.59 22.40
CA MET A 269 -9.05 -18.34 22.72
C MET A 269 -8.16 -18.57 21.51
N THR A 270 -8.43 -19.62 20.74
CA THR A 270 -7.60 -19.94 19.59
C THR A 270 -7.60 -18.80 18.58
N THR A 271 -8.78 -18.24 18.27
CA THR A 271 -8.85 -17.18 17.29
C THR A 271 -8.20 -15.89 17.80
N LEU A 272 -8.29 -15.64 19.10
CA LEU A 272 -7.65 -14.44 19.66
C LEU A 272 -6.14 -14.49 19.48
N SER A 273 -5.54 -15.66 19.70
CA SER A 273 -4.09 -15.79 19.52
C SER A 273 -3.70 -15.49 18.08
N ILE A 274 -4.45 -16.04 17.11
CA ILE A 274 -4.16 -15.77 15.71
C ILE A 274 -4.37 -14.30 15.39
N SER A 275 -5.50 -13.74 15.83
CA SER A 275 -5.79 -12.33 15.56
C SER A 275 -4.80 -11.42 16.27
N ALA A 276 -4.41 -11.78 17.50
CA ALA A 276 -3.51 -10.92 18.27
C ALA A 276 -2.17 -10.76 17.57
N ARG A 277 -1.64 -11.85 17.00
CA ARG A 277 -0.32 -11.82 16.38
C ARG A 277 -0.35 -11.29 14.95
N ASN A 278 -1.52 -10.98 14.41
CA ASN A 278 -1.58 -10.42 13.06
C ASN A 278 -0.82 -9.09 12.99
N SER A 279 -1.03 -8.23 13.98
CA SER A 279 -0.27 -6.97 14.04
C SER A 279 1.15 -7.18 14.53
N LEU A 280 1.35 -8.16 15.42
CA LEU A 280 2.68 -8.40 15.96
C LEU A 280 3.62 -8.89 14.86
N PRO A 281 4.90 -8.51 14.91
CA PRO A 281 5.85 -9.02 13.91
C PRO A 281 5.98 -10.53 13.99
N LYS A 282 6.27 -11.14 12.84
CA LYS A 282 6.40 -12.60 12.73
C LYS A 282 7.74 -13.04 13.34
N VAL A 283 7.80 -12.97 14.65
CA VAL A 283 8.99 -13.36 15.41
C VAL A 283 8.89 -14.83 15.76
N ALA A 284 9.99 -15.55 15.57
CA ALA A 284 10.03 -16.98 15.82
C ALA A 284 10.46 -17.30 17.25
N TYR A 285 9.76 -16.70 18.22
CA TYR A 285 9.97 -17.03 19.62
C TYR A 285 8.75 -16.58 20.40
N ALA A 286 8.60 -17.14 21.60
CA ALA A 286 7.44 -16.87 22.44
C ALA A 286 7.63 -15.58 23.22
N THR A 287 6.61 -14.72 23.19
CA THR A 287 6.61 -13.48 23.94
C THR A 287 5.87 -13.66 25.26
N ALA A 288 5.93 -12.62 26.10
CA ALA A 288 5.24 -12.68 27.37
C ALA A 288 3.73 -12.80 27.17
N MET A 289 3.19 -12.09 26.18
CA MET A 289 1.77 -12.20 25.89
C MET A 289 1.40 -13.62 25.46
N ASP A 290 2.27 -14.26 24.68
CA ASP A 290 1.99 -15.62 24.22
C ASP A 290 1.85 -16.58 25.40
N TRP A 291 2.74 -16.45 26.39
CA TRP A 291 2.64 -17.30 27.58
C TRP A 291 1.33 -17.07 28.32
N PHE A 292 0.91 -15.80 28.43
CA PHE A 292 -0.35 -15.50 29.09
C PHE A 292 -1.52 -16.15 28.36
N ILE A 293 -1.51 -16.08 27.02
CA ILE A 293 -2.56 -16.72 26.25
C ILE A 293 -2.53 -18.23 26.45
N ALA A 294 -1.34 -18.83 26.43
CA ALA A 294 -1.23 -20.27 26.62
C ALA A 294 -1.77 -20.70 27.98
N VAL A 295 -1.44 -19.94 29.03
CA VAL A 295 -1.95 -20.26 30.36
C VAL A 295 -3.46 -20.16 30.38
N CYS A 296 -4.01 -19.08 29.79
CA CYS A 296 -5.46 -18.94 29.72
C CYS A 296 -6.07 -20.08 28.92
N TYR A 297 -5.39 -20.52 27.86
CA TYR A 297 -5.89 -21.65 27.09
C TYR A 297 -5.95 -22.91 27.93
N ALA A 298 -4.96 -23.11 28.80
CA ALA A 298 -4.96 -24.30 29.66
C ALA A 298 -6.16 -24.32 30.59
N PHE A 299 -6.50 -23.17 31.18
CA PHE A 299 -7.62 -23.12 32.12
C PHE A 299 -8.92 -23.53 31.43
N VAL A 300 -9.22 -22.91 30.28
CA VAL A 300 -10.44 -23.26 29.56
C VAL A 300 -10.37 -24.69 29.08
N PHE A 301 -9.21 -25.10 28.55
CA PHE A 301 -9.06 -26.48 28.11
C PHE A 301 -9.15 -27.45 29.28
N SER A 302 -8.54 -27.10 30.42
CA SER A 302 -8.59 -27.97 31.59
C SER A 302 -10.02 -28.10 32.10
N ALA A 303 -10.79 -27.02 32.06
CA ALA A 303 -12.17 -27.08 32.54
C ALA A 303 -12.97 -28.11 31.76
N LEU A 304 -12.78 -28.14 30.43
CA LEU A 304 -13.48 -29.13 29.62
C LEU A 304 -13.07 -30.55 30.01
N LEU A 305 -11.79 -30.76 30.29
CA LEU A 305 -11.33 -32.08 30.71
C LEU A 305 -12.01 -32.51 32.00
N GLU A 306 -12.15 -31.59 32.95
CA GLU A 306 -12.83 -31.91 34.20
C GLU A 306 -14.27 -32.33 33.95
N PHE A 307 -14.97 -31.61 33.08
CA PHE A 307 -16.33 -31.99 32.74
C PHE A 307 -16.37 -33.35 32.06
N ALA A 308 -15.46 -33.60 31.12
CA ALA A 308 -15.40 -34.91 30.47
C ALA A 308 -15.07 -36.00 31.48
N PHE A 309 -14.11 -35.74 32.37
CA PHE A 309 -13.76 -36.72 33.39
C PHE A 309 -14.95 -36.99 34.31
N VAL A 310 -15.67 -35.93 34.70
CA VAL A 310 -16.83 -36.09 35.58
C VAL A 310 -17.89 -36.95 34.90
N ASN A 311 -18.17 -36.65 33.62
CA ASN A 311 -19.20 -37.39 32.90
C ASN A 311 -18.84 -38.86 32.72
N TYR A 312 -17.55 -39.20 32.78
CA TYR A 312 -17.13 -40.59 32.61
C TYR A 312 -17.39 -41.42 33.85
N ILE A 313 -17.28 -40.82 35.03
CA ILE A 313 -17.43 -41.53 36.30
C ILE A 313 -18.69 -41.11 37.03
N THR A 314 -19.54 -40.29 36.42
CA THR A 314 -20.75 -39.84 37.09
C THR A 314 -21.72 -40.99 37.34
N LYS A 315 -21.54 -42.13 36.68
CA LYS A 315 -22.39 -43.29 36.88
C LYS A 315 -21.82 -44.29 37.88
N SER A 316 -20.49 -44.40 37.97
CA SER A 316 -19.89 -45.38 38.86
C SER A 316 -19.83 -44.87 40.29
N GLN A 317 -19.15 -43.75 40.51
CA GLN A 317 -18.96 -43.16 41.83
C GLN A 317 -19.35 -41.69 41.78
N PRO A 318 -20.65 -41.40 41.82
CA PRO A 318 -21.08 -39.99 41.76
C PRO A 318 -20.55 -39.15 42.90
N ALA A 319 -20.25 -39.76 44.06
CA ALA A 319 -19.80 -38.98 45.21
C ALA A 319 -18.54 -38.20 44.89
N ARG A 320 -17.54 -38.86 44.29
CA ARG A 320 -16.31 -38.18 43.95
C ARG A 320 -16.54 -37.15 42.85
N ALA A 321 -17.40 -37.47 41.88
CA ALA A 321 -17.67 -36.54 40.79
C ALA A 321 -18.25 -35.22 41.31
N ALA A 322 -19.22 -35.31 42.24
CA ALA A 322 -19.80 -34.10 42.79
C ALA A 322 -18.77 -33.29 43.56
N LYS A 323 -17.90 -33.97 44.31
CA LYS A 323 -16.88 -33.27 45.10
C LYS A 323 -15.95 -32.48 44.20
N ILE A 324 -15.53 -33.07 43.07
CA ILE A 324 -14.63 -32.37 42.16
C ILE A 324 -15.30 -31.13 41.60
N ASP A 325 -16.57 -31.25 41.21
CA ASP A 325 -17.28 -30.11 40.62
C ASP A 325 -17.35 -28.95 41.61
N LYS A 326 -17.69 -29.25 42.87
CA LYS A 326 -17.74 -28.21 43.88
C LYS A 326 -16.35 -27.62 44.11
N MET A 327 -15.33 -28.48 44.19
CA MET A 327 -13.98 -27.99 44.40
C MET A 327 -13.50 -27.12 43.23
N SER A 328 -13.86 -27.52 42.01
CA SER A 328 -13.41 -26.76 40.84
C SER A 328 -13.93 -25.33 40.87
N ARG A 329 -15.11 -25.10 41.44
CA ARG A 329 -15.66 -23.75 41.49
C ARG A 329 -14.78 -22.80 42.29
N ILE A 330 -13.95 -23.32 43.19
CA ILE A 330 -13.10 -22.51 44.05
C ILE A 330 -11.65 -22.54 43.60
N VAL A 331 -11.14 -23.72 43.24
CA VAL A 331 -9.72 -23.84 42.90
C VAL A 331 -9.39 -23.03 41.65
N PHE A 332 -10.18 -23.21 40.59
CA PHE A 332 -9.84 -22.58 39.31
C PHE A 332 -9.81 -21.06 39.41
N PRO A 333 -10.81 -20.38 39.96
CA PRO A 333 -10.69 -18.92 40.07
C PRO A 333 -9.48 -18.46 40.85
N ILE A 334 -9.12 -19.18 41.92
CA ILE A 334 -7.99 -18.78 42.74
C ILE A 334 -6.69 -18.86 41.94
N LEU A 335 -6.50 -19.96 41.21
CA LEU A 335 -5.28 -20.13 40.43
C LEU A 335 -5.16 -19.05 39.35
N PHE A 336 -6.25 -18.75 38.67
CA PHE A 336 -6.22 -17.71 37.64
C PHE A 336 -5.90 -16.36 38.24
N GLY A 337 -6.51 -16.03 39.38
CA GLY A 337 -6.20 -14.77 40.03
C GLY A 337 -4.77 -14.71 40.54
N THR A 338 -4.29 -15.80 41.14
CA THR A 338 -2.92 -15.83 41.61
C THR A 338 -1.94 -15.71 40.46
N PHE A 339 -2.22 -16.37 39.34
CA PHE A 339 -1.31 -16.31 38.19
C PHE A 339 -1.18 -14.89 37.67
N ASN A 340 -2.28 -14.14 37.62
CA ASN A 340 -2.22 -12.77 37.11
C ASN A 340 -1.30 -11.91 37.96
N LEU A 341 -1.39 -12.02 39.29
CA LEU A 341 -0.55 -11.22 40.15
C LEU A 341 0.93 -11.50 39.90
N VAL A 342 1.30 -12.77 39.75
CA VAL A 342 2.68 -13.12 39.43
C VAL A 342 3.06 -12.58 38.05
N TYR A 343 2.17 -12.76 37.07
CA TYR A 343 2.48 -12.32 35.71
C TYR A 343 2.65 -10.81 35.65
N TRP A 344 1.68 -10.05 36.15
CA TRP A 344 1.76 -8.59 36.09
C TRP A 344 2.90 -8.07 36.95
N ALA A 345 3.06 -8.61 38.16
CA ALA A 345 4.12 -8.13 39.04
C ALA A 345 5.49 -8.44 38.48
N THR A 346 5.64 -9.60 37.83
CA THR A 346 6.95 -10.01 37.32
C THR A 346 7.48 -9.01 36.30
N TYR A 347 6.64 -8.55 35.39
CA TYR A 347 7.06 -7.62 34.35
C TYR A 347 6.92 -6.17 34.79
N LEU A 348 5.88 -5.84 35.57
CA LEU A 348 5.67 -4.47 36.03
C LEU A 348 6.43 -4.25 37.33
N ASN A 349 7.76 -4.26 37.20
CA ASN A 349 8.64 -4.06 38.34
C ASN A 349 10.10 -3.97 37.88
N ASN B 14 6.03 45.52 -31.55
CA ASN B 14 4.98 45.69 -30.56
C ASN B 14 5.11 44.67 -29.44
N ILE B 15 5.65 43.50 -29.77
CA ILE B 15 5.85 42.43 -28.79
C ILE B 15 7.29 42.49 -28.29
N THR B 16 8.20 42.98 -29.13
CA THR B 16 9.61 43.07 -28.74
C THR B 16 9.82 44.01 -27.56
N ILE B 17 8.88 44.94 -27.32
CA ILE B 17 9.03 45.85 -26.19
C ILE B 17 9.04 45.08 -24.88
N PHE B 18 8.17 44.08 -24.75
CA PHE B 18 8.13 43.29 -23.53
C PHE B 18 9.44 42.53 -23.33
N THR B 19 10.03 42.02 -24.41
CA THR B 19 11.27 41.28 -24.28
C THR B 19 12.38 42.14 -23.71
N ARG B 20 12.49 43.39 -24.17
CA ARG B 20 13.52 44.29 -23.66
C ARG B 20 13.31 44.57 -22.18
N ILE B 21 12.05 44.73 -21.75
CA ILE B 21 11.77 45.03 -20.35
C ILE B 21 12.26 43.88 -19.47
N LEU B 22 11.98 42.64 -19.87
CA LEU B 22 12.41 41.49 -19.08
C LEU B 22 13.93 41.43 -18.96
N ASP B 23 14.63 41.68 -20.07
CA ASP B 23 16.08 41.65 -20.04
C ASP B 23 16.63 42.72 -19.11
N GLY B 24 16.04 43.92 -19.13
CA GLY B 24 16.52 44.98 -18.26
C GLY B 24 16.39 44.65 -16.79
N LEU B 25 15.25 44.06 -16.40
CA LEU B 25 15.04 43.72 -15.00
C LEU B 25 16.06 42.69 -14.53
N LEU B 26 16.33 41.67 -15.36
CA LEU B 26 17.28 40.64 -14.99
C LEU B 26 18.73 41.13 -15.04
N ASP B 27 18.98 42.29 -15.62
CA ASP B 27 20.34 42.83 -15.69
C ASP B 27 20.69 43.45 -14.34
N GLY B 28 21.72 42.91 -13.69
CA GLY B 28 22.13 43.40 -12.39
C GLY B 28 21.26 42.95 -11.25
N TYR B 29 20.37 41.98 -11.46
CA TYR B 29 19.47 41.49 -10.43
C TYR B 29 20.01 40.17 -9.88
N ASP B 30 20.17 40.11 -8.56
CA ASP B 30 20.66 38.92 -7.88
C ASP B 30 19.48 38.26 -7.17
N ASN B 31 19.24 36.98 -7.48
CA ASN B 31 18.14 36.24 -6.88
C ASN B 31 18.49 35.67 -5.51
N ARG B 32 19.74 35.77 -5.08
CA ARG B 32 20.17 35.25 -3.79
C ARG B 32 20.03 36.26 -2.67
N LEU B 33 19.62 37.49 -2.97
CA LEU B 33 19.49 38.56 -1.98
C LEU B 33 18.04 39.01 -1.92
N ARG B 34 17.50 39.09 -0.71
CA ARG B 34 16.13 39.54 -0.53
C ARG B 34 16.02 41.04 -0.85
N PRO B 35 14.85 41.49 -1.28
CA PRO B 35 14.69 42.93 -1.57
C PRO B 35 14.84 43.76 -0.30
N GLY B 36 15.38 44.96 -0.47
CA GLY B 36 15.55 45.87 0.66
C GLY B 36 16.46 45.31 1.73
N LEU B 37 17.54 44.64 1.34
CA LEU B 37 18.46 44.07 2.32
C LEU B 37 19.25 45.18 3.00
N GLY B 38 19.29 45.13 4.33
CA GLY B 38 20.02 46.14 5.08
C GLY B 38 19.44 47.52 4.99
N GLU B 39 18.20 47.65 4.54
CA GLU B 39 17.56 48.97 4.41
C GLU B 39 16.21 48.98 5.11
N ARG B 40 15.55 47.82 5.17
CA ARG B 40 14.22 47.71 5.78
C ARG B 40 13.95 46.23 6.03
N ILE B 41 12.72 45.92 6.44
CA ILE B 41 12.28 44.57 6.72
C ILE B 41 11.28 44.18 5.65
N THR B 42 11.55 43.08 4.96
CA THR B 42 10.65 42.62 3.91
C THR B 42 9.31 42.22 4.50
N GLN B 43 8.23 42.67 3.86
CA GLN B 43 6.87 42.36 4.28
C GLN B 43 6.19 41.52 3.21
N VAL B 44 5.64 40.38 3.61
CA VAL B 44 5.00 39.44 2.71
C VAL B 44 3.56 39.24 3.14
N ARG B 45 2.64 39.37 2.20
CA ARG B 45 1.22 39.13 2.43
C ARG B 45 0.83 37.80 1.81
N THR B 46 0.20 36.93 2.61
CA THR B 46 -0.14 35.59 2.19
C THR B 46 -1.65 35.41 2.17
N ASP B 47 -2.16 34.86 1.08
CA ASP B 47 -3.56 34.52 0.94
C ASP B 47 -3.67 33.08 0.45
N MET B 48 -4.61 32.33 1.01
CA MET B 48 -4.74 30.90 0.74
C MET B 48 -6.16 30.58 0.29
N TYR B 49 -6.26 29.71 -0.70
CA TYR B 49 -7.53 29.19 -1.18
C TYR B 49 -7.46 27.67 -1.18
N VAL B 50 -8.44 27.03 -0.53
CA VAL B 50 -8.47 25.59 -0.38
C VAL B 50 -9.33 25.02 -1.52
N ASN B 51 -8.67 24.47 -2.54
CA ASN B 51 -9.40 23.87 -3.64
C ASN B 51 -10.19 22.65 -3.17
N SER B 52 -9.57 21.81 -2.34
CA SER B 52 -10.23 20.61 -1.84
C SER B 52 -9.53 20.15 -0.57
N PHE B 53 -10.32 19.75 0.41
CA PHE B 53 -9.81 19.24 1.68
C PHE B 53 -9.78 17.72 1.60
N GLY B 54 -8.58 17.17 1.41
CA GLY B 54 -8.43 15.74 1.24
C GLY B 54 -8.88 14.95 2.44
N PRO B 55 -8.78 13.62 2.36
CA PRO B 55 -9.24 12.78 3.47
C PRO B 55 -8.39 12.99 4.71
N VAL B 56 -9.03 12.81 5.87
CA VAL B 56 -8.37 12.93 7.16
C VAL B 56 -8.14 11.50 7.66
N SER B 57 -6.88 11.05 7.60
CA SER B 57 -6.53 9.70 8.03
C SER B 57 -6.30 9.70 9.54
N ASP B 58 -7.17 8.99 10.26
CA ASP B 58 -7.05 8.94 11.72
C ASP B 58 -5.94 8.00 12.16
N THR B 59 -5.66 6.95 11.38
CA THR B 59 -4.62 6.00 11.77
C THR B 59 -3.26 6.67 11.85
N GLU B 60 -2.93 7.51 10.87
CA GLU B 60 -1.63 8.17 10.82
C GLU B 60 -1.67 9.58 11.39
N MET B 61 -2.81 10.04 11.90
CA MET B 61 -2.93 11.38 12.48
C MET B 61 -2.47 12.43 11.48
N GLU B 62 -2.89 12.28 10.23
CA GLU B 62 -2.51 13.20 9.17
C GLU B 62 -3.74 13.50 8.32
N TYR B 63 -3.68 14.63 7.61
CA TYR B 63 -4.72 15.01 6.68
C TYR B 63 -4.09 15.59 5.43
N THR B 64 -4.78 15.42 4.30
CA THR B 64 -4.31 15.91 3.01
C THR B 64 -5.15 17.12 2.61
N ILE B 65 -4.49 18.18 2.18
CA ILE B 65 -5.18 19.41 1.77
C ILE B 65 -4.50 19.94 0.51
N ASP B 66 -5.31 20.37 -0.45
CA ASP B 66 -4.84 20.97 -1.68
C ASP B 66 -5.22 22.44 -1.66
N ILE B 67 -4.23 23.32 -1.78
CA ILE B 67 -4.44 24.76 -1.68
C ILE B 67 -3.68 25.46 -2.80
N PHE B 68 -4.14 26.66 -3.14
CA PHE B 68 -3.43 27.54 -4.06
C PHE B 68 -2.76 28.64 -3.23
N PHE B 69 -1.60 28.29 -2.67
CA PHE B 69 -0.89 29.23 -1.80
C PHE B 69 -0.35 30.40 -2.61
N ALA B 70 -0.51 31.61 -2.08
CA ALA B 70 -0.09 32.82 -2.75
C ALA B 70 0.64 33.74 -1.79
N GLN B 71 1.63 34.45 -2.32
CA GLN B 71 2.43 35.39 -1.55
C GLN B 71 2.58 36.68 -2.34
N THR B 72 2.53 37.80 -1.64
CA THR B 72 2.70 39.12 -2.24
C THR B 72 3.76 39.89 -1.46
N TRP B 73 4.64 40.57 -2.19
CA TRP B 73 5.69 41.36 -1.56
C TRP B 73 6.12 42.47 -2.51
N LYS B 74 6.85 43.43 -1.96
CA LYS B 74 7.28 44.61 -2.71
C LYS B 74 8.77 44.48 -3.03
N ASP B 75 9.12 44.70 -4.30
CA ASP B 75 10.50 44.64 -4.75
C ASP B 75 10.74 45.81 -5.68
N GLU B 76 11.59 46.76 -5.26
CA GLU B 76 11.88 47.93 -6.07
C GLU B 76 12.80 47.63 -7.24
N ARG B 77 13.54 46.51 -7.20
CA ARG B 77 14.44 46.17 -8.28
C ARG B 77 13.72 45.77 -9.56
N LEU B 78 12.41 45.49 -9.49
CA LEU B 78 11.64 45.05 -10.64
C LEU B 78 10.81 46.17 -11.24
N ARG B 79 11.04 47.42 -10.84
CA ARG B 79 10.29 48.54 -11.40
C ARG B 79 10.55 48.66 -12.90
N PHE B 80 9.49 48.98 -13.65
CA PHE B 80 9.59 49.13 -15.08
C PHE B 80 8.52 50.10 -15.55
N LYS B 81 8.71 50.63 -16.76
CA LYS B 81 7.77 51.55 -17.38
C LYS B 81 7.43 51.02 -18.77
N GLY B 82 6.14 50.95 -19.08
CA GLY B 82 5.69 50.48 -20.36
C GLY B 82 4.21 50.69 -20.58
N PRO B 83 3.74 50.46 -21.80
CA PRO B 83 2.30 50.63 -22.08
C PRO B 83 1.41 49.73 -21.25
N MET B 84 1.87 48.52 -20.92
CA MET B 84 1.08 47.56 -20.17
C MET B 84 1.45 47.65 -18.69
N GLN B 85 0.43 47.77 -17.85
CA GLN B 85 0.64 47.95 -16.41
C GLN B 85 0.93 46.64 -15.69
N ARG B 86 0.70 45.50 -16.32
CA ARG B 86 0.91 44.20 -15.70
C ARG B 86 1.64 43.29 -16.68
N LEU B 87 2.39 42.33 -16.13
CA LEU B 87 3.20 41.39 -16.92
C LEU B 87 2.91 39.97 -16.46
N PRO B 88 1.78 39.40 -16.86
CA PRO B 88 1.53 37.98 -16.55
C PRO B 88 2.62 37.10 -17.13
N LEU B 89 3.01 36.09 -16.36
CA LEU B 89 4.11 35.21 -16.74
C LEU B 89 3.82 33.82 -16.19
N ASN B 90 4.83 32.96 -16.24
CA ASN B 90 4.71 31.57 -15.81
C ASN B 90 5.94 31.21 -15.00
N ASN B 91 6.11 29.91 -14.72
CA ASN B 91 7.19 29.43 -13.87
C ASN B 91 8.58 29.67 -14.46
N LEU B 92 8.67 30.00 -15.75
CA LEU B 92 9.98 30.15 -16.38
C LEU B 92 10.80 31.23 -15.70
N LEU B 93 10.19 32.38 -15.40
CA LEU B 93 10.90 33.48 -14.76
C LEU B 93 10.90 33.39 -13.25
N ALA B 94 10.18 32.44 -12.66
CA ALA B 94 10.14 32.32 -11.21
C ALA B 94 11.52 32.03 -10.64
N SER B 95 12.26 31.11 -11.27
CA SER B 95 13.59 30.77 -10.78
C SER B 95 14.61 31.86 -11.03
N LYS B 96 14.31 32.82 -11.92
CA LYS B 96 15.26 33.87 -12.25
C LYS B 96 15.28 34.99 -11.21
N ILE B 97 14.31 35.04 -10.30
CA ILE B 97 14.24 36.10 -9.30
C ILE B 97 14.27 35.49 -7.91
N TRP B 98 14.20 36.34 -6.89
CA TRP B 98 14.23 35.89 -5.51
C TRP B 98 12.81 35.65 -5.00
N THR B 99 12.62 34.53 -4.32
CA THR B 99 11.35 34.18 -3.70
C THR B 99 11.58 33.72 -2.27
N PRO B 100 10.61 33.93 -1.39
CA PRO B 100 10.79 33.50 0.00
C PRO B 100 10.89 32.00 0.13
N ASP B 101 11.65 31.56 1.12
CA ASP B 101 11.83 30.13 1.40
C ASP B 101 10.74 29.61 2.33
N THR B 102 9.49 29.85 1.95
CA THR B 102 8.36 29.43 2.77
C THR B 102 8.29 27.92 2.85
N PHE B 103 7.93 27.42 4.03
CA PHE B 103 7.80 25.98 4.25
C PHE B 103 6.79 25.75 5.37
N PHE B 104 6.31 24.53 5.46
CA PHE B 104 5.33 24.13 6.47
C PHE B 104 6.05 23.43 7.62
N HIS B 105 5.99 24.03 8.81
CA HIS B 105 6.68 23.48 9.96
C HIS B 105 6.11 22.13 10.40
N ASN B 106 4.87 21.83 10.03
CA ASN B 106 4.22 20.58 10.41
C ASN B 106 4.01 19.62 9.24
N GLY B 107 4.19 20.08 8.01
CA GLY B 107 4.02 19.21 6.86
C GLY B 107 4.97 18.03 6.86
N LYS B 108 4.43 16.83 6.68
CA LYS B 108 5.25 15.63 6.63
C LYS B 108 5.71 15.28 5.22
N LYS B 109 4.89 15.57 4.21
CA LYS B 109 5.28 15.31 2.82
C LYS B 109 4.45 16.24 1.93
N SER B 110 5.11 17.23 1.36
CA SER B 110 4.47 18.21 0.50
C SER B 110 5.05 18.12 -0.90
N PHE B 111 4.19 18.00 -1.90
CA PHE B 111 4.61 17.94 -3.29
C PHE B 111 3.67 18.80 -4.13
N ALA B 112 4.20 19.31 -5.24
CA ALA B 112 3.43 20.13 -6.16
C ALA B 112 3.02 19.30 -7.38
N HIS B 113 2.31 19.95 -8.29
CA HIS B 113 1.83 19.32 -9.52
C HIS B 113 2.54 19.94 -10.71
N TRP B 114 3.17 19.10 -11.52
CA TRP B 114 3.98 19.55 -12.65
C TRP B 114 3.31 19.32 -14.00
N MET B 115 2.11 18.73 -14.01
CA MET B 115 1.40 18.43 -15.25
C MET B 115 0.14 19.28 -15.35
N THR B 116 -0.12 19.83 -16.53
CA THR B 116 0.68 19.74 -17.75
C THR B 116 1.94 20.59 -17.63
N THR B 117 1.82 21.70 -16.92
CA THR B 117 2.91 22.62 -16.67
C THR B 117 2.96 22.95 -15.19
N PRO B 118 4.15 23.18 -14.62
CA PRO B 118 4.23 23.59 -13.21
C PRO B 118 3.25 24.71 -12.89
N ASN B 119 2.33 24.45 -11.98
CA ASN B 119 1.23 25.37 -11.67
C ASN B 119 1.77 26.52 -10.83
N ARG B 120 2.32 27.52 -11.51
CA ARG B 120 2.87 28.70 -10.85
C ARG B 120 2.58 29.91 -11.71
N MET B 121 2.48 31.07 -11.06
CA MET B 121 2.23 32.33 -11.74
C MET B 121 3.17 33.40 -11.17
N LEU B 122 3.45 34.41 -11.99
CA LEU B 122 4.33 35.50 -11.58
C LEU B 122 3.83 36.77 -12.27
N ARG B 123 3.17 37.63 -11.51
CA ARG B 123 2.63 38.89 -12.00
C ARG B 123 3.37 40.05 -11.34
N ILE B 124 3.81 41.01 -12.15
CA ILE B 124 4.61 42.13 -11.69
C ILE B 124 3.96 43.42 -12.18
N TRP B 125 3.85 44.40 -11.29
CA TRP B 125 3.31 45.70 -11.60
C TRP B 125 4.43 46.73 -11.73
N ASN B 126 4.06 47.93 -12.21
CA ASN B 126 5.04 48.98 -12.40
C ASN B 126 5.69 49.40 -11.09
N ASP B 127 4.89 49.50 -10.02
CA ASP B 127 5.43 49.91 -8.74
C ASP B 127 6.42 48.91 -8.16
N GLY B 128 6.45 47.68 -8.69
CA GLY B 128 7.33 46.65 -8.20
C GLY B 128 6.66 45.57 -7.38
N ARG B 129 5.35 45.68 -7.14
CA ARG B 129 4.64 44.64 -6.40
C ARG B 129 4.66 43.33 -7.19
N VAL B 130 4.83 42.23 -6.47
CA VAL B 130 4.99 40.90 -7.07
C VAL B 130 3.94 39.98 -6.48
N LEU B 131 3.26 39.23 -7.35
CA LEU B 131 2.31 38.20 -6.95
C LEU B 131 2.82 36.85 -7.42
N TYR B 132 2.84 35.88 -6.50
CA TYR B 132 3.38 34.56 -6.78
C TYR B 132 2.48 33.52 -6.12
N THR B 133 1.71 32.80 -6.92
CA THR B 133 0.80 31.78 -6.43
C THR B 133 1.30 30.40 -6.82
N LEU B 134 1.16 29.44 -5.90
CA LEU B 134 1.63 28.09 -6.11
C LEU B 134 0.55 27.11 -5.64
N ARG B 135 0.50 25.96 -6.31
CA ARG B 135 -0.42 24.88 -5.95
C ARG B 135 0.36 23.80 -5.24
N LEU B 136 -0.15 23.35 -4.09
CA LEU B 136 0.53 22.38 -3.25
C LEU B 136 -0.47 21.38 -2.69
N THR B 137 0.04 20.20 -2.37
CA THR B 137 -0.72 19.16 -1.67
C THR B 137 0.06 18.81 -0.42
N ILE B 138 -0.47 19.17 0.75
CA ILE B 138 0.23 19.06 2.02
C ILE B 138 -0.37 17.91 2.81
N SER B 139 0.48 16.95 3.17
CA SER B 139 0.08 15.84 4.04
C SER B 139 0.49 16.14 5.48
N ALA B 140 -0.11 17.19 6.03
CA ALA B 140 0.25 17.65 7.36
C ALA B 140 -0.25 16.67 8.43
N GLU B 141 0.30 16.83 9.63
CA GLU B 141 -0.04 15.99 10.76
C GLU B 141 -1.00 16.74 11.68
N CYS B 142 -2.09 16.07 12.08
CA CYS B 142 -3.12 16.66 12.93
C CYS B 142 -3.35 15.75 14.13
N PRO B 143 -2.61 15.95 15.21
CA PRO B 143 -2.84 15.12 16.40
C PRO B 143 -4.25 15.31 16.93
N MET B 144 -4.86 14.21 17.39
CA MET B 144 -6.23 14.20 17.85
C MET B 144 -6.31 13.54 19.22
N ASP B 145 -7.16 14.10 20.09
CA ASP B 145 -7.41 13.56 21.41
C ASP B 145 -8.75 12.81 21.34
N LEU B 146 -8.66 11.49 21.17
CA LEU B 146 -9.86 10.66 21.02
C LEU B 146 -10.42 10.24 22.37
N GLU B 147 -10.67 11.22 23.24
CA GLU B 147 -11.27 10.93 24.54
C GLU B 147 -12.79 10.85 24.47
N ASP B 148 -13.40 11.67 23.62
CA ASP B 148 -14.85 11.67 23.42
C ASP B 148 -15.24 11.03 22.10
N PHE B 149 -14.36 10.21 21.52
CA PHE B 149 -14.64 9.61 20.23
C PHE B 149 -15.90 8.74 20.32
N PRO B 150 -16.80 8.81 19.33
CA PRO B 150 -16.76 9.62 18.10
C PRO B 150 -17.29 11.04 18.30
N MET B 151 -17.75 11.40 19.49
CA MET B 151 -18.24 12.75 19.76
C MET B 151 -17.06 13.67 20.11
N ASP B 152 -16.16 13.83 19.16
CA ASP B 152 -14.94 14.60 19.34
C ASP B 152 -14.85 15.69 18.28
N GLU B 153 -14.30 16.83 18.67
CA GLU B 153 -14.05 17.95 17.77
C GLU B 153 -12.54 18.13 17.61
N GLN B 154 -12.09 18.20 16.36
CA GLN B 154 -10.68 18.28 16.04
C GLN B 154 -10.36 19.65 15.43
N ASN B 155 -9.24 20.22 15.84
CA ASN B 155 -8.77 21.52 15.36
C ASN B 155 -7.42 21.31 14.70
N CYS B 156 -7.43 20.97 13.42
CA CYS B 156 -6.21 20.70 12.69
C CYS B 156 -5.55 22.02 12.29
N PRO B 157 -4.32 22.29 12.71
CA PRO B 157 -3.66 23.54 12.32
C PRO B 157 -2.87 23.40 11.04
N LEU B 158 -2.36 24.54 10.56
CA LEU B 158 -1.51 24.57 9.37
C LEU B 158 -0.50 25.69 9.60
N LYS B 159 0.73 25.31 9.94
CA LYS B 159 1.78 26.25 10.30
C LYS B 159 2.79 26.33 9.16
N PHE B 160 3.15 27.55 8.78
CA PHE B 160 4.16 27.76 7.76
C PHE B 160 4.89 29.07 8.05
N GLY B 161 6.09 29.18 7.49
CA GLY B 161 6.89 30.37 7.71
C GLY B 161 8.22 30.25 6.99
N SER B 162 9.04 31.27 7.17
CA SER B 162 10.37 31.29 6.55
C SER B 162 11.29 30.26 7.20
N TYR B 163 12.18 29.71 6.39
CA TYR B 163 13.14 28.72 6.86
C TYR B 163 14.51 29.31 7.17
N ALA B 164 14.89 30.40 6.49
CA ALA B 164 16.20 31.00 6.65
C ALA B 164 16.17 32.46 7.07
N TYR B 165 15.04 33.16 6.87
CA TYR B 165 14.95 34.57 7.17
C TYR B 165 14.20 34.76 8.47
N PRO B 166 14.83 35.24 9.55
CA PRO B 166 14.11 35.42 10.81
C PRO B 166 13.07 36.53 10.76
N ASN B 167 12.39 36.75 11.89
CA ASN B 167 11.35 37.78 11.93
C ASN B 167 11.92 39.16 11.67
N SER B 168 13.20 39.39 12.00
CA SER B 168 13.81 40.69 11.82
C SER B 168 14.06 41.03 10.35
N GLU B 169 13.91 40.06 9.44
CA GLU B 169 14.16 40.28 8.02
C GLU B 169 12.92 40.08 7.18
N VAL B 170 12.18 38.98 7.39
CA VAL B 170 10.99 38.66 6.62
C VAL B 170 9.84 38.45 7.61
N VAL B 171 8.72 39.11 7.35
CA VAL B 171 7.53 39.02 8.20
C VAL B 171 6.34 38.64 7.33
N TYR B 172 5.57 37.66 7.79
CA TYR B 172 4.36 37.21 7.10
C TYR B 172 3.14 37.77 7.82
N VAL B 173 2.21 38.34 7.05
CA VAL B 173 0.99 38.91 7.60
C VAL B 173 -0.16 38.54 6.68
N TRP B 174 -1.29 38.14 7.28
CA TRP B 174 -2.47 37.85 6.50
C TRP B 174 -3.02 39.12 5.86
N THR B 175 -3.60 38.98 4.68
CA THR B 175 -4.14 40.10 3.93
C THR B 175 -5.62 40.25 4.21
N ASN B 176 -6.05 41.47 4.52
CA ASN B 176 -7.46 41.77 4.79
C ASN B 176 -7.89 40.94 6.01
N GLY B 177 -9.17 40.59 6.08
CA GLY B 177 -9.70 39.85 7.21
C GLY B 177 -9.46 38.35 7.08
N SER B 178 -9.94 37.63 8.10
CA SER B 178 -9.77 36.18 8.11
C SER B 178 -10.53 35.53 6.96
N THR B 179 -11.75 36.00 6.68
CA THR B 179 -12.54 35.39 5.62
C THR B 179 -11.85 35.49 4.27
N LYS B 180 -11.28 36.66 3.95
CA LYS B 180 -10.60 36.81 2.68
C LYS B 180 -9.25 36.12 2.67
N SER B 181 -8.57 36.07 3.83
CA SER B 181 -7.25 35.46 3.88
C SER B 181 -7.31 33.97 3.54
N VAL B 182 -8.30 33.27 4.08
CA VAL B 182 -8.49 31.84 3.84
C VAL B 182 -9.87 31.62 3.27
N VAL B 183 -9.93 30.92 2.14
CA VAL B 183 -11.19 30.63 1.45
C VAL B 183 -11.23 29.15 1.13
N VAL B 184 -12.38 28.51 1.36
CA VAL B 184 -12.57 27.10 1.10
C VAL B 184 -13.69 26.95 0.08
N ALA B 185 -13.44 26.15 -0.95
CA ALA B 185 -14.43 25.92 -1.99
C ALA B 185 -15.64 25.19 -1.41
N GLU B 186 -16.81 25.47 -1.99
CA GLU B 186 -18.05 24.85 -1.51
C GLU B 186 -17.99 23.34 -1.63
N ASP B 187 -17.51 22.84 -2.77
CA ASP B 187 -17.38 21.40 -2.98
C ASP B 187 -16.08 20.84 -2.43
N GLY B 188 -15.11 21.70 -2.07
CA GLY B 188 -13.87 21.18 -1.53
C GLY B 188 -14.04 20.54 -0.17
N SER B 189 -14.85 21.14 0.69
CA SER B 189 -15.07 20.65 2.05
C SER B 189 -16.10 19.53 2.02
N ARG B 190 -15.66 18.37 1.54
CA ARG B 190 -16.50 17.16 1.48
C ARG B 190 -15.71 16.02 2.09
N LEU B 191 -15.96 15.74 3.36
CA LEU B 191 -15.31 14.66 4.09
C LEU B 191 -16.35 13.62 4.49
N ASN B 192 -16.01 12.35 4.27
CA ASN B 192 -16.95 11.27 4.52
C ASN B 192 -17.28 11.10 6.00
N GLN B 193 -16.40 11.56 6.89
CA GLN B 193 -16.62 11.40 8.32
C GLN B 193 -16.24 12.65 9.10
N TYR B 194 -16.39 13.83 8.48
CA TYR B 194 -16.10 15.08 9.16
C TYR B 194 -16.90 16.20 8.53
N HIS B 195 -17.16 17.24 9.32
CA HIS B 195 -17.80 18.47 8.85
C HIS B 195 -16.87 19.64 9.12
N LEU B 196 -16.70 20.49 8.12
CA LEU B 196 -15.85 21.67 8.24
C LEU B 196 -16.69 22.80 8.81
N MET B 197 -16.57 23.03 10.12
CA MET B 197 -17.40 24.02 10.81
C MET B 197 -16.91 25.45 10.62
N GLY B 198 -15.67 25.63 10.17
CA GLY B 198 -15.15 26.97 9.98
C GLY B 198 -13.63 26.96 9.93
N GLN B 199 -13.09 28.15 9.77
CA GLN B 199 -11.64 28.35 9.69
C GLN B 199 -11.25 29.56 10.53
N THR B 200 -10.01 29.54 11.01
CA THR B 200 -9.46 30.66 11.76
C THR B 200 -7.97 30.78 11.45
N VAL B 201 -7.45 31.99 11.66
CA VAL B 201 -6.05 32.30 11.35
C VAL B 201 -5.44 33.05 12.53
N GLY B 202 -4.12 33.05 12.58
CA GLY B 202 -3.41 33.75 13.64
C GLY B 202 -1.94 33.81 13.32
N THR B 203 -1.25 34.69 14.04
CA THR B 203 0.18 34.90 13.87
C THR B 203 0.86 34.90 15.24
N GLU B 204 2.11 34.44 15.28
CA GLU B 204 2.86 34.39 16.52
C GLU B 204 4.34 34.34 16.19
N ASN B 205 5.16 34.65 17.18
CA ASN B 205 6.61 34.59 17.08
C ASN B 205 7.14 33.51 18.00
N ILE B 206 8.01 32.66 17.46
CA ILE B 206 8.61 31.56 18.20
C ILE B 206 10.10 31.84 18.36
N SER B 207 10.61 31.60 19.56
CA SER B 207 12.02 31.81 19.86
C SER B 207 12.77 30.51 19.62
N THR B 208 13.77 30.54 18.74
CA THR B 208 14.53 29.37 18.37
C THR B 208 16.03 29.69 18.49
N SER B 209 16.83 28.63 18.62
CA SER B 209 18.27 28.81 18.69
C SER B 209 18.80 29.55 17.47
N THR B 210 18.24 29.27 16.29
CA THR B 210 18.65 29.96 15.08
C THR B 210 18.18 31.42 15.06
N GLY B 211 17.13 31.75 15.79
CA GLY B 211 16.60 33.08 15.84
C GLY B 211 15.10 33.04 16.05
N GLU B 212 14.47 34.21 15.94
CA GLU B 212 13.03 34.35 16.07
C GLU B 212 12.39 34.34 14.69
N TYR B 213 11.38 33.50 14.52
CA TYR B 213 10.67 33.38 13.25
C TYR B 213 9.18 33.58 13.48
N THR B 214 8.55 34.33 12.57
CA THR B 214 7.10 34.50 12.60
C THR B 214 6.43 33.25 12.05
N ILE B 215 5.33 32.85 12.70
CA ILE B 215 4.59 31.65 12.34
C ILE B 215 3.18 32.06 11.95
N MET B 216 2.76 31.62 10.76
CA MET B 216 1.40 31.84 10.27
C MET B 216 0.63 30.54 10.43
N THR B 217 -0.33 30.53 11.36
CA THR B 217 -1.08 29.33 11.71
C THR B 217 -2.53 29.49 11.29
N ALA B 218 -3.05 28.49 10.59
CA ALA B 218 -4.45 28.44 10.20
C ALA B 218 -5.07 27.18 10.78
N HIS B 219 -6.18 27.34 11.50
CA HIS B 219 -6.84 26.24 12.19
C HIS B 219 -8.17 25.95 11.50
N PHE B 220 -8.44 24.68 11.25
CA PHE B 220 -9.68 24.22 10.66
C PHE B 220 -10.49 23.46 11.70
N HIS B 221 -11.73 23.87 11.91
CA HIS B 221 -12.60 23.24 12.89
C HIS B 221 -13.31 22.06 12.23
N LEU B 222 -13.13 20.88 12.81
CA LEU B 222 -13.70 19.65 12.29
C LEU B 222 -14.67 19.06 13.31
N LYS B 223 -15.88 18.77 12.86
CA LYS B 223 -16.91 18.15 13.69
C LYS B 223 -17.25 16.79 13.08
N ARG B 224 -16.78 15.72 13.72
CA ARG B 224 -17.02 14.39 13.19
C ARG B 224 -18.51 14.13 13.09
N LYS B 225 -18.94 13.58 11.95
CA LYS B 225 -20.35 13.28 11.71
C LYS B 225 -20.63 11.85 12.13
N ILE B 226 -21.65 11.67 12.97
CA ILE B 226 -22.02 10.37 13.47
C ILE B 226 -23.05 9.74 12.54
N GLY B 227 -23.10 8.41 12.54
CA GLY B 227 -24.02 7.69 11.69
C GLY B 227 -23.36 6.47 11.06
N TYR B 228 -22.08 6.59 10.74
CA TYR B 228 -21.33 5.43 10.25
C TYR B 228 -21.06 4.43 11.36
N PHE B 229 -20.70 4.93 12.56
CA PHE B 229 -20.45 4.03 13.68
C PHE B 229 -21.74 3.48 14.26
N VAL B 230 -22.85 4.21 14.11
CA VAL B 230 -24.14 3.71 14.58
C VAL B 230 -24.51 2.43 13.84
N ILE B 231 -24.33 2.43 12.52
CA ILE B 231 -24.62 1.24 11.73
C ILE B 231 -23.52 0.20 11.83
N GLN B 232 -22.33 0.59 12.33
CA GLN B 232 -21.17 -0.30 12.38
C GLN B 232 -20.99 -0.94 13.75
N THR B 233 -21.09 -0.16 14.82
CA THR B 233 -20.79 -0.64 16.17
C THR B 233 -21.99 -0.58 17.10
N TYR B 234 -22.65 0.57 17.22
CA TYR B 234 -23.68 0.74 18.23
C TYR B 234 -24.87 -0.19 17.96
N LEU B 235 -25.40 -0.17 16.73
CA LEU B 235 -26.60 -0.96 16.45
C LEU B 235 -26.38 -2.44 16.68
N PRO B 236 -25.30 -3.07 16.17
CA PRO B 236 -25.09 -4.48 16.50
C PRO B 236 -25.01 -4.74 17.99
N CYS B 237 -24.38 -3.85 18.75
CA CYS B 237 -24.33 -4.01 20.19
C CYS B 237 -25.73 -3.89 20.81
N ILE B 238 -26.52 -2.92 20.35
CA ILE B 238 -27.85 -2.72 20.92
C ILE B 238 -28.72 -3.93 20.65
N MET B 239 -28.71 -4.44 19.42
CA MET B 239 -29.51 -5.61 19.10
C MET B 239 -29.00 -6.85 19.81
N THR B 240 -27.68 -6.95 20.01
CA THR B 240 -27.12 -8.09 20.73
C THR B 240 -27.65 -8.15 22.16
N VAL B 241 -27.71 -7.00 22.83
CA VAL B 241 -28.23 -6.98 24.20
C VAL B 241 -29.69 -7.41 24.22
N ILE B 242 -30.48 -6.90 23.27
CA ILE B 242 -31.89 -7.29 23.20
C ILE B 242 -32.00 -8.79 22.96
N LEU B 243 -31.10 -9.34 22.14
CA LEU B 243 -31.13 -10.78 21.88
C LEU B 243 -30.94 -11.58 23.15
N SER B 244 -30.01 -11.15 24.01
CA SER B 244 -29.79 -11.86 25.28
C SER B 244 -31.02 -11.80 26.16
N GLN B 245 -31.69 -10.66 26.21
CA GLN B 245 -32.87 -10.51 27.07
C GLN B 245 -33.99 -11.47 26.68
N VAL B 246 -33.96 -12.00 25.44
CA VAL B 246 -34.98 -12.95 25.03
C VAL B 246 -34.92 -14.21 25.89
N SER B 247 -33.73 -14.57 26.37
CA SER B 247 -33.59 -15.77 27.20
C SER B 247 -34.41 -15.65 28.47
N PHE B 248 -34.65 -14.42 28.95
CA PHE B 248 -35.45 -14.25 30.16
C PHE B 248 -36.89 -14.69 29.97
N TRP B 249 -37.37 -14.78 28.74
CA TRP B 249 -38.73 -15.20 28.46
C TRP B 249 -38.83 -16.71 28.22
N LEU B 250 -37.74 -17.45 28.35
CA LEU B 250 -37.72 -18.88 28.14
C LEU B 250 -37.81 -19.62 29.47
N ASN B 251 -38.28 -20.86 29.40
CA ASN B 251 -38.45 -21.67 30.60
C ASN B 251 -37.09 -22.00 31.21
N ARG B 252 -37.06 -22.09 32.54
CA ARG B 252 -35.82 -22.39 33.24
C ARG B 252 -35.28 -23.77 32.86
N GLU B 253 -36.17 -24.76 32.76
CA GLU B 253 -35.72 -26.12 32.45
C GLU B 253 -35.06 -26.19 31.08
N SER B 254 -35.33 -25.23 30.19
CA SER B 254 -34.69 -25.18 28.88
C SER B 254 -33.26 -24.69 29.03
N VAL B 255 -32.44 -25.52 29.68
CA VAL B 255 -31.06 -25.13 29.99
C VAL B 255 -30.28 -24.92 28.69
N ALA B 256 -30.41 -25.86 27.74
CA ALA B 256 -29.65 -25.76 26.50
C ALA B 256 -30.06 -24.54 25.70
N ALA B 257 -31.36 -24.26 25.62
CA ALA B 257 -31.84 -23.15 24.80
C ALA B 257 -31.28 -21.83 25.30
N ARG B 258 -31.34 -21.60 26.61
CA ARG B 258 -30.85 -20.35 27.18
C ARG B 258 -29.34 -20.26 27.18
N THR B 259 -28.64 -21.40 27.18
CA THR B 259 -27.18 -21.37 27.17
C THR B 259 -26.67 -20.76 25.87
N VAL B 260 -27.32 -21.06 24.74
CA VAL B 260 -26.85 -20.55 23.46
C VAL B 260 -26.88 -19.03 23.44
N PHE B 261 -27.96 -18.44 23.95
CA PHE B 261 -28.09 -16.99 23.93
C PHE B 261 -26.94 -16.33 24.70
N GLY B 262 -26.67 -16.81 25.90
CA GLY B 262 -25.62 -16.20 26.71
C GLY B 262 -24.24 -16.33 26.08
N VAL B 263 -23.91 -17.54 25.61
CA VAL B 263 -22.58 -17.77 25.03
C VAL B 263 -22.45 -17.01 23.72
N THR B 264 -23.44 -17.14 22.84
CA THR B 264 -23.34 -16.52 21.52
C THR B 264 -23.28 -15.00 21.63
N THR B 265 -24.11 -14.42 22.49
CA THR B 265 -24.12 -12.96 22.62
C THR B 265 -22.80 -12.43 23.15
N VAL B 266 -22.23 -13.11 24.15
CA VAL B 266 -20.98 -12.66 24.74
C VAL B 266 -19.86 -12.68 23.71
N LEU B 267 -19.77 -13.77 22.93
CA LEU B 267 -18.75 -13.85 21.89
C LEU B 267 -18.99 -12.81 20.81
N THR B 268 -20.26 -12.57 20.46
CA THR B 268 -20.55 -11.58 19.44
C THR B 268 -20.08 -10.19 19.86
N MET B 269 -20.30 -9.84 21.13
CA MET B 269 -19.81 -8.55 21.63
C MET B 269 -18.30 -8.50 21.60
N THR B 270 -17.63 -9.60 21.95
CA THR B 270 -16.18 -9.62 21.99
C THR B 270 -15.58 -9.35 20.62
N THR B 271 -16.11 -9.99 19.58
CA THR B 271 -15.57 -9.79 18.24
C THR B 271 -15.86 -8.39 17.71
N LEU B 272 -17.00 -7.81 18.09
CA LEU B 272 -17.30 -6.45 17.65
C LEU B 272 -16.29 -5.45 18.19
N SER B 273 -15.90 -5.61 19.46
CA SER B 273 -14.90 -4.72 20.03
C SER B 273 -13.58 -4.81 19.28
N ILE B 274 -13.14 -6.03 18.97
CA ILE B 274 -11.90 -6.20 18.22
C ILE B 274 -12.05 -5.62 16.82
N SER B 275 -13.15 -5.95 16.14
CA SER B 275 -13.37 -5.44 14.79
C SER B 275 -13.54 -3.93 14.78
N ALA B 276 -14.23 -3.39 15.79
CA ALA B 276 -14.49 -1.96 15.82
C ALA B 276 -13.20 -1.16 15.89
N ARG B 277 -12.24 -1.62 16.70
CA ARG B 277 -11.00 -0.89 16.89
C ARG B 277 -9.97 -1.14 15.80
N ASN B 278 -10.26 -2.02 14.84
CA ASN B 278 -9.32 -2.24 13.74
C ASN B 278 -9.09 -0.96 12.96
N SER B 279 -10.16 -0.23 12.64
CA SER B 279 -10.01 1.06 11.97
C SER B 279 -9.55 2.16 12.93
N LEU B 280 -9.96 2.07 14.19
CA LEU B 280 -9.59 3.10 15.15
C LEU B 280 -8.08 3.08 15.40
N PRO B 281 -7.46 4.24 15.62
CA PRO B 281 -6.03 4.26 15.93
C PRO B 281 -5.73 3.51 17.22
N LYS B 282 -4.53 2.93 17.28
CA LYS B 282 -4.10 2.14 18.43
C LYS B 282 -3.73 3.08 19.58
N VAL B 283 -4.77 3.67 20.17
CA VAL B 283 -4.61 4.59 21.29
C VAL B 283 -4.67 3.80 22.59
N ALA B 284 -3.76 4.11 23.50
CA ALA B 284 -3.67 3.40 24.78
C ALA B 284 -4.51 4.07 25.86
N TYR B 285 -5.79 4.28 25.56
CA TYR B 285 -6.73 4.78 26.55
C TYR B 285 -8.15 4.44 26.09
N ALA B 286 -9.08 4.47 27.03
CA ALA B 286 -10.46 4.10 26.76
C ALA B 286 -11.21 5.29 26.17
N THR B 287 -11.93 5.03 25.08
CA THR B 287 -12.76 6.04 24.44
C THR B 287 -14.21 5.89 24.91
N ALA B 288 -15.04 6.86 24.50
CA ALA B 288 -16.45 6.81 24.87
C ALA B 288 -17.12 5.57 24.29
N MET B 289 -16.77 5.21 23.05
CA MET B 289 -17.33 4.01 22.44
C MET B 289 -16.93 2.77 23.22
N ASP B 290 -15.69 2.73 23.71
CA ASP B 290 -15.23 1.56 24.47
C ASP B 290 -16.06 1.37 25.72
N TRP B 291 -16.38 2.45 26.44
CA TRP B 291 -17.22 2.33 27.62
C TRP B 291 -18.59 1.80 27.27
N PHE B 292 -19.17 2.28 26.15
CA PHE B 292 -20.48 1.79 25.73
C PHE B 292 -20.43 0.29 25.45
N ILE B 293 -19.37 -0.17 24.78
CA ILE B 293 -19.23 -1.60 24.51
C ILE B 293 -19.10 -2.37 25.82
N ALA B 294 -18.29 -1.85 26.75
CA ALA B 294 -18.10 -2.53 28.03
C ALA B 294 -19.41 -2.65 28.78
N VAL B 295 -20.20 -1.59 28.80
CA VAL B 295 -21.50 -1.64 29.48
C VAL B 295 -22.40 -2.66 28.81
N CYS B 296 -22.45 -2.65 27.48
CA CYS B 296 -23.25 -3.65 26.77
C CYS B 296 -22.74 -5.06 27.06
N TYR B 297 -21.42 -5.23 27.18
CA TYR B 297 -20.87 -6.53 27.51
C TYR B 297 -21.34 -6.99 28.89
N ALA B 298 -21.44 -6.05 29.84
CA ALA B 298 -21.89 -6.41 31.18
C ALA B 298 -23.32 -6.93 31.16
N PHE B 299 -24.20 -6.29 30.40
CA PHE B 299 -25.59 -6.72 30.37
C PHE B 299 -25.71 -8.15 29.85
N VAL B 300 -25.09 -8.44 28.72
CA VAL B 300 -25.15 -9.80 28.17
C VAL B 300 -24.45 -10.77 29.12
N PHE B 301 -23.29 -10.37 29.65
CA PHE B 301 -22.58 -11.23 30.60
C PHE B 301 -23.39 -11.40 31.88
N SER B 302 -24.01 -10.34 32.36
CA SER B 302 -24.81 -10.43 33.58
C SER B 302 -26.01 -11.34 33.38
N ALA B 303 -26.63 -11.28 32.20
CA ALA B 303 -27.79 -12.13 31.93
C ALA B 303 -27.42 -13.60 32.06
N LEU B 304 -26.25 -13.99 31.54
CA LEU B 304 -25.81 -15.37 31.68
C LEU B 304 -25.63 -15.75 33.14
N LEU B 305 -25.07 -14.84 33.94
CA LEU B 305 -24.89 -15.12 35.37
C LEU B 305 -26.23 -15.36 36.04
N GLU B 306 -27.25 -14.57 35.71
CA GLU B 306 -28.57 -14.77 36.28
C GLU B 306 -29.11 -16.15 35.93
N PHE B 307 -28.95 -16.57 34.68
CA PHE B 307 -29.39 -17.91 34.29
C PHE B 307 -28.61 -18.98 35.04
N ALA B 308 -27.30 -18.81 35.16
CA ALA B 308 -26.50 -19.77 35.92
C ALA B 308 -26.90 -19.79 37.38
N PHE B 309 -27.12 -18.60 37.96
CA PHE B 309 -27.56 -18.54 39.36
C PHE B 309 -28.91 -19.19 39.54
N VAL B 310 -29.83 -18.95 38.60
CA VAL B 310 -31.17 -19.55 38.69
C VAL B 310 -31.07 -21.08 38.62
N ASN B 311 -30.27 -21.59 37.69
CA ASN B 311 -30.13 -23.04 37.54
C ASN B 311 -29.51 -23.69 38.76
N TYR B 312 -28.75 -22.93 39.56
CA TYR B 312 -28.12 -23.50 40.74
C TYR B 312 -29.11 -23.70 41.89
N ILE B 313 -30.10 -22.82 42.00
CA ILE B 313 -31.06 -22.86 43.10
C ILE B 313 -32.44 -23.25 42.62
N THR B 314 -32.59 -23.62 41.34
CA THR B 314 -33.90 -23.99 40.82
C THR B 314 -34.45 -25.25 41.48
N LYS B 315 -33.59 -26.03 42.15
CA LYS B 315 -34.03 -27.24 42.83
C LYS B 315 -34.30 -27.03 44.32
N SER B 316 -33.60 -26.10 44.96
CA SER B 316 -33.77 -25.89 46.40
C SER B 316 -34.98 -25.01 46.68
N GLN B 317 -34.98 -23.78 46.15
CA GLN B 317 -36.05 -22.81 46.38
C GLN B 317 -36.50 -22.27 45.04
N PRO B 318 -37.34 -23.03 44.32
CA PRO B 318 -37.80 -22.55 43.00
C PRO B 318 -38.56 -21.23 43.07
N ALA B 319 -39.19 -20.94 44.21
CA ALA B 319 -40.02 -19.73 44.31
C ALA B 319 -39.19 -18.48 44.04
N ARG B 320 -38.01 -18.38 44.66
CA ARG B 320 -37.17 -17.21 44.44
C ARG B 320 -36.62 -17.20 43.02
N ALA B 321 -36.28 -18.38 42.49
CA ALA B 321 -35.73 -18.44 41.13
C ALA B 321 -36.73 -17.91 40.12
N ALA B 322 -38.00 -18.30 40.23
CA ALA B 322 -39.01 -17.82 39.30
C ALA B 322 -39.19 -16.31 39.43
N LYS B 323 -39.16 -15.80 40.66
CA LYS B 323 -39.34 -14.36 40.86
C LYS B 323 -38.24 -13.56 40.17
N ILE B 324 -36.99 -14.03 40.28
CA ILE B 324 -35.88 -13.33 39.65
C ILE B 324 -36.04 -13.31 38.14
N ASP B 325 -36.43 -14.44 37.56
CA ASP B 325 -36.57 -14.51 36.11
C ASP B 325 -37.64 -13.53 35.63
N LYS B 326 -38.78 -13.47 36.31
CA LYS B 326 -39.81 -12.51 35.94
C LYS B 326 -39.33 -11.08 36.12
N MET B 327 -38.62 -10.81 37.23
CA MET B 327 -38.12 -9.47 37.48
C MET B 327 -37.09 -9.07 36.42
N SER B 328 -36.23 -10.01 36.02
CA SER B 328 -35.19 -9.71 35.05
C SER B 328 -35.77 -9.23 33.73
N ARG B 329 -36.94 -9.74 33.35
CA ARG B 329 -37.56 -9.34 32.09
C ARG B 329 -37.87 -7.86 32.06
N ILE B 330 -38.02 -7.21 33.22
CA ILE B 330 -38.38 -5.81 33.30
C ILE B 330 -37.19 -4.94 33.68
N VAL B 331 -36.38 -5.38 34.64
CA VAL B 331 -35.28 -4.56 35.14
C VAL B 331 -34.24 -4.34 34.04
N PHE B 332 -33.82 -5.41 33.38
CA PHE B 332 -32.72 -5.29 32.42
C PHE B 332 -33.06 -4.35 31.27
N PRO B 333 -34.20 -4.47 30.60
CA PRO B 333 -34.51 -3.50 29.53
C PRO B 333 -34.53 -2.06 30.01
N ILE B 334 -35.03 -1.82 31.22
CA ILE B 334 -35.12 -0.45 31.72
C ILE B 334 -33.72 0.13 31.92
N LEU B 335 -32.82 -0.65 32.52
CA LEU B 335 -31.47 -0.14 32.77
C LEU B 335 -30.75 0.16 31.46
N PHE B 336 -30.88 -0.73 30.47
CA PHE B 336 -30.23 -0.49 29.19
C PHE B 336 -30.79 0.75 28.51
N GLY B 337 -32.11 0.93 28.54
CA GLY B 337 -32.70 2.13 27.97
C GLY B 337 -32.29 3.39 28.71
N THR B 338 -32.29 3.34 30.05
CA THR B 338 -31.88 4.50 30.84
C THR B 338 -30.43 4.83 30.58
N PHE B 339 -29.57 3.82 30.47
CA PHE B 339 -28.14 4.08 30.24
C PHE B 339 -27.93 4.80 28.92
N ASN B 340 -28.65 4.41 27.87
CA ASN B 340 -28.46 5.06 26.57
C ASN B 340 -28.78 6.55 26.65
N LEU B 341 -29.87 6.91 27.32
CA LEU B 341 -30.24 8.32 27.42
C LEU B 341 -29.14 9.13 28.10
N VAL B 342 -28.57 8.59 29.18
CA VAL B 342 -27.46 9.28 29.84
C VAL B 342 -26.25 9.34 28.92
N TYR B 343 -25.94 8.23 28.26
CA TYR B 343 -24.76 8.19 27.39
C TYR B 343 -24.89 9.16 26.24
N TRP B 344 -25.99 9.09 25.49
CA TRP B 344 -26.17 9.96 24.33
C TRP B 344 -26.30 11.41 24.76
N ALA B 345 -27.09 11.68 25.81
CA ALA B 345 -27.27 13.05 26.26
C ALA B 345 -25.97 13.65 26.79
N THR B 346 -25.16 12.84 27.46
CA THR B 346 -23.93 13.36 28.05
C THR B 346 -23.00 13.94 26.99
N TYR B 347 -22.83 13.24 25.87
CA TYR B 347 -21.94 13.69 24.82
C TYR B 347 -22.65 14.60 23.81
N LEU B 348 -23.92 14.33 23.52
CA LEU B 348 -24.67 15.14 22.56
C LEU B 348 -25.32 16.32 23.29
N ASN B 349 -24.45 17.22 23.74
CA ASN B 349 -24.89 18.41 24.47
C ASN B 349 -23.71 19.33 24.75
N ASN C 14 20.00 18.71 -48.52
CA ASN C 14 18.57 18.42 -48.61
C ASN C 14 17.95 18.36 -47.22
N ILE C 15 18.75 17.94 -46.23
CA ILE C 15 18.28 17.85 -44.85
C ILE C 15 18.69 19.11 -44.10
N THR C 16 19.80 19.73 -44.53
CA THR C 16 20.26 20.94 -43.87
C THR C 16 19.27 22.09 -43.98
N ILE C 17 18.38 22.04 -44.97
CA ILE C 17 17.38 23.10 -45.11
C ILE C 17 16.49 23.16 -43.89
N PHE C 18 16.07 22.00 -43.38
CA PHE C 18 15.23 21.97 -42.19
C PHE C 18 15.95 22.56 -40.99
N THR C 19 17.25 22.28 -40.85
CA THR C 19 18.00 22.80 -39.71
C THR C 19 18.02 24.32 -39.71
N ARG C 20 18.21 24.94 -40.87
CA ARG C 20 18.22 26.40 -40.93
C ARG C 20 16.87 26.97 -40.55
N ILE C 21 15.79 26.32 -40.97
CA ILE C 21 14.45 26.82 -40.65
C ILE C 21 14.24 26.85 -39.14
N LEU C 22 14.63 25.77 -38.46
CA LEU C 22 14.45 25.72 -37.01
C LEU C 22 15.25 26.82 -36.32
N ASP C 23 16.49 27.05 -36.77
CA ASP C 23 17.31 28.10 -36.16
C ASP C 23 16.67 29.47 -36.36
N GLY C 24 16.13 29.72 -37.54
CA GLY C 24 15.50 31.02 -37.80
C GLY C 24 14.32 31.28 -36.89
N LEU C 25 13.46 30.28 -36.70
CA LEU C 25 12.29 30.46 -35.84
C LEU C 25 12.69 30.78 -34.41
N LEU C 26 13.70 30.07 -33.89
CA LEU C 26 14.15 30.30 -32.53
C LEU C 26 14.92 31.60 -32.37
N ASP C 27 15.32 32.24 -33.46
CA ASP C 27 16.04 33.50 -33.39
C ASP C 27 15.06 34.63 -33.12
N GLY C 28 15.22 35.30 -31.99
CA GLY C 28 14.32 36.37 -31.61
C GLY C 28 12.99 35.92 -31.05
N TYR C 29 12.85 34.64 -30.73
CA TYR C 29 11.60 34.10 -30.20
C TYR C 29 11.72 33.93 -28.69
N ASP C 30 10.78 34.52 -27.96
CA ASP C 30 10.73 34.43 -26.51
C ASP C 30 9.62 33.48 -26.11
N ASN C 31 9.97 32.45 -25.34
CA ASN C 31 9.01 31.45 -24.90
C ASN C 31 8.22 31.90 -23.68
N ARG C 32 8.57 33.02 -23.06
CA ARG C 32 7.89 33.51 -21.87
C ARG C 32 6.72 34.43 -22.22
N LEU C 33 6.50 34.73 -23.49
CA LEU C 33 5.44 35.63 -23.92
C LEU C 33 4.47 34.87 -24.82
N ARG C 34 3.18 34.99 -24.53
CA ARG C 34 2.17 34.33 -25.34
C ARG C 34 2.07 34.99 -26.71
N PRO C 35 1.66 34.25 -27.74
CA PRO C 35 1.52 34.86 -29.07
C PRO C 35 0.44 35.92 -29.07
N GLY C 36 0.66 36.94 -29.91
CA GLY C 36 -0.31 38.02 -30.02
C GLY C 36 -0.56 38.76 -28.72
N LEU C 37 0.51 39.00 -27.94
CA LEU C 37 0.36 39.70 -26.69
C LEU C 37 0.06 41.17 -26.94
N GLY C 38 -0.96 41.69 -26.25
CA GLY C 38 -1.33 43.08 -26.42
C GLY C 38 -1.86 43.44 -27.79
N GLU C 39 -2.24 42.44 -28.59
CA GLU C 39 -2.75 42.69 -29.93
C GLU C 39 -4.08 41.98 -30.15
N ARG C 40 -4.29 40.87 -29.46
CA ARG C 40 -5.51 40.08 -29.60
C ARG C 40 -5.59 39.12 -28.42
N ILE C 41 -6.57 38.22 -28.46
CA ILE C 41 -6.78 37.22 -27.43
C ILE C 41 -6.43 35.85 -28.01
N THR C 42 -5.52 35.15 -27.35
CA THR C 42 -5.09 33.84 -27.83
C THR C 42 -6.26 32.86 -27.77
N GLN C 43 -6.46 32.11 -28.84
CA GLN C 43 -7.51 31.11 -28.93
C GLN C 43 -6.89 29.73 -29.03
N VAL C 44 -7.31 28.82 -28.15
CA VAL C 44 -6.77 27.47 -28.07
C VAL C 44 -7.90 26.48 -28.29
N ARG C 45 -7.69 25.53 -29.18
CA ARG C 45 -8.65 24.45 -29.43
C ARG C 45 -8.13 23.17 -28.82
N THR C 46 -8.96 22.52 -28.01
CA THR C 46 -8.57 21.33 -27.26
C THR C 46 -9.39 20.13 -27.73
N ASP C 47 -8.69 19.03 -28.00
CA ASP C 47 -9.32 17.76 -28.34
C ASP C 47 -8.72 16.68 -27.47
N MET C 48 -9.57 15.77 -26.98
CA MET C 48 -9.16 14.75 -26.02
C MET C 48 -9.55 13.37 -26.53
N TYR C 49 -8.65 12.42 -26.34
CA TYR C 49 -8.90 11.01 -26.65
C TYR C 49 -8.58 10.18 -25.42
N VAL C 50 -9.52 9.36 -24.99
CA VAL C 50 -9.39 8.56 -23.78
C VAL C 50 -8.88 7.18 -24.20
N ASN C 51 -7.57 6.95 -23.99
CA ASN C 51 -7.00 5.65 -24.31
C ASN C 51 -7.60 4.56 -23.43
N SER C 52 -7.74 4.83 -22.14
CA SER C 52 -8.29 3.85 -21.21
C SER C 52 -8.81 4.57 -19.98
N PHE C 53 -9.98 4.14 -19.50
CA PHE C 53 -10.60 4.71 -18.31
C PHE C 53 -10.23 3.82 -17.14
N GLY C 54 -9.28 4.28 -16.32
CA GLY C 54 -8.78 3.50 -15.21
C GLY C 54 -9.86 3.18 -14.19
N PRO C 55 -9.49 2.45 -13.14
CA PRO C 55 -10.47 2.06 -12.12
C PRO C 55 -11.02 3.26 -11.37
N VAL C 56 -12.27 3.14 -10.95
CA VAL C 56 -12.95 4.17 -10.17
C VAL C 56 -12.95 3.70 -8.72
N SER C 57 -12.10 4.32 -7.90
CA SER C 57 -11.98 3.96 -6.50
C SER C 57 -13.05 4.69 -5.69
N ASP C 58 -14.00 3.93 -5.14
CA ASP C 58 -15.08 4.54 -4.37
C ASP C 58 -14.61 4.98 -2.98
N THR C 59 -13.63 4.27 -2.41
CA THR C 59 -13.17 4.61 -1.06
C THR C 59 -12.59 6.01 -1.02
N GLU C 60 -11.77 6.37 -2.02
CA GLU C 60 -11.11 7.67 -2.07
C GLU C 60 -11.86 8.67 -2.94
N MET C 61 -13.01 8.31 -3.48
CA MET C 61 -13.79 9.21 -4.33
C MET C 61 -12.93 9.79 -5.46
N GLU C 62 -12.14 8.92 -6.09
CA GLU C 62 -11.26 9.32 -7.18
C GLU C 62 -11.33 8.29 -8.29
N TYR C 63 -10.94 8.71 -9.49
CA TYR C 63 -10.88 7.81 -10.63
C TYR C 63 -9.62 8.13 -11.43
N THR C 64 -9.09 7.12 -12.09
CA THR C 64 -7.89 7.25 -12.91
C THR C 64 -8.28 7.18 -14.38
N ILE C 65 -7.75 8.11 -15.16
CA ILE C 65 -8.05 8.18 -16.59
C ILE C 65 -6.76 8.49 -17.35
N ASP C 66 -6.54 7.79 -18.44
CA ASP C 66 -5.39 8.02 -19.32
C ASP C 66 -5.91 8.59 -20.63
N ILE C 67 -5.41 9.78 -20.99
CA ILE C 67 -5.89 10.50 -22.17
C ILE C 67 -4.69 11.03 -22.95
N PHE C 68 -4.91 11.26 -24.24
CA PHE C 68 -3.94 11.93 -25.10
C PHE C 68 -4.43 13.36 -25.31
N PHE C 69 -4.15 14.21 -24.33
CA PHE C 69 -4.61 15.59 -24.39
C PHE C 69 -3.88 16.35 -25.48
N ALA C 70 -4.62 17.13 -26.25
CA ALA C 70 -4.08 17.88 -27.37
C ALA C 70 -4.59 19.31 -27.35
N GLN C 71 -3.74 20.23 -27.78
CA GLN C 71 -4.08 21.64 -27.86
C GLN C 71 -3.61 22.20 -29.19
N THR C 72 -4.41 23.08 -29.78
CA THR C 72 -4.08 23.74 -31.03
C THR C 72 -4.24 25.24 -30.87
N TRP C 73 -3.29 26.00 -31.40
CA TRP C 73 -3.34 27.45 -31.33
C TRP C 73 -2.54 28.03 -32.49
N LYS C 74 -2.75 29.33 -32.71
CA LYS C 74 -2.12 30.04 -33.82
C LYS C 74 -0.99 30.92 -33.29
N ASP C 75 0.17 30.82 -33.92
CA ASP C 75 1.35 31.61 -33.55
C ASP C 75 2.01 32.11 -34.82
N GLU C 76 1.97 33.43 -35.03
CA GLU C 76 2.56 34.01 -36.24
C GLU C 76 4.08 34.06 -36.19
N ARG C 77 4.67 33.95 -35.00
CA ARG C 77 6.13 34.00 -34.88
C ARG C 77 6.81 32.76 -35.44
N LEU C 78 6.06 31.69 -35.69
CA LEU C 78 6.62 30.44 -36.19
C LEU C 78 6.42 30.25 -37.68
N ARG C 79 5.99 31.30 -38.39
CA ARG C 79 5.79 31.19 -39.82
C ARG C 79 7.11 30.88 -40.53
N PHE C 80 7.03 30.02 -41.54
CA PHE C 80 8.22 29.63 -42.30
C PHE C 80 7.79 29.23 -43.71
N LYS C 81 8.77 29.23 -44.62
CA LYS C 81 8.55 28.83 -46.00
C LYS C 81 9.56 27.76 -46.37
N GLY C 82 9.08 26.67 -46.96
CA GLY C 82 9.95 25.58 -47.36
C GLY C 82 9.23 24.56 -48.20
N PRO C 83 9.97 23.62 -48.77
CA PRO C 83 9.35 22.57 -49.60
C PRO C 83 8.34 21.72 -48.85
N MET C 84 8.57 21.48 -47.56
CA MET C 84 7.70 20.64 -46.74
C MET C 84 6.72 21.52 -45.99
N GLN C 85 5.43 21.18 -46.09
CA GLN C 85 4.38 21.98 -45.47
C GLN C 85 4.21 21.71 -43.99
N ARG C 86 4.81 20.64 -43.46
CA ARG C 86 4.68 20.29 -42.06
C ARG C 86 6.05 19.90 -41.51
N LEU C 87 6.22 20.10 -40.21
CA LEU C 87 7.49 19.84 -39.52
C LEU C 87 7.21 18.98 -38.29
N PRO C 88 7.01 17.68 -38.46
CA PRO C 88 6.88 16.80 -37.29
C PRO C 88 8.14 16.87 -36.43
N LEU C 89 7.94 16.84 -35.12
CA LEU C 89 9.03 16.98 -34.17
C LEU C 89 8.70 16.18 -32.92
N ASN C 90 9.48 16.38 -31.86
CA ASN C 90 9.32 15.66 -30.61
C ASN C 90 9.45 16.66 -29.46
N ASN C 91 9.58 16.13 -28.24
CA ASN C 91 9.61 16.96 -27.05
C ASN C 91 10.83 17.86 -26.97
N LEU C 92 11.85 17.64 -27.80
CA LEU C 92 13.07 18.42 -27.70
C LEU C 92 12.80 19.92 -27.92
N LEU C 93 11.98 20.24 -28.92
CA LEU C 93 11.68 21.63 -29.23
C LEU C 93 10.49 22.17 -28.44
N ALA C 94 9.78 21.30 -27.69
CA ALA C 94 8.62 21.78 -26.95
C ALA C 94 9.00 22.80 -25.90
N SER C 95 10.11 22.58 -25.19
CA SER C 95 10.54 23.51 -24.16
C SER C 95 11.12 24.79 -24.75
N LYS C 96 11.48 24.79 -26.03
CA LYS C 96 12.08 25.96 -26.65
C LYS C 96 11.06 27.02 -27.05
N ILE C 97 9.77 26.70 -27.05
CA ILE C 97 8.74 27.63 -27.44
C ILE C 97 7.75 27.82 -26.30
N TRP C 98 6.74 28.67 -26.52
CA TRP C 98 5.73 28.96 -25.51
C TRP C 98 4.57 27.98 -25.63
N THR C 99 4.12 27.45 -24.49
CA THR C 99 2.97 26.57 -24.43
C THR C 99 2.06 27.01 -23.30
N PRO C 100 0.75 26.76 -23.44
CA PRO C 100 -0.18 27.18 -22.37
C PRO C 100 0.07 26.42 -21.09
N ASP C 101 -0.21 27.10 -19.97
CA ASP C 101 -0.06 26.51 -18.64
C ASP C 101 -1.32 25.78 -18.23
N THR C 102 -1.78 24.86 -19.07
CA THR C 102 -3.00 24.13 -18.80
C THR C 102 -2.82 23.22 -17.58
N PHE C 103 -3.88 23.12 -16.77
CA PHE C 103 -3.85 22.27 -15.59
C PHE C 103 -5.28 21.85 -15.28
N PHE C 104 -5.40 20.82 -14.45
CA PHE C 104 -6.69 20.27 -14.04
C PHE C 104 -7.06 20.83 -12.68
N HIS C 105 -8.16 21.57 -12.62
CA HIS C 105 -8.57 22.20 -11.37
C HIS C 105 -8.99 21.18 -10.32
N ASN C 106 -9.34 19.96 -10.73
CA ASN C 106 -9.78 18.92 -9.81
C ASN C 106 -8.79 17.78 -9.68
N GLY C 107 -7.79 17.68 -10.55
CA GLY C 107 -6.81 16.63 -10.47
C GLY C 107 -6.04 16.63 -9.17
N LYS C 108 -5.97 15.47 -8.51
CA LYS C 108 -5.24 15.35 -7.26
C LYS C 108 -3.80 14.94 -7.46
N LYS C 109 -3.51 14.15 -8.48
CA LYS C 109 -2.14 13.74 -8.77
C LYS C 109 -2.07 13.35 -10.24
N SER C 110 -1.43 14.18 -11.06
CA SER C 110 -1.30 13.94 -12.49
C SER C 110 0.18 13.79 -12.84
N PHE C 111 0.50 12.72 -13.55
CA PHE C 111 1.87 12.46 -13.99
C PHE C 111 1.84 11.96 -15.42
N ALA C 112 2.92 12.21 -16.14
CA ALA C 112 3.07 11.79 -17.53
C ALA C 112 3.96 10.55 -17.59
N HIS C 113 4.16 10.05 -18.81
CA HIS C 113 4.98 8.88 -19.08
C HIS C 113 6.23 9.32 -19.84
N TRP C 114 7.39 8.97 -19.31
CA TRP C 114 8.67 9.38 -19.89
C TRP C 114 9.39 8.25 -20.60
N MET C 115 8.84 7.04 -20.61
CA MET C 115 9.48 5.89 -21.21
C MET C 115 8.68 5.43 -22.43
N THR C 116 9.36 5.11 -23.53
CA THR C 116 10.81 5.16 -23.71
C THR C 116 11.28 6.62 -23.83
N THR C 117 10.43 7.45 -24.43
CA THR C 117 10.68 8.86 -24.62
C THR C 117 9.46 9.65 -24.16
N PRO C 118 9.65 10.86 -23.62
CA PRO C 118 8.48 11.68 -23.26
C PRO C 118 7.46 11.76 -24.38
N ASN C 119 6.25 11.28 -24.10
CA ASN C 119 5.21 11.14 -25.12
C ASN C 119 4.62 12.51 -25.42
N ARG C 120 5.29 13.23 -26.31
CA ARG C 120 4.86 14.55 -26.74
C ARG C 120 5.15 14.73 -28.22
N MET C 121 4.36 15.58 -28.86
CA MET C 121 4.52 15.87 -30.28
C MET C 121 4.40 17.37 -30.49
N LEU C 122 5.02 17.85 -31.57
CA LEU C 122 4.99 19.27 -31.90
C LEU C 122 5.01 19.38 -33.42
N ARG C 123 3.86 19.69 -34.01
CA ARG C 123 3.72 19.85 -35.46
C ARG C 123 3.39 21.29 -35.77
N ILE C 124 4.11 21.86 -36.74
CA ILE C 124 3.99 23.27 -37.10
C ILE C 124 3.75 23.36 -38.60
N TRP C 125 2.80 24.19 -39.00
CA TRP C 125 2.49 24.44 -40.40
C TRP C 125 3.04 25.79 -40.84
N ASN C 126 2.98 26.02 -42.15
CA ASN C 126 3.51 27.28 -42.70
C ASN C 126 2.75 28.48 -42.16
N ASP C 127 1.42 28.37 -42.05
CA ASP C 127 0.62 29.49 -41.57
C ASP C 127 0.92 29.84 -40.13
N GLY C 128 1.58 28.95 -39.38
CA GLY C 128 1.90 29.17 -37.99
C GLY C 128 1.06 28.38 -37.02
N ARG C 129 0.10 27.59 -37.50
CA ARG C 129 -0.69 26.76 -36.60
C ARG C 129 0.19 25.71 -35.92
N VAL C 130 -0.07 25.46 -34.64
CA VAL C 130 0.74 24.59 -33.82
C VAL C 130 -0.15 23.52 -33.21
N LEU C 131 0.30 22.27 -33.30
CA LEU C 131 -0.38 21.15 -32.67
C LEU C 131 0.55 20.55 -31.61
N TYR C 132 0.02 20.35 -30.41
CA TYR C 132 0.80 19.86 -29.28
C TYR C 132 -0.05 18.87 -28.50
N THR C 133 0.29 17.59 -28.59
CA THR C 133 -0.43 16.52 -27.92
C THR C 133 0.43 15.93 -26.80
N LEU C 134 -0.21 15.64 -25.67
CA LEU C 134 0.48 15.11 -24.51
C LEU C 134 -0.32 13.95 -23.94
N ARG C 135 0.40 12.99 -23.37
CA ARG C 135 -0.21 11.84 -22.70
C ARG C 135 -0.13 12.04 -21.19
N LEU C 136 -1.25 11.85 -20.51
CA LEU C 136 -1.34 12.10 -19.08
C LEU C 136 -2.18 11.03 -18.41
N THR C 137 -1.92 10.82 -17.12
CA THR C 137 -2.72 9.93 -16.27
C THR C 137 -3.20 10.77 -15.10
N ILE C 138 -4.50 11.04 -15.06
CA ILE C 138 -5.08 11.97 -14.09
C ILE C 138 -5.84 11.17 -13.04
N SER C 139 -5.47 11.36 -11.78
CA SER C 139 -6.18 10.76 -10.66
C SER C 139 -7.15 11.78 -10.05
N ALA C 140 -8.13 12.16 -10.86
CA ALA C 140 -9.08 13.19 -10.47
C ALA C 140 -10.02 12.68 -9.38
N GLU C 141 -10.71 13.62 -8.73
CA GLU C 141 -11.65 13.31 -7.67
C GLU C 141 -13.08 13.41 -8.21
N CYS C 142 -13.87 12.39 -7.92
CA CYS C 142 -15.26 12.31 -8.39
C CYS C 142 -16.18 12.07 -7.21
N PRO C 143 -16.65 13.13 -6.55
CA PRO C 143 -17.58 12.94 -5.44
C PRO C 143 -18.85 12.22 -5.90
N MET C 144 -19.35 11.34 -5.04
CA MET C 144 -20.50 10.51 -5.35
C MET C 144 -21.51 10.59 -4.22
N ASP C 145 -22.79 10.63 -4.60
CA ASP C 145 -23.89 10.63 -3.64
C ASP C 145 -24.46 9.22 -3.59
N LEU C 146 -24.03 8.44 -2.59
CA LEU C 146 -24.43 7.04 -2.47
C LEU C 146 -25.76 6.90 -1.73
N GLU C 147 -26.77 7.63 -2.19
CA GLU C 147 -28.09 7.53 -1.59
C GLU C 147 -28.89 6.36 -2.16
N ASP C 148 -28.73 6.07 -3.44
CA ASP C 148 -29.39 4.95 -4.09
C ASP C 148 -28.44 3.79 -4.36
N PHE C 149 -27.33 3.74 -3.64
CA PHE C 149 -26.34 2.69 -3.88
C PHE C 149 -26.97 1.32 -3.63
N PRO C 150 -26.70 0.33 -4.50
CA PRO C 150 -25.85 0.37 -5.70
C PRO C 150 -26.58 0.87 -6.95
N MET C 151 -27.88 1.20 -6.85
CA MET C 151 -28.62 1.74 -7.99
C MET C 151 -28.41 3.25 -8.09
N ASP C 152 -27.15 3.63 -8.31
CA ASP C 152 -26.74 5.03 -8.37
C ASP C 152 -26.06 5.32 -9.69
N GLU C 153 -26.26 6.53 -10.20
CA GLU C 153 -25.61 7.01 -11.41
C GLU C 153 -24.67 8.14 -11.05
N GLN C 154 -23.42 8.03 -11.51
CA GLN C 154 -22.37 8.99 -11.17
C GLN C 154 -21.96 9.76 -12.41
N ASN C 155 -21.76 11.06 -12.25
CA ASN C 155 -21.35 11.97 -13.32
C ASN C 155 -20.01 12.57 -12.93
N CYS C 156 -18.93 11.87 -13.26
CA CYS C 156 -17.60 12.34 -12.91
C CYS C 156 -17.15 13.42 -13.89
N PRO C 157 -16.84 14.61 -13.42
CA PRO C 157 -16.40 15.67 -14.34
C PRO C 157 -14.88 15.67 -14.53
N LEU C 158 -14.43 16.51 -15.45
CA LEU C 158 -13.00 16.70 -15.71
C LEU C 158 -12.80 18.16 -16.09
N LYS C 159 -12.32 18.95 -15.15
CA LYS C 159 -12.17 20.39 -15.31
C LYS C 159 -10.70 20.74 -15.52
N PHE C 160 -10.42 21.56 -16.53
CA PHE C 160 -9.07 22.03 -16.78
C PHE C 160 -9.13 23.41 -17.39
N GLY C 161 -8.02 24.14 -17.28
CA GLY C 161 -7.96 25.49 -17.82
C GLY C 161 -6.61 26.10 -17.53
N SER C 162 -6.48 27.36 -17.93
CA SER C 162 -5.22 28.08 -17.72
C SER C 162 -5.02 28.41 -16.24
N TYR C 163 -3.76 28.41 -15.82
CA TYR C 163 -3.40 28.71 -14.46
C TYR C 163 -2.98 30.16 -14.24
N ALA C 164 -2.42 30.80 -15.28
CA ALA C 164 -1.91 32.16 -15.16
C ALA C 164 -2.54 33.13 -16.16
N TYR C 165 -3.15 32.65 -17.23
CA TYR C 165 -3.71 33.53 -18.25
C TYR C 165 -5.22 33.58 -18.08
N PRO C 166 -5.81 34.73 -17.71
CA PRO C 166 -7.27 34.79 -17.53
C PRO C 166 -8.03 34.66 -18.85
N ASN C 167 -9.35 34.73 -18.77
CA ASN C 167 -10.18 34.59 -19.96
C ASN C 167 -9.91 35.71 -20.97
N SER C 168 -9.49 36.88 -20.49
CA SER C 168 -9.24 38.01 -21.38
C SER C 168 -7.99 37.82 -22.23
N GLU C 169 -7.16 36.82 -21.94
CA GLU C 169 -5.93 36.59 -22.69
C GLU C 169 -5.93 35.24 -23.40
N VAL C 170 -6.31 34.17 -22.73
CA VAL C 170 -6.33 32.83 -23.29
C VAL C 170 -7.72 32.25 -23.11
N VAL C 171 -8.29 31.71 -24.19
CA VAL C 171 -9.63 31.14 -24.18
C VAL C 171 -9.54 29.73 -24.75
N TYR C 172 -10.16 28.78 -24.07
CA TYR C 172 -10.22 27.39 -24.51
C TYR C 172 -11.60 27.10 -25.09
N VAL C 173 -11.62 26.47 -26.26
CA VAL C 173 -12.87 26.12 -26.94
C VAL C 173 -12.73 24.72 -27.52
N TRP C 174 -13.77 23.91 -27.35
CA TRP C 174 -13.77 22.59 -27.96
C TRP C 174 -13.82 22.70 -29.48
N THR C 175 -13.18 21.74 -30.14
CA THR C 175 -13.10 21.73 -31.59
C THR C 175 -14.21 20.84 -32.16
N ASN C 176 -14.92 21.36 -33.15
CA ASN C 176 -16.01 20.61 -33.80
C ASN C 176 -17.07 20.29 -32.75
N GLY C 177 -17.79 19.18 -32.94
CA GLY C 177 -18.85 18.81 -32.03
C GLY C 177 -18.33 18.07 -30.81
N SER C 178 -19.28 17.69 -29.94
CA SER C 178 -18.92 16.97 -28.72
C SER C 178 -18.32 15.61 -29.04
N THR C 179 -18.87 14.91 -30.02
CA THR C 179 -18.38 13.57 -30.34
C THR C 179 -16.91 13.61 -30.78
N LYS C 180 -16.55 14.57 -31.63
CA LYS C 180 -15.18 14.67 -32.09
C LYS C 180 -14.27 15.25 -31.01
N SER C 181 -14.79 16.15 -30.17
CA SER C 181 -13.96 16.77 -29.15
C SER C 181 -13.44 15.74 -28.15
N VAL C 182 -14.30 14.82 -27.73
CA VAL C 182 -13.95 13.78 -26.78
C VAL C 182 -14.24 12.42 -27.41
N VAL C 183 -13.25 11.54 -27.41
CA VAL C 183 -13.37 10.21 -27.99
C VAL C 183 -12.84 9.20 -26.97
N VAL C 184 -13.57 8.10 -26.82
CA VAL C 184 -13.21 7.03 -25.89
C VAL C 184 -13.00 5.75 -26.69
N ALA C 185 -11.88 5.08 -26.44
CA ALA C 185 -11.59 3.83 -27.13
C ALA C 185 -12.60 2.76 -26.75
N GLU C 186 -12.86 1.85 -27.70
CA GLU C 186 -13.83 0.80 -27.46
C GLU C 186 -13.41 -0.08 -26.30
N ASP C 187 -12.13 -0.47 -26.24
CA ASP C 187 -11.63 -1.28 -25.15
C ASP C 187 -11.22 -0.46 -23.94
N GLY C 188 -11.10 0.86 -24.07
CA GLY C 188 -10.73 1.69 -22.94
C GLY C 188 -11.78 1.70 -21.85
N SER C 189 -13.06 1.78 -22.25
CA SER C 189 -14.17 1.87 -21.31
C SER C 189 -14.53 0.45 -20.84
N ARG C 190 -13.68 -0.08 -19.96
CA ARG C 190 -13.88 -1.40 -19.37
C ARG C 190 -13.70 -1.27 -17.86
N LEU C 191 -14.80 -1.13 -17.14
CA LEU C 191 -14.80 -1.00 -15.70
C LEU C 191 -15.51 -2.21 -15.09
N ASN C 192 -14.90 -2.77 -14.04
CA ASN C 192 -15.44 -3.99 -13.44
C ASN C 192 -16.77 -3.76 -12.74
N GLN C 193 -17.07 -2.52 -12.35
CA GLN C 193 -18.32 -2.23 -11.63
C GLN C 193 -18.95 -0.93 -12.13
N TYR C 194 -18.77 -0.60 -13.39
CA TYR C 194 -19.38 0.61 -13.97
C TYR C 194 -19.54 0.44 -15.46
N HIS C 195 -20.53 1.14 -16.01
CA HIS C 195 -20.75 1.21 -17.45
C HIS C 195 -20.66 2.66 -17.89
N LEU C 196 -19.92 2.90 -18.97
CA LEU C 196 -19.75 4.25 -19.52
C LEU C 196 -20.90 4.51 -20.48
N MET C 197 -21.92 5.22 -20.01
CA MET C 197 -23.13 5.45 -20.80
C MET C 197 -22.97 6.57 -21.82
N GLY C 198 -21.94 7.40 -21.70
CA GLY C 198 -21.73 8.48 -22.64
C GLY C 198 -20.83 9.53 -22.07
N GLN C 199 -20.62 10.58 -22.88
CA GLN C 199 -19.77 11.69 -22.50
C GLN C 199 -20.44 13.00 -22.91
N THR C 200 -20.11 14.07 -22.19
CA THR C 200 -20.61 15.39 -22.51
C THR C 200 -19.53 16.42 -22.18
N VAL C 201 -19.62 17.57 -22.83
CA VAL C 201 -18.65 18.64 -22.68
C VAL C 201 -19.38 19.96 -22.48
N GLY C 202 -18.66 20.93 -21.94
CA GLY C 202 -19.22 22.25 -21.72
C GLY C 202 -18.14 23.24 -21.35
N THR C 203 -18.48 24.52 -21.44
CA THR C 203 -17.57 25.61 -21.12
C THR C 203 -18.29 26.62 -20.23
N GLU C 204 -17.52 27.25 -19.36
CA GLU C 204 -18.05 28.25 -18.45
C GLU C 204 -16.94 29.15 -17.98
N ASN C 205 -17.33 30.31 -17.44
CA ASN C 205 -16.40 31.29 -16.88
C ASN C 205 -16.63 31.38 -15.38
N ILE C 206 -15.54 31.30 -14.62
CA ILE C 206 -15.58 31.40 -13.16
C ILE C 206 -14.91 32.70 -12.74
N SER C 207 -15.52 33.39 -11.78
CA SER C 207 -14.99 34.64 -11.26
C SER C 207 -14.13 34.34 -10.04
N THR C 208 -12.87 34.73 -10.10
CA THR C 208 -11.91 34.47 -9.04
C THR C 208 -11.21 35.77 -8.66
N SER C 209 -10.65 35.79 -7.45
CA SER C 209 -9.92 36.96 -7.00
C SER C 209 -8.78 37.31 -7.95
N THR C 210 -8.11 36.29 -8.50
CA THR C 210 -7.03 36.52 -9.45
C THR C 210 -7.57 37.03 -10.80
N GLY C 211 -8.80 36.73 -11.13
CA GLY C 211 -9.41 37.14 -12.37
C GLY C 211 -10.42 36.12 -12.83
N GLU C 212 -10.91 36.30 -14.05
CA GLU C 212 -11.88 35.39 -14.65
C GLU C 212 -11.14 34.41 -15.55
N TYR C 213 -11.42 33.12 -15.36
CA TYR C 213 -10.79 32.05 -16.12
C TYR C 213 -11.87 31.18 -16.76
N THR C 214 -11.64 30.82 -18.03
CA THR C 214 -12.53 29.89 -18.71
C THR C 214 -12.24 28.46 -18.24
N ILE C 215 -13.31 27.69 -18.05
CA ILE C 215 -13.21 26.33 -17.56
C ILE C 215 -13.78 25.39 -18.61
N MET C 216 -13.00 24.37 -18.97
CA MET C 216 -13.43 23.34 -19.91
C MET C 216 -13.76 22.09 -19.11
N THR C 217 -15.03 21.76 -19.04
CA THR C 217 -15.52 20.65 -18.21
C THR C 217 -16.04 19.54 -19.11
N ALA C 218 -15.59 18.31 -18.84
CA ALA C 218 -16.08 17.12 -19.53
C ALA C 218 -16.66 16.17 -18.49
N HIS C 219 -17.90 15.75 -18.72
CA HIS C 219 -18.61 14.88 -17.79
C HIS C 219 -18.77 13.49 -18.40
N PHE C 220 -18.48 12.48 -17.60
CA PHE C 220 -18.64 11.08 -18.01
C PHE C 220 -19.78 10.46 -17.23
N HIS C 221 -20.74 9.88 -17.94
CA HIS C 221 -21.91 9.26 -17.33
C HIS C 221 -21.56 7.82 -16.97
N LEU C 222 -21.69 7.48 -15.69
CA LEU C 222 -21.37 6.15 -15.18
C LEU C 222 -22.63 5.52 -14.62
N LYS C 223 -22.91 4.29 -15.07
CA LYS C 223 -24.04 3.51 -14.59
C LYS C 223 -23.49 2.25 -13.93
N ARG C 224 -23.52 2.21 -12.61
CA ARG C 224 -22.99 1.06 -11.88
C ARG C 224 -23.72 -0.21 -12.30
N LYS C 225 -22.94 -1.26 -12.57
CA LYS C 225 -23.50 -2.54 -12.99
C LYS C 225 -23.73 -3.41 -11.77
N ILE C 226 -24.95 -3.93 -11.64
CA ILE C 226 -25.31 -4.77 -10.51
C ILE C 226 -25.05 -6.22 -10.86
N GLY C 227 -24.82 -7.02 -9.82
CA GLY C 227 -24.54 -8.44 -10.00
C GLY C 227 -23.43 -8.91 -9.08
N TYR C 228 -22.46 -8.03 -8.81
CA TYR C 228 -21.42 -8.36 -7.84
C TYR C 228 -21.97 -8.31 -6.42
N PHE C 229 -22.80 -7.31 -6.12
CA PHE C 229 -23.38 -7.22 -4.78
C PHE C 229 -24.47 -8.25 -4.58
N VAL C 230 -25.13 -8.68 -5.65
CA VAL C 230 -26.15 -9.72 -5.55
C VAL C 230 -25.53 -11.01 -5.02
N ILE C 231 -24.37 -11.38 -5.56
CA ILE C 231 -23.68 -12.58 -5.11
C ILE C 231 -22.93 -12.35 -3.80
N GLN C 232 -22.74 -11.09 -3.41
CA GLN C 232 -21.94 -10.75 -2.23
C GLN C 232 -22.81 -10.46 -1.01
N THR C 233 -23.87 -9.68 -1.17
CA THR C 233 -24.68 -9.23 -0.04
C THR C 233 -26.12 -9.71 -0.12
N TYR C 234 -26.81 -9.46 -1.24
CA TYR C 234 -28.24 -9.73 -1.30
C TYR C 234 -28.53 -11.22 -1.15
N LEU C 235 -27.87 -12.06 -1.95
CA LEU C 235 -28.18 -13.49 -1.92
C LEU C 235 -27.94 -14.10 -0.55
N PRO C 236 -26.81 -13.88 0.13
CA PRO C 236 -26.66 -14.43 1.49
C PRO C 236 -27.77 -13.96 2.42
N CYS C 237 -28.18 -12.69 2.31
CA CYS C 237 -29.28 -12.21 3.14
C CYS C 237 -30.59 -12.91 2.79
N ILE C 238 -30.86 -13.09 1.49
CA ILE C 238 -32.11 -13.71 1.07
C ILE C 238 -32.18 -15.15 1.58
N MET C 239 -31.09 -15.90 1.40
CA MET C 239 -31.06 -17.28 1.87
C MET C 239 -31.10 -17.35 3.38
N THR C 240 -30.50 -16.38 4.07
CA THR C 240 -30.53 -16.38 5.53
C THR C 240 -31.95 -16.24 6.05
N VAL C 241 -32.74 -15.36 5.43
CA VAL C 241 -34.14 -15.20 5.84
C VAL C 241 -34.90 -16.50 5.63
N ILE C 242 -34.71 -17.14 4.47
CA ILE C 242 -35.38 -18.41 4.20
C ILE C 242 -34.97 -19.45 5.23
N LEU C 243 -33.70 -19.44 5.64
CA LEU C 243 -33.23 -20.38 6.63
C LEU C 243 -33.99 -20.23 7.95
N SER C 244 -34.23 -18.98 8.38
CA SER C 244 -34.96 -18.75 9.61
C SER C 244 -36.39 -19.27 9.51
N GLN C 245 -37.03 -19.07 8.35
CA GLN C 245 -38.41 -19.51 8.18
C GLN C 245 -38.55 -21.02 8.32
N VAL C 246 -37.47 -21.78 8.17
CA VAL C 246 -37.54 -23.22 8.34
C VAL C 246 -37.95 -23.57 9.76
N SER C 247 -37.57 -22.75 10.73
CA SER C 247 -37.94 -23.03 12.12
C SER C 247 -39.45 -23.07 12.31
N PHE C 248 -40.20 -22.35 11.47
CA PHE C 248 -41.65 -22.36 11.58
C PHE C 248 -42.25 -23.73 11.29
N TRP C 249 -41.52 -24.59 10.58
CA TRP C 249 -42.00 -25.93 10.26
C TRP C 249 -41.58 -26.96 11.30
N LEU C 250 -40.91 -26.55 12.38
CA LEU C 250 -40.46 -27.45 13.43
C LEU C 250 -41.44 -27.44 14.60
N ASN C 251 -41.42 -28.51 15.36
CA ASN C 251 -42.31 -28.64 16.51
C ASN C 251 -41.96 -27.63 17.59
N ARG C 252 -42.99 -27.16 18.29
CA ARG C 252 -42.79 -26.17 19.34
C ARG C 252 -41.92 -26.72 20.46
N GLU C 253 -42.14 -27.97 20.86
CA GLU C 253 -41.39 -28.55 21.95
C GLU C 253 -39.90 -28.65 21.64
N SER C 254 -39.52 -28.61 20.35
CA SER C 254 -38.11 -28.63 19.96
C SER C 254 -37.52 -27.24 20.19
N VAL C 255 -37.42 -26.89 21.47
CA VAL C 255 -36.93 -25.55 21.85
C VAL C 255 -35.50 -25.37 21.38
N ALA C 256 -34.65 -26.36 21.63
CA ALA C 256 -33.24 -26.22 21.27
C ALA C 256 -33.06 -26.12 19.76
N ALA C 257 -33.79 -26.94 19.00
CA ALA C 257 -33.62 -26.94 17.55
C ALA C 257 -33.95 -25.58 16.95
N ARG C 258 -35.09 -25.00 17.36
CA ARG C 258 -35.49 -23.70 16.82
C ARG C 258 -34.64 -22.56 17.34
N THR C 259 -34.03 -22.71 18.51
CA THR C 259 -33.18 -21.66 19.06
C THR C 259 -31.96 -21.42 18.16
N VAL C 260 -31.38 -22.49 17.63
CA VAL C 260 -30.19 -22.35 16.80
C VAL C 260 -30.49 -21.50 15.57
N PHE C 261 -31.62 -21.75 14.92
CA PHE C 261 -31.95 -21.00 13.71
C PHE C 261 -32.03 -19.51 14.00
N GLY C 262 -32.74 -19.12 15.06
CA GLY C 262 -32.90 -17.70 15.35
C GLY C 262 -31.58 -17.03 15.69
N VAL C 263 -30.80 -17.66 16.57
CA VAL C 263 -29.54 -17.06 16.99
C VAL C 263 -28.55 -17.03 15.83
N THR C 264 -28.39 -18.15 15.13
CA THR C 264 -27.40 -18.22 14.06
C THR C 264 -27.73 -17.26 12.93
N THR C 265 -29.01 -17.19 12.54
CA THR C 265 -29.39 -16.31 11.45
C THR C 265 -29.17 -14.84 11.80
N VAL C 266 -29.51 -14.45 13.03
CA VAL C 266 -29.35 -13.05 13.43
C VAL C 266 -27.87 -12.66 13.40
N LEU C 267 -27.01 -13.52 13.93
CA LEU C 267 -25.58 -13.22 13.91
C LEU C 267 -25.05 -13.20 12.48
N THR C 268 -25.53 -14.11 11.64
CA THR C 268 -25.08 -14.15 10.25
C THR C 268 -25.41 -12.83 9.54
N MET C 269 -26.61 -12.31 9.76
CA MET C 269 -26.98 -11.03 9.17
C MET C 269 -26.09 -9.91 9.70
N THR C 270 -25.78 -9.94 11.01
CA THR C 270 -24.99 -8.88 11.60
C THR C 270 -23.60 -8.81 10.98
N THR C 271 -22.95 -9.97 10.79
CA THR C 271 -21.61 -9.98 10.22
C THR C 271 -21.63 -9.57 8.75
N LEU C 272 -22.68 -9.91 8.02
CA LEU C 272 -22.76 -9.51 6.61
C LEU C 272 -22.81 -8.00 6.48
N SER C 273 -23.56 -7.32 7.35
CA SER C 273 -23.62 -5.87 7.29
C SER C 273 -22.25 -5.25 7.52
N ILE C 274 -21.51 -5.76 8.52
CA ILE C 274 -20.17 -5.24 8.78
C ILE C 274 -19.25 -5.55 7.62
N SER C 275 -19.27 -6.79 7.14
CA SER C 275 -18.41 -7.17 6.01
C SER C 275 -18.79 -6.42 4.75
N ALA C 276 -20.10 -6.23 4.52
CA ALA C 276 -20.54 -5.58 3.29
C ALA C 276 -20.01 -4.15 3.20
N ARG C 277 -20.02 -3.43 4.32
CA ARG C 277 -19.61 -2.03 4.31
C ARG C 277 -18.10 -1.85 4.41
N ASN C 278 -17.33 -2.93 4.53
CA ASN C 278 -15.88 -2.80 4.56
C ASN C 278 -15.35 -2.18 3.27
N SER C 279 -15.86 -2.65 2.12
CA SER C 279 -15.48 -2.07 0.85
C SER C 279 -16.19 -0.74 0.60
N LEU C 280 -17.41 -0.59 1.10
CA LEU C 280 -18.17 0.63 0.88
C LEU C 280 -17.49 1.80 1.60
N PRO C 281 -17.54 3.00 1.03
CA PRO C 281 -16.96 4.16 1.72
C PRO C 281 -17.68 4.44 3.02
N LYS C 282 -16.93 5.00 3.98
CA LYS C 282 -17.45 5.29 5.32
C LYS C 282 -18.35 6.54 5.25
N VAL C 283 -19.51 6.35 4.66
CA VAL C 283 -20.50 7.42 4.50
C VAL C 283 -21.42 7.41 5.72
N ALA C 284 -21.68 8.60 6.26
CA ALA C 284 -22.51 8.74 7.45
C ALA C 284 -23.98 8.93 7.10
N TYR C 285 -24.52 8.01 6.30
CA TYR C 285 -25.95 8.00 6.01
C TYR C 285 -26.32 6.61 5.50
N ALA C 286 -27.61 6.32 5.56
CA ALA C 286 -28.11 5.00 5.18
C ALA C 286 -28.30 4.91 3.68
N THR C 287 -27.79 3.84 3.08
CA THR C 287 -27.94 3.57 1.66
C THR C 287 -29.12 2.63 1.43
N ALA C 288 -29.46 2.43 0.16
CA ALA C 288 -30.54 1.53 -0.19
C ALA C 288 -30.23 0.10 0.26
N MET C 289 -28.98 -0.32 0.11
CA MET C 289 -28.58 -1.65 0.56
C MET C 289 -28.75 -1.79 2.07
N ASP C 290 -28.41 -0.73 2.81
CA ASP C 290 -28.54 -0.77 4.26
C ASP C 290 -29.98 -1.02 4.68
N TRP C 291 -30.94 -0.35 4.03
CA TRP C 291 -32.33 -0.57 4.36
C TRP C 291 -32.74 -2.01 4.07
N PHE C 292 -32.27 -2.57 2.95
CA PHE C 292 -32.59 -3.95 2.63
C PHE C 292 -32.06 -4.90 3.70
N ILE C 293 -30.82 -4.66 4.16
CA ILE C 293 -30.27 -5.48 5.23
C ILE C 293 -31.08 -5.33 6.51
N ALA C 294 -31.47 -4.10 6.85
CA ALA C 294 -32.24 -3.88 8.06
C ALA C 294 -33.57 -4.60 8.00
N VAL C 295 -34.25 -4.55 6.85
CA VAL C 295 -35.52 -5.25 6.71
C VAL C 295 -35.31 -6.76 6.85
N CYS C 296 -34.26 -7.29 6.20
CA CYS C 296 -33.96 -8.71 6.34
C CYS C 296 -33.64 -9.05 7.79
N TYR C 297 -32.95 -8.15 8.50
CA TYR C 297 -32.66 -8.38 9.90
C TYR C 297 -33.94 -8.46 10.73
N ALA C 298 -34.94 -7.62 10.39
CA ALA C 298 -36.19 -7.65 11.13
C ALA C 298 -36.90 -8.99 10.98
N PHE C 299 -36.91 -9.54 9.77
CA PHE C 299 -37.60 -10.81 9.55
C PHE C 299 -36.99 -11.92 10.40
N VAL C 300 -35.67 -12.08 10.34
CA VAL C 300 -35.01 -13.10 11.14
C VAL C 300 -35.18 -12.80 12.63
N PHE C 301 -35.02 -11.53 13.02
CA PHE C 301 -35.21 -11.16 14.41
C PHE C 301 -36.66 -11.36 14.83
N SER C 302 -37.61 -11.00 13.97
CA SER C 302 -39.02 -11.18 14.30
C SER C 302 -39.37 -12.65 14.46
N ALA C 303 -38.79 -13.50 13.62
CA ALA C 303 -39.08 -14.94 13.72
C ALA C 303 -38.69 -15.47 15.09
N LEU C 304 -37.55 -15.05 15.61
CA LEU C 304 -37.13 -15.48 16.94
C LEU C 304 -38.13 -15.01 18.00
N LEU C 305 -38.62 -13.78 17.87
CA LEU C 305 -39.60 -13.26 18.82
C LEU C 305 -40.86 -14.12 18.81
N GLU C 306 -41.32 -14.52 17.63
CA GLU C 306 -42.50 -15.38 17.55
C GLU C 306 -42.27 -16.69 18.27
N PHE C 307 -41.10 -17.30 18.08
CA PHE C 307 -40.78 -18.53 18.78
C PHE C 307 -40.74 -18.31 20.29
N ALA C 308 -40.11 -17.22 20.72
CA ALA C 308 -40.07 -16.91 22.15
C ALA C 308 -41.47 -16.65 22.69
N PHE C 309 -42.28 -15.91 21.94
CA PHE C 309 -43.66 -15.65 22.36
C PHE C 309 -44.46 -16.95 22.44
N VAL C 310 -44.28 -17.83 21.46
CA VAL C 310 -44.99 -19.10 21.45
C VAL C 310 -44.60 -19.93 22.67
N ASN C 311 -43.30 -20.01 22.95
CA ASN C 311 -42.84 -20.81 24.08
C ASN C 311 -43.33 -20.27 25.41
N TYR C 312 -43.67 -18.98 25.48
CA TYR C 312 -44.15 -18.40 26.73
C TYR C 312 -45.58 -18.79 27.04
N ILE C 313 -46.42 -18.95 26.01
CA ILE C 313 -47.83 -19.26 26.18
C ILE C 313 -48.17 -20.67 25.73
N THR C 314 -47.17 -21.46 25.36
CA THR C 314 -47.44 -22.83 24.91
C THR C 314 -48.03 -23.70 26.00
N LYS C 315 -47.93 -23.29 27.26
CA LYS C 315 -48.48 -24.04 28.37
C LYS C 315 -49.87 -23.55 28.79
N SER C 316 -50.16 -22.26 28.64
CA SER C 316 -51.44 -21.72 29.07
C SER C 316 -52.52 -21.97 28.03
N GLN C 317 -52.34 -21.46 26.81
CA GLN C 317 -53.32 -21.58 25.73
C GLN C 317 -52.60 -22.11 24.50
N PRO C 318 -52.36 -23.42 24.43
CA PRO C 318 -51.67 -23.97 23.26
C PRO C 318 -52.42 -23.74 21.96
N ALA C 319 -53.74 -23.59 22.01
CA ALA C 319 -54.51 -23.44 20.77
C ALA C 319 -54.06 -22.23 19.98
N ARG C 320 -53.91 -21.09 20.64
CA ARG C 320 -53.47 -19.89 19.95
C ARG C 320 -52.02 -20.02 19.49
N ALA C 321 -51.18 -20.66 20.31
CA ALA C 321 -49.78 -20.82 19.94
C ALA C 321 -49.62 -21.62 18.65
N ALA C 322 -50.38 -22.72 18.52
CA ALA C 322 -50.30 -23.52 17.31
C ALA C 322 -50.79 -22.73 16.10
N LYS C 323 -51.85 -21.95 16.28
CA LYS C 323 -52.39 -21.16 15.16
C LYS C 323 -51.36 -20.17 14.64
N ILE C 324 -50.65 -19.50 15.55
CA ILE C 324 -49.65 -18.52 15.13
C ILE C 324 -48.54 -19.21 14.34
N ASP C 325 -48.08 -20.37 14.82
CA ASP C 325 -47.00 -21.07 14.13
C ASP C 325 -47.40 -21.44 12.71
N LYS C 326 -48.61 -21.97 12.55
CA LYS C 326 -49.08 -22.30 11.21
C LYS C 326 -49.23 -21.06 10.35
N MET C 327 -49.77 -19.98 10.92
CA MET C 327 -49.92 -18.74 10.17
C MET C 327 -48.57 -18.16 9.77
N SER C 328 -47.58 -18.24 10.67
CA SER C 328 -46.27 -17.67 10.38
C SER C 328 -45.64 -18.33 9.15
N ARG C 329 -45.91 -19.62 8.93
CA ARG C 329 -45.34 -20.31 7.78
C ARG C 329 -45.76 -19.69 6.45
N ILE C 330 -46.89 -18.98 6.43
CA ILE C 330 -47.43 -18.39 5.21
C ILE C 330 -47.22 -16.88 5.17
N VAL C 331 -47.44 -16.20 6.29
CA VAL C 331 -47.36 -14.74 6.29
C VAL C 331 -45.95 -14.28 6.00
N PHE C 332 -44.96 -14.84 6.72
CA PHE C 332 -43.59 -14.34 6.60
C PHE C 332 -43.04 -14.48 5.19
N PRO C 333 -43.14 -15.63 4.52
CA PRO C 333 -42.64 -15.70 3.13
C PRO C 333 -43.32 -14.70 2.21
N ILE C 334 -44.61 -14.46 2.37
CA ILE C 334 -45.33 -13.53 1.49
C ILE C 334 -44.80 -12.12 1.68
N LEU C 335 -44.61 -11.69 2.92
CA LEU C 335 -44.13 -10.34 3.17
C LEU C 335 -42.74 -10.14 2.59
N PHE C 336 -41.85 -11.12 2.79
CA PHE C 336 -40.49 -11.00 2.25
C PHE C 336 -40.51 -10.93 0.73
N GLY C 337 -41.32 -11.77 0.09
CA GLY C 337 -41.43 -11.72 -1.36
C GLY C 337 -42.03 -10.42 -1.85
N THR C 338 -43.09 -9.95 -1.18
CA THR C 338 -43.70 -8.68 -1.57
C THR C 338 -42.72 -7.53 -1.39
N PHE C 339 -41.95 -7.54 -0.31
CA PHE C 339 -41.01 -6.46 -0.06
C PHE C 339 -39.96 -6.37 -1.18
N ASN C 340 -39.48 -7.52 -1.64
CA ASN C 340 -38.45 -7.51 -2.68
C ASN C 340 -38.97 -6.85 -3.95
N LEU C 341 -40.20 -7.16 -4.35
CA LEU C 341 -40.76 -6.58 -5.57
C LEU C 341 -40.82 -5.06 -5.47
N VAL C 342 -41.26 -4.55 -4.31
CA VAL C 342 -41.29 -3.11 -4.11
C VAL C 342 -39.86 -2.55 -4.12
N TYR C 343 -38.95 -3.21 -3.42
CA TYR C 343 -37.58 -2.71 -3.33
C TYR C 343 -36.91 -2.68 -4.71
N TRP C 344 -36.93 -3.81 -5.42
CA TRP C 344 -36.28 -3.87 -6.72
C TRP C 344 -36.97 -2.95 -7.73
N ALA C 345 -38.30 -2.97 -7.75
CA ALA C 345 -39.04 -2.14 -8.70
C ALA C 345 -38.82 -0.66 -8.43
N THR C 346 -38.74 -0.27 -7.16
CA THR C 346 -38.61 1.14 -6.81
C THR C 346 -37.35 1.74 -7.40
N TYR C 347 -36.23 1.02 -7.31
CA TYR C 347 -34.95 1.53 -7.81
C TYR C 347 -34.72 1.16 -9.28
N LEU C 348 -35.16 -0.02 -9.70
CA LEU C 348 -34.99 -0.46 -11.08
C LEU C 348 -36.16 0.03 -11.92
N ASN C 349 -36.21 1.36 -12.08
CA ASN C 349 -37.26 1.99 -12.86
C ASN C 349 -36.98 3.49 -13.01
N ASN D 14 46.61 6.84 -29.73
CA ASN D 14 45.91 5.60 -30.09
C ASN D 14 44.47 5.65 -29.64
N ILE D 15 44.21 6.36 -28.55
CA ILE D 15 42.86 6.49 -28.00
C ILE D 15 42.26 7.80 -28.49
N THR D 16 43.11 8.79 -28.75
CA THR D 16 42.62 10.09 -29.23
C THR D 16 41.92 9.98 -30.57
N ILE D 17 42.21 8.93 -31.35
CA ILE D 17 41.56 8.77 -32.65
C ILE D 17 40.06 8.64 -32.47
N PHE D 18 39.63 7.85 -31.47
CA PHE D 18 38.21 7.69 -31.22
C PHE D 18 37.55 9.01 -30.85
N THR D 19 38.24 9.83 -30.06
CA THR D 19 37.66 11.10 -29.64
C THR D 19 37.38 11.99 -30.83
N ARG D 20 38.30 12.05 -31.80
CA ARG D 20 38.08 12.88 -32.98
C ARG D 20 36.89 12.38 -33.78
N ILE D 21 36.72 11.06 -33.89
CA ILE D 21 35.62 10.51 -34.66
C ILE D 21 34.29 10.95 -34.05
N LEU D 22 34.17 10.87 -32.73
CA LEU D 22 32.92 11.26 -32.08
C LEU D 22 32.62 12.73 -32.32
N ASP D 23 33.63 13.59 -32.23
CA ASP D 23 33.42 15.01 -32.46
C ASP D 23 32.95 15.27 -33.88
N GLY D 24 33.54 14.57 -34.85
CA GLY D 24 33.15 14.77 -36.24
C GLY D 24 31.69 14.42 -36.49
N LEU D 25 31.24 13.29 -35.94
CA LEU D 25 29.85 12.89 -36.14
C LEU D 25 28.89 13.90 -35.56
N LEU D 26 29.18 14.41 -34.36
CA LEU D 26 28.30 15.39 -33.73
C LEU D 26 28.36 16.75 -34.40
N ASP D 27 29.34 17.00 -35.26
CA ASP D 27 29.47 18.28 -35.95
C ASP D 27 28.47 18.32 -37.10
N GLY D 28 27.53 19.26 -37.04
CA GLY D 28 26.52 19.39 -38.06
C GLY D 28 25.40 18.37 -37.96
N TYR D 29 25.29 17.64 -36.85
CA TYR D 29 24.27 16.63 -36.66
C TYR D 29 23.17 17.19 -35.78
N ASP D 30 21.93 17.13 -36.27
CA ASP D 30 20.76 17.60 -35.54
C ASP D 30 19.99 16.39 -35.03
N ASN D 31 19.77 16.34 -33.72
CA ASN D 31 19.06 15.24 -33.10
C ASN D 31 17.54 15.39 -33.18
N ARG D 32 17.04 16.53 -33.64
CA ARG D 32 15.61 16.77 -33.76
C ARG D 32 15.03 16.33 -35.09
N LEU D 33 15.87 15.86 -36.02
CA LEU D 33 15.44 15.44 -37.35
C LEU D 33 15.75 13.96 -37.54
N ARG D 34 14.76 13.21 -38.00
CA ARG D 34 14.95 11.79 -38.24
C ARG D 34 15.87 11.59 -39.45
N PRO D 35 16.59 10.47 -39.50
CA PRO D 35 17.46 10.22 -40.65
C PRO D 35 16.65 10.05 -41.93
N GLY D 36 17.23 10.48 -43.04
CA GLY D 36 16.57 10.36 -44.33
C GLY D 36 15.27 11.11 -44.41
N LEU D 37 15.20 12.31 -43.82
CA LEU D 37 13.98 13.09 -43.85
C LEU D 37 13.73 13.63 -45.25
N GLY D 38 12.50 13.44 -45.74
CA GLY D 38 12.16 13.92 -47.06
C GLY D 38 12.88 13.22 -48.19
N GLU D 39 13.50 12.06 -47.92
CA GLU D 39 14.24 11.33 -48.95
C GLU D 39 13.78 9.88 -49.01
N ARG D 40 13.32 9.34 -47.88
CA ARG D 40 12.88 7.96 -47.79
C ARG D 40 12.07 7.80 -46.51
N ILE D 41 11.71 6.55 -46.20
CA ILE D 41 10.96 6.21 -45.00
C ILE D 41 11.88 5.46 -44.06
N THR D 42 12.02 5.96 -42.84
CA THR D 42 12.88 5.32 -41.86
C THR D 42 12.34 3.94 -41.50
N GLN D 43 13.24 2.95 -41.48
CA GLN D 43 12.89 1.58 -41.14
C GLN D 43 13.59 1.20 -39.84
N VAL D 44 12.83 0.70 -38.88
CA VAL D 44 13.33 0.33 -37.57
C VAL D 44 13.03 -1.14 -37.32
N ARG D 45 14.05 -1.88 -36.90
CA ARG D 45 13.91 -3.28 -36.54
C ARG D 45 13.96 -3.41 -35.03
N THR D 46 12.96 -4.09 -34.46
CA THR D 46 12.81 -4.20 -33.02
C THR D 46 12.94 -5.66 -32.61
N ASP D 47 13.76 -5.91 -31.58
CA ASP D 47 13.91 -7.22 -30.99
C ASP D 47 13.77 -7.09 -29.47
N MET D 48 13.06 -8.03 -28.86
CA MET D 48 12.73 -7.97 -27.45
C MET D 48 13.17 -9.23 -26.74
N TYR D 49 13.72 -9.07 -25.54
CA TYR D 49 14.09 -10.18 -24.67
C TYR D 49 13.45 -9.95 -23.31
N VAL D 50 12.72 -10.96 -22.83
CA VAL D 50 11.98 -10.85 -21.57
C VAL D 50 12.87 -11.44 -20.48
N ASN D 51 13.49 -10.56 -19.69
CA ASN D 51 14.32 -11.01 -18.58
C ASN D 51 13.49 -11.75 -17.54
N SER D 52 12.31 -11.21 -17.21
CA SER D 52 11.44 -11.81 -16.20
C SER D 52 10.03 -11.30 -16.41
N PHE D 53 9.06 -12.21 -16.30
CA PHE D 53 7.65 -11.89 -16.43
C PHE D 53 7.09 -11.68 -15.03
N GLY D 54 6.89 -10.42 -14.65
CA GLY D 54 6.43 -10.09 -13.32
C GLY D 54 5.07 -10.67 -13.01
N PRO D 55 4.58 -10.43 -11.79
CA PRO D 55 3.28 -10.98 -11.39
C PRO D 55 2.14 -10.39 -12.22
N VAL D 56 1.11 -11.20 -12.40
CA VAL D 56 -0.09 -10.80 -13.12
C VAL D 56 -1.16 -10.52 -12.07
N SER D 57 -1.44 -9.24 -11.85
CA SER D 57 -2.43 -8.83 -10.86
C SER D 57 -3.82 -8.87 -11.48
N ASP D 58 -4.67 -9.79 -10.99
CA ASP D 58 -6.01 -9.91 -11.53
C ASP D 58 -6.94 -8.81 -11.05
N THR D 59 -6.70 -8.29 -9.84
CA THR D 59 -7.58 -7.25 -9.30
C THR D 59 -7.54 -6.00 -10.17
N GLU D 60 -6.35 -5.59 -10.60
CA GLU D 60 -6.17 -4.38 -11.39
C GLU D 60 -6.10 -4.65 -12.89
N MET D 61 -6.25 -5.91 -13.31
CA MET D 61 -6.19 -6.27 -14.73
C MET D 61 -4.91 -5.75 -15.37
N GLU D 62 -3.78 -5.92 -14.67
CA GLU D 62 -2.49 -5.47 -15.15
C GLU D 62 -1.45 -6.55 -14.88
N TYR D 63 -0.35 -6.47 -15.62
CA TYR D 63 0.77 -7.37 -15.41
C TYR D 63 2.06 -6.58 -15.56
N THR D 64 3.09 -7.04 -14.85
CA THR D 64 4.40 -6.41 -14.87
C THR D 64 5.37 -7.28 -15.66
N ILE D 65 6.12 -6.66 -16.56
CA ILE D 65 7.08 -7.38 -17.39
C ILE D 65 8.35 -6.55 -17.49
N ASP D 66 9.50 -7.22 -17.36
CA ASP D 66 10.80 -6.59 -17.50
C ASP D 66 11.44 -7.13 -18.77
N ILE D 67 11.79 -6.23 -19.69
CA ILE D 67 12.33 -6.60 -20.99
C ILE D 67 13.53 -5.73 -21.30
N PHE D 68 14.39 -6.25 -22.19
CA PHE D 68 15.51 -5.48 -22.74
C PHE D 68 15.13 -5.09 -24.17
N PHE D 69 14.34 -4.02 -24.28
CA PHE D 69 13.86 -3.57 -25.57
C PHE D 69 15.01 -3.02 -26.40
N ALA D 70 15.05 -3.39 -27.68
CA ALA D 70 16.12 -3.00 -28.58
C ALA D 70 15.54 -2.54 -29.91
N GLN D 71 16.20 -1.55 -30.50
CA GLN D 71 15.79 -1.00 -31.80
C GLN D 71 17.03 -0.84 -32.67
N THR D 72 16.86 -1.14 -33.96
CA THR D 72 17.93 -0.99 -34.94
C THR D 72 17.42 -0.18 -36.12
N TRP D 73 18.25 0.74 -36.60
CA TRP D 73 17.90 1.57 -37.73
C TRP D 73 19.16 2.05 -38.43
N LYS D 74 18.98 2.56 -39.64
CA LYS D 74 20.08 3.01 -40.48
C LYS D 74 20.14 4.53 -40.49
N ASP D 75 21.33 5.07 -40.25
CA ASP D 75 21.55 6.51 -40.25
C ASP D 75 22.85 6.79 -40.98
N GLU D 76 22.75 7.45 -42.14
CA GLU D 76 23.93 7.76 -42.94
C GLU D 76 24.76 8.90 -42.35
N ARG D 77 24.17 9.73 -41.49
CA ARG D 77 24.89 10.84 -40.90
C ARG D 77 25.97 10.39 -39.91
N LEU D 78 25.94 9.14 -39.47
CA LEU D 78 26.89 8.64 -38.49
C LEU D 78 28.01 7.81 -39.12
N ARG D 79 28.13 7.84 -40.45
CA ARG D 79 29.19 7.09 -41.11
C ARG D 79 30.56 7.59 -40.68
N PHE D 80 31.49 6.67 -40.50
CA PHE D 80 32.83 7.00 -40.08
C PHE D 80 33.80 5.93 -40.58
N LYS D 81 35.07 6.29 -40.63
CA LYS D 81 36.14 5.38 -41.05
C LYS D 81 37.22 5.35 -39.97
N GLY D 82 37.62 4.15 -39.58
CA GLY D 82 38.64 3.99 -38.56
C GLY D 82 39.09 2.55 -38.42
N PRO D 83 40.15 2.34 -37.65
CA PRO D 83 40.65 0.97 -37.46
C PRO D 83 39.64 0.04 -36.82
N MET D 84 38.79 0.55 -35.94
CA MET D 84 37.80 -0.25 -35.23
C MET D 84 36.47 -0.17 -35.96
N GLN D 85 35.87 -1.33 -36.23
CA GLN D 85 34.63 -1.39 -36.99
C GLN D 85 33.40 -1.10 -36.14
N ARG D 86 33.53 -1.10 -34.82
CA ARG D 86 32.39 -0.86 -33.93
C ARG D 86 32.81 0.12 -32.84
N LEU D 87 31.83 0.85 -32.32
CA LEU D 87 32.06 1.87 -31.30
C LEU D 87 31.08 1.65 -30.15
N PRO D 88 31.35 0.68 -29.28
CA PRO D 88 30.51 0.53 -28.07
C PRO D 88 30.52 1.79 -27.23
N LEU D 89 29.36 2.14 -26.69
CA LEU D 89 29.21 3.37 -25.93
C LEU D 89 28.17 3.14 -24.84
N ASN D 90 27.74 4.23 -24.20
CA ASN D 90 26.79 4.16 -23.11
C ASN D 90 25.75 5.27 -23.31
N ASN D 91 24.95 5.52 -22.27
CA ASN D 91 23.85 6.47 -22.36
C ASN D 91 24.32 7.91 -22.58
N LEU D 92 25.61 8.20 -22.38
CA LEU D 92 26.07 9.58 -22.48
C LEU D 92 25.81 10.15 -23.87
N LEU D 93 26.09 9.38 -24.92
CA LEU D 93 25.89 9.84 -26.29
C LEU D 93 24.48 9.58 -26.80
N ALA D 94 23.64 8.87 -26.05
CA ALA D 94 22.30 8.58 -26.52
C ALA D 94 21.49 9.86 -26.70
N SER D 95 21.59 10.79 -25.76
CA SER D 95 20.84 12.04 -25.85
C SER D 95 21.39 12.97 -26.92
N LYS D 96 22.63 12.75 -27.38
CA LYS D 96 23.25 13.62 -28.36
C LYS D 96 22.79 13.34 -29.78
N ILE D 97 22.10 12.22 -30.02
CA ILE D 97 21.65 11.86 -31.36
C ILE D 97 20.14 11.70 -31.36
N TRP D 98 19.58 11.37 -32.52
CA TRP D 98 18.14 11.20 -32.67
C TRP D 98 17.76 9.74 -32.41
N THR D 99 16.70 9.56 -31.64
CA THR D 99 16.15 8.24 -31.35
C THR D 99 14.64 8.25 -31.54
N PRO D 100 14.05 7.12 -31.91
CA PRO D 100 12.60 7.09 -32.11
C PRO D 100 11.85 7.33 -30.81
N ASP D 101 10.68 7.94 -30.93
CA ASP D 101 9.81 8.21 -29.78
C ASP D 101 8.89 7.03 -29.50
N THR D 102 9.49 5.85 -29.35
CA THR D 102 8.71 4.64 -29.11
C THR D 102 8.01 4.71 -27.76
N PHE D 103 6.78 4.21 -27.71
CA PHE D 103 6.01 4.18 -26.48
C PHE D 103 5.02 3.03 -26.55
N PHE D 104 4.49 2.66 -25.39
CA PHE D 104 3.54 1.56 -25.27
C PHE D 104 2.12 2.14 -25.22
N HIS D 105 1.30 1.80 -26.22
CA HIS D 105 -0.05 2.33 -26.29
C HIS D 105 -0.93 1.83 -25.15
N ASN D 106 -0.57 0.72 -24.51
CA ASN D 106 -1.36 0.15 -23.43
C ASN D 106 -0.69 0.25 -22.07
N GLY D 107 0.60 0.59 -22.02
CA GLY D 107 1.30 0.72 -20.76
C GLY D 107 0.69 1.77 -19.85
N LYS D 108 0.42 1.40 -18.60
CA LYS D 108 -0.13 2.34 -17.63
C LYS D 108 0.94 3.07 -16.84
N LYS D 109 2.06 2.42 -16.57
CA LYS D 109 3.16 3.08 -15.85
C LYS D 109 4.44 2.33 -16.19
N SER D 110 5.30 2.97 -16.99
CA SER D 110 6.57 2.39 -17.43
C SER D 110 7.71 3.23 -16.89
N PHE D 111 8.67 2.57 -16.24
CA PHE D 111 9.85 3.24 -15.71
C PHE D 111 11.08 2.39 -15.99
N ALA D 112 12.22 3.05 -16.10
CA ALA D 112 13.49 2.38 -16.36
C ALA D 112 14.30 2.27 -15.06
N HIS D 113 15.47 1.67 -15.17
CA HIS D 113 16.38 1.49 -14.03
C HIS D 113 17.61 2.35 -14.25
N TRP D 114 17.92 3.19 -13.27
CA TRP D 114 19.03 4.13 -13.37
C TRP D 114 20.23 3.74 -12.53
N MET D 115 20.15 2.64 -11.77
CA MET D 115 21.22 2.20 -10.90
C MET D 115 21.82 0.89 -11.42
N THR D 116 23.15 0.79 -11.40
CA THR D 116 24.11 1.79 -10.98
C THR D 116 24.20 2.93 -12.00
N THR D 117 24.04 2.56 -13.27
CA THR D 117 24.06 3.49 -14.39
C THR D 117 22.85 3.24 -15.27
N PRO D 118 22.29 4.28 -15.90
CA PRO D 118 21.19 4.06 -16.84
C PRO D 118 21.48 2.93 -17.82
N ASN D 119 20.65 1.89 -17.78
CA ASN D 119 20.90 0.67 -18.55
C ASN D 119 20.54 0.93 -20.01
N ARG D 120 21.51 1.49 -20.74
CA ARG D 120 21.35 1.78 -22.16
C ARG D 120 22.67 1.52 -22.87
N MET D 121 22.57 1.19 -24.15
CA MET D 121 23.73 0.94 -24.99
C MET D 121 23.55 1.64 -26.33
N LEU D 122 24.68 1.96 -26.96
CA LEU D 122 24.66 2.64 -28.26
C LEU D 122 25.86 2.14 -29.05
N ARG D 123 25.61 1.27 -30.03
CA ARG D 123 26.65 0.70 -30.88
C ARG D 123 26.44 1.19 -32.30
N ILE D 124 27.53 1.65 -32.93
CA ILE D 124 27.47 2.24 -34.26
C ILE D 124 28.52 1.56 -35.13
N TRP D 125 28.14 1.20 -36.34
CA TRP D 125 29.03 0.59 -37.30
C TRP D 125 29.44 1.60 -38.37
N ASN D 126 30.41 1.20 -39.20
CA ASN D 126 30.91 2.09 -40.23
C ASN D 126 29.82 2.45 -41.24
N ASP D 127 29.00 1.46 -41.62
CA ASP D 127 27.94 1.71 -42.59
C ASP D 127 26.89 2.68 -42.07
N GLY D 128 26.85 2.93 -40.77
CA GLY D 128 25.87 3.82 -40.17
C GLY D 128 24.77 3.12 -39.41
N ARG D 129 24.76 1.79 -39.38
CA ARG D 129 23.75 1.08 -38.61
C ARG D 129 23.90 1.37 -37.13
N VAL D 130 22.78 1.52 -36.44
CA VAL D 130 22.76 1.92 -35.03
C VAL D 130 21.97 0.88 -34.25
N LEU D 131 22.52 0.45 -33.12
CA LEU D 131 21.84 -0.45 -32.20
C LEU D 131 21.65 0.28 -30.87
N TYR D 132 20.41 0.23 -30.36
CA TYR D 132 20.04 0.95 -29.14
C TYR D 132 19.13 0.05 -28.32
N THR D 133 19.64 -0.47 -27.22
CA THR D 133 18.89 -1.36 -26.34
C THR D 133 18.61 -0.65 -25.02
N LEU D 134 17.40 -0.86 -24.50
CA LEU D 134 16.97 -0.22 -23.27
C LEU D 134 16.26 -1.25 -22.39
N ARG D 135 16.40 -1.07 -21.08
CA ARG D 135 15.74 -1.92 -20.09
C ARG D 135 14.55 -1.17 -19.52
N LEU D 136 13.39 -1.84 -19.48
CA LEU D 136 12.16 -1.21 -19.05
C LEU D 136 11.35 -2.19 -18.21
N THR D 137 10.51 -1.63 -17.35
CA THR D 137 9.54 -2.39 -16.56
C THR D 137 8.16 -1.81 -16.86
N ILE D 138 7.34 -2.58 -17.56
CA ILE D 138 6.06 -2.10 -18.08
C ILE D 138 4.94 -2.71 -17.25
N SER D 139 4.11 -1.85 -16.66
CA SER D 139 2.92 -2.28 -15.95
C SER D 139 1.69 -2.17 -16.85
N ALA D 140 1.71 -2.96 -17.91
CA ALA D 140 0.65 -2.90 -18.91
C ALA D 140 -0.66 -3.47 -18.36
N GLU D 141 -1.74 -3.17 -19.08
CA GLU D 141 -3.07 -3.62 -18.71
C GLU D 141 -3.47 -4.80 -19.59
N CYS D 142 -3.98 -5.86 -18.96
CA CYS D 142 -4.37 -7.09 -19.64
C CYS D 142 -5.80 -7.44 -19.27
N PRO D 143 -6.79 -6.92 -19.99
CA PRO D 143 -8.18 -7.28 -19.68
C PRO D 143 -8.40 -8.78 -19.81
N MET D 144 -9.20 -9.33 -18.91
CA MET D 144 -9.45 -10.76 -18.84
C MET D 144 -10.95 -11.01 -18.79
N ASP D 145 -11.39 -12.06 -19.48
CA ASP D 145 -12.78 -12.49 -19.47
C ASP D 145 -12.88 -13.70 -18.54
N LEU D 146 -13.29 -13.45 -17.30
CA LEU D 146 -13.35 -14.50 -16.29
C LEU D 146 -14.66 -15.26 -16.34
N GLU D 147 -15.01 -15.76 -17.53
CA GLU D 147 -16.24 -16.54 -17.68
C GLU D 147 -16.02 -18.01 -17.33
N ASP D 148 -14.83 -18.54 -17.63
CA ASP D 148 -14.49 -19.92 -17.31
C ASP D 148 -13.51 -20.01 -16.14
N PHE D 149 -13.44 -18.95 -15.33
CA PHE D 149 -12.49 -18.94 -14.23
C PHE D 149 -12.78 -20.09 -13.27
N PRO D 150 -11.75 -20.80 -12.79
CA PRO D 150 -10.32 -20.62 -13.05
C PRO D 150 -9.84 -21.33 -14.31
N MET D 151 -10.71 -22.03 -15.04
CA MET D 151 -10.32 -22.70 -16.28
C MET D 151 -10.42 -21.70 -17.45
N ASP D 152 -9.59 -20.66 -17.36
CA ASP D 152 -9.58 -19.58 -18.33
C ASP D 152 -8.18 -19.42 -18.91
N GLU D 153 -8.13 -19.06 -20.20
CA GLU D 153 -6.88 -18.78 -20.89
C GLU D 153 -6.84 -17.30 -21.25
N GLN D 154 -5.74 -16.64 -20.89
CA GLN D 154 -5.59 -15.20 -21.08
C GLN D 154 -4.51 -14.93 -22.12
N ASN D 155 -4.78 -13.96 -22.99
CA ASN D 155 -3.86 -13.55 -24.06
C ASN D 155 -3.52 -12.09 -23.83
N CYS D 156 -2.51 -11.84 -23.01
CA CYS D 156 -2.11 -10.47 -22.69
C CYS D 156 -1.27 -9.90 -23.83
N PRO D 157 -1.69 -8.81 -24.46
CA PRO D 157 -0.91 -8.21 -25.54
C PRO D 157 0.10 -7.19 -25.04
N LEU D 158 0.95 -6.74 -25.97
CA LEU D 158 1.93 -5.70 -25.67
C LEU D 158 2.07 -4.86 -26.93
N LYS D 159 1.45 -3.68 -26.94
CA LYS D 159 1.39 -2.80 -28.10
C LYS D 159 2.32 -1.63 -27.89
N PHE D 160 3.13 -1.33 -28.91
CA PHE D 160 4.03 -0.19 -28.87
C PHE D 160 4.22 0.34 -30.28
N GLY D 161 4.62 1.60 -30.36
CA GLY D 161 4.83 2.23 -31.66
C GLY D 161 5.26 3.66 -31.48
N SER D 162 5.42 4.34 -32.62
CA SER D 162 5.83 5.74 -32.62
C SER D 162 4.70 6.63 -32.09
N TYR D 163 5.09 7.70 -31.42
CA TYR D 163 4.14 8.66 -30.88
C TYR D 163 3.95 9.89 -31.76
N ALA D 164 4.97 10.27 -32.54
CA ALA D 164 4.91 11.46 -33.37
C ALA D 164 5.15 11.20 -34.85
N TYR D 165 5.75 10.06 -35.21
CA TYR D 165 6.08 9.78 -36.59
C TYR D 165 5.07 8.78 -37.15
N PRO D 166 4.22 9.16 -38.12
CA PRO D 166 3.24 8.21 -38.65
C PRO D 166 3.88 7.10 -39.45
N ASN D 167 3.04 6.20 -39.99
CA ASN D 167 3.55 5.07 -40.77
C ASN D 167 4.29 5.53 -42.01
N SER D 168 3.93 6.70 -42.55
CA SER D 168 4.57 7.19 -43.76
C SER D 168 6.01 7.65 -43.53
N GLU D 169 6.44 7.79 -42.28
CA GLU D 169 7.78 8.25 -41.96
C GLU D 169 8.61 7.21 -41.23
N VAL D 170 8.05 6.57 -40.20
CA VAL D 170 8.75 5.57 -39.41
C VAL D 170 7.91 4.30 -39.41
N VAL D 171 8.56 3.17 -39.72
CA VAL D 171 7.89 1.87 -39.77
C VAL D 171 8.66 0.90 -38.89
N TYR D 172 7.94 0.16 -38.05
CA TYR D 172 8.52 -0.85 -37.18
C TYR D 172 8.25 -2.23 -37.76
N VAL D 173 9.29 -3.06 -37.82
CA VAL D 173 9.19 -4.41 -38.34
C VAL D 173 9.99 -5.34 -37.45
N TRP D 174 9.43 -6.50 -37.13
CA TRP D 174 10.16 -7.50 -36.37
C TRP D 174 11.31 -8.04 -37.18
N THR D 175 12.40 -8.39 -36.48
CA THR D 175 13.60 -8.89 -37.12
C THR D 175 13.59 -10.42 -37.12
N ASN D 176 13.87 -11.01 -38.26
CA ASN D 176 13.92 -12.47 -38.41
C ASN D 176 12.53 -13.03 -38.07
N GLY D 177 12.48 -14.26 -37.56
CA GLY D 177 11.22 -14.90 -37.25
C GLY D 177 10.68 -14.50 -35.89
N SER D 178 9.52 -15.07 -35.55
CA SER D 178 8.89 -14.75 -34.28
C SER D 178 9.75 -15.22 -33.11
N THR D 179 10.34 -16.41 -33.22
CA THR D 179 11.14 -16.94 -32.12
C THR D 179 12.31 -16.02 -31.79
N LYS D 180 13.02 -15.54 -32.81
CA LYS D 180 14.15 -14.66 -32.57
C LYS D 180 13.70 -13.26 -32.16
N SER D 181 12.56 -12.79 -32.69
CA SER D 181 12.10 -11.44 -32.38
C SER D 181 11.79 -11.30 -30.89
N VAL D 182 11.13 -12.29 -30.30
CA VAL D 182 10.77 -12.27 -28.88
C VAL D 182 11.37 -13.51 -28.23
N VAL D 183 12.11 -13.30 -27.14
CA VAL D 183 12.75 -14.38 -26.40
C VAL D 183 12.44 -14.20 -24.93
N VAL D 184 12.10 -15.30 -24.25
CA VAL D 184 11.77 -15.30 -22.84
C VAL D 184 12.76 -16.19 -22.12
N ALA D 185 13.34 -15.68 -21.03
CA ALA D 185 14.29 -16.45 -20.25
C ALA D 185 13.62 -17.66 -19.61
N GLU D 186 14.39 -18.73 -19.44
CA GLU D 186 13.85 -19.96 -18.87
C GLU D 186 13.32 -19.72 -17.46
N ASP D 187 14.09 -19.00 -16.64
CA ASP D 187 13.66 -18.68 -15.27
C ASP D 187 12.77 -17.45 -15.20
N GLY D 188 12.69 -16.66 -16.28
CA GLY D 188 11.84 -15.48 -16.25
C GLY D 188 10.37 -15.83 -16.16
N SER D 189 9.95 -16.85 -16.91
CA SER D 189 8.54 -17.24 -16.97
C SER D 189 8.23 -18.13 -15.77
N ARG D 190 8.11 -17.50 -14.60
CA ARG D 190 7.78 -18.19 -13.35
C ARG D 190 6.65 -17.40 -12.69
N LEU D 191 5.42 -17.85 -12.90
CA LEU D 191 4.24 -17.23 -12.32
C LEU D 191 3.57 -18.21 -11.36
N ASN D 192 3.20 -17.70 -10.18
CA ASN D 192 2.64 -18.56 -9.15
C ASN D 192 1.28 -19.12 -9.52
N GLN D 193 0.55 -18.47 -10.44
CA GLN D 193 -0.77 -18.93 -10.82
C GLN D 193 -1.00 -18.83 -12.32
N TYR D 194 0.06 -18.99 -13.12
CA TYR D 194 -0.07 -18.95 -14.57
C TYR D 194 1.07 -19.73 -15.20
N HIS D 195 0.82 -20.25 -16.40
CA HIS D 195 1.83 -20.91 -17.22
C HIS D 195 1.96 -20.17 -18.54
N LEU D 196 3.20 -19.90 -18.94
CA LEU D 196 3.47 -19.22 -20.20
C LEU D 196 3.53 -20.27 -21.31
N MET D 197 2.43 -20.41 -22.05
CA MET D 197 2.32 -21.44 -23.07
C MET D 197 3.03 -21.07 -24.37
N GLY D 198 3.37 -19.81 -24.57
CA GLY D 198 4.03 -19.39 -25.78
C GLY D 198 3.89 -17.90 -26.01
N GLN D 199 4.45 -17.46 -27.13
CA GLN D 199 4.44 -16.05 -27.51
C GLN D 199 4.14 -15.94 -29.00
N THR D 200 3.54 -14.82 -29.38
CA THR D 200 3.26 -14.53 -30.79
C THR D 200 3.42 -13.03 -31.01
N VAL D 201 3.67 -12.68 -32.28
CA VAL D 201 3.90 -11.29 -32.67
C VAL D 201 3.08 -10.99 -33.92
N GLY D 202 2.87 -9.70 -34.15
CA GLY D 202 2.12 -9.25 -35.32
C GLY D 202 2.26 -7.77 -35.50
N THR D 203 1.89 -7.32 -36.69
CA THR D 203 1.95 -5.90 -37.06
C THR D 203 0.65 -5.49 -37.72
N GLU D 204 0.27 -4.23 -37.51
CA GLU D 204 -0.96 -3.71 -38.09
C GLU D 204 -0.86 -2.19 -38.15
N ASN D 205 -1.73 -1.61 -38.97
CA ASN D 205 -1.84 -0.16 -39.13
C ASN D 205 -3.19 0.30 -38.58
N ILE D 206 -3.15 1.33 -37.74
CA ILE D 206 -4.36 1.91 -37.15
C ILE D 206 -4.56 3.31 -37.72
N SER D 207 -5.81 3.62 -38.07
CA SER D 207 -6.15 4.93 -38.60
C SER D 207 -6.58 5.84 -37.47
N THR D 208 -5.88 6.96 -37.31
CA THR D 208 -6.13 7.91 -36.24
C THR D 208 -6.28 9.30 -36.82
N SER D 209 -6.94 10.17 -36.05
CA SER D 209 -7.10 11.56 -36.48
C SER D 209 -5.76 12.21 -36.76
N THR D 210 -4.75 11.91 -35.94
CA THR D 210 -3.41 12.45 -36.16
C THR D 210 -2.73 11.85 -37.39
N GLY D 211 -3.13 10.65 -37.80
CA GLY D 211 -2.55 9.99 -38.94
C GLY D 211 -2.58 8.49 -38.73
N GLU D 212 -1.91 7.78 -39.64
CA GLU D 212 -1.81 6.33 -39.58
C GLU D 212 -0.49 5.94 -38.93
N TYR D 213 -0.55 5.08 -37.92
CA TYR D 213 0.62 4.62 -37.19
C TYR D 213 0.68 3.10 -37.22
N THR D 214 1.88 2.57 -37.43
CA THR D 214 2.10 1.13 -37.36
C THR D 214 2.16 0.69 -35.90
N ILE D 215 1.54 -0.45 -35.61
CA ILE D 215 1.46 -0.98 -34.26
C ILE D 215 2.15 -2.34 -34.23
N MET D 216 3.09 -2.50 -33.29
CA MET D 216 3.79 -3.76 -33.08
C MET D 216 3.19 -4.41 -31.84
N THR D 217 2.46 -5.50 -32.03
CA THR D 217 1.73 -6.18 -30.96
C THR D 217 2.37 -7.54 -30.70
N ALA D 218 2.65 -7.82 -29.43
CA ALA D 218 3.14 -9.12 -29.00
C ALA D 218 2.16 -9.70 -27.99
N HIS D 219 1.71 -10.93 -28.23
CA HIS D 219 0.73 -11.59 -27.40
C HIS D 219 1.39 -12.73 -26.63
N PHE D 220 1.11 -12.82 -25.34
CA PHE D 220 1.61 -13.88 -24.49
C PHE D 220 0.45 -14.78 -24.08
N HIS D 221 0.59 -16.08 -24.32
CA HIS D 221 -0.45 -17.04 -24.00
C HIS D 221 -0.27 -17.48 -22.55
N LEU D 222 -1.31 -17.30 -21.74
CA LEU D 222 -1.28 -17.63 -20.32
C LEU D 222 -2.32 -18.71 -20.04
N LYS D 223 -1.89 -19.79 -19.39
CA LYS D 223 -2.77 -20.87 -18.98
C LYS D 223 -2.74 -20.95 -17.46
N ARG D 224 -3.82 -20.49 -16.82
CA ARG D 224 -3.88 -20.49 -15.37
C ARG D 224 -3.71 -21.91 -14.85
N LYS D 225 -2.86 -22.07 -13.83
CA LYS D 225 -2.60 -23.37 -13.23
C LYS D 225 -3.54 -23.58 -12.05
N ILE D 226 -4.24 -24.71 -12.06
CA ILE D 226 -5.20 -25.02 -11.00
C ILE D 226 -4.49 -25.80 -9.92
N GLY D 227 -5.03 -25.71 -8.70
CA GLY D 227 -4.46 -26.39 -7.55
C GLY D 227 -4.47 -25.51 -6.32
N TYR D 228 -4.30 -24.20 -6.51
CA TYR D 228 -4.42 -23.26 -5.39
C TYR D 228 -5.88 -23.11 -4.97
N PHE D 229 -6.78 -23.01 -5.96
CA PHE D 229 -8.20 -22.87 -5.63
C PHE D 229 -8.80 -24.18 -5.14
N VAL D 230 -8.23 -25.31 -5.57
CA VAL D 230 -8.71 -26.61 -5.08
C VAL D 230 -8.53 -26.70 -3.57
N ILE D 231 -7.35 -26.30 -3.08
CA ILE D 231 -7.10 -26.31 -1.64
C ILE D 231 -7.76 -25.14 -0.93
N GLN D 232 -8.19 -24.12 -1.67
CA GLN D 232 -8.75 -22.90 -1.09
C GLN D 232 -10.26 -22.90 -1.08
N THR D 233 -10.90 -23.27 -2.19
CA THR D 233 -12.35 -23.16 -2.33
C THR D 233 -13.02 -24.51 -2.55
N TYR D 234 -12.56 -25.30 -3.53
CA TYR D 234 -13.28 -26.51 -3.90
C TYR D 234 -13.28 -27.53 -2.77
N LEU D 235 -12.11 -27.83 -2.21
CA LEU D 235 -12.04 -28.87 -1.18
C LEU D 235 -12.89 -28.54 0.03
N PRO D 236 -12.81 -27.34 0.61
CA PRO D 236 -13.72 -27.03 1.73
C PRO D 236 -15.18 -27.20 1.37
N CYS D 237 -15.58 -26.81 0.15
CA CYS D 237 -16.94 -27.01 -0.28
C CYS D 237 -17.28 -28.49 -0.40
N ILE D 238 -16.37 -29.28 -0.97
CA ILE D 238 -16.64 -30.71 -1.14
C ILE D 238 -16.80 -31.39 0.21
N MET D 239 -15.90 -31.11 1.14
CA MET D 239 -16.00 -31.72 2.46
C MET D 239 -17.22 -31.21 3.22
N THR D 240 -17.60 -29.95 3.00
CA THR D 240 -18.79 -29.41 3.66
C THR D 240 -20.04 -30.17 3.24
N VAL D 241 -20.16 -30.46 1.95
CA VAL D 241 -21.32 -31.23 1.47
C VAL D 241 -21.34 -32.61 2.10
N ILE D 242 -20.18 -33.27 2.15
CA ILE D 242 -20.12 -34.59 2.76
C ILE D 242 -20.50 -34.51 4.23
N LEU D 243 -20.10 -33.43 4.90
CA LEU D 243 -20.45 -33.26 6.31
C LEU D 243 -21.97 -33.23 6.50
N SER D 244 -22.67 -32.50 5.62
CA SER D 244 -24.13 -32.44 5.73
C SER D 244 -24.76 -33.81 5.53
N GLN D 245 -24.24 -34.60 4.58
CA GLN D 245 -24.81 -35.91 4.32
C GLN D 245 -24.72 -36.84 5.53
N VAL D 246 -23.83 -36.54 6.48
CA VAL D 246 -23.74 -37.36 7.68
C VAL D 246 -25.04 -37.33 8.46
N SER D 247 -25.76 -36.21 8.41
CA SER D 247 -27.03 -36.11 9.14
C SER D 247 -28.03 -37.14 8.66
N PHE D 248 -27.92 -37.59 7.40
CA PHE D 248 -28.84 -38.61 6.90
C PHE D 248 -28.69 -39.93 7.62
N TRP D 249 -27.55 -40.18 8.26
CA TRP D 249 -27.31 -41.42 8.99
C TRP D 249 -27.71 -41.32 10.46
N LEU D 250 -28.27 -40.20 10.89
CA LEU D 250 -28.67 -39.99 12.27
C LEU D 250 -30.17 -40.24 12.43
N ASN D 251 -30.56 -40.56 13.65
CA ASN D 251 -31.96 -40.85 13.94
C ASN D 251 -32.81 -39.60 13.77
N ARG D 252 -34.06 -39.81 13.33
CA ARG D 252 -34.97 -38.68 13.11
C ARG D 252 -35.26 -37.94 14.41
N GLU D 253 -35.47 -38.69 15.50
CA GLU D 253 -35.80 -38.06 16.77
C GLU D 253 -34.67 -37.15 17.27
N SER D 254 -33.45 -37.35 16.79
CA SER D 254 -32.32 -36.50 17.17
C SER D 254 -32.43 -35.18 16.41
N VAL D 255 -33.46 -34.41 16.77
CA VAL D 255 -33.73 -33.15 16.08
C VAL D 255 -32.58 -32.18 16.26
N ALA D 256 -32.11 -32.04 17.50
CA ALA D 256 -31.04 -31.09 17.78
C ALA D 256 -29.76 -31.47 17.06
N ALA D 257 -29.41 -32.75 17.06
CA ALA D 257 -28.15 -33.19 16.46
C ALA D 257 -28.12 -32.87 14.97
N ARG D 258 -29.20 -33.19 14.25
CA ARG D 258 -29.24 -32.95 12.82
C ARG D 258 -29.39 -31.47 12.49
N THR D 259 -29.96 -30.67 13.39
CA THR D 259 -30.10 -29.25 13.13
C THR D 259 -28.75 -28.57 13.01
N VAL D 260 -27.77 -28.98 13.84
CA VAL D 260 -26.46 -28.34 13.81
C VAL D 260 -25.81 -28.53 12.44
N PHE D 261 -25.88 -29.74 11.89
CA PHE D 261 -25.26 -30.01 10.60
C PHE D 261 -25.81 -29.09 9.52
N GLY D 262 -27.14 -28.98 9.43
CA GLY D 262 -27.73 -28.17 8.38
C GLY D 262 -27.38 -26.70 8.52
N VAL D 263 -27.50 -26.16 9.73
CA VAL D 263 -27.23 -24.74 9.95
C VAL D 263 -25.75 -24.45 9.77
N THR D 264 -24.89 -25.25 10.40
CA THR D 264 -23.46 -24.99 10.33
C THR D 264 -22.94 -25.10 8.91
N THR D 265 -23.37 -26.12 8.18
CA THR D 265 -22.88 -26.30 6.82
C THR D 265 -23.31 -25.16 5.91
N VAL D 266 -24.56 -24.72 6.04
CA VAL D 266 -25.05 -23.64 5.18
C VAL D 266 -24.26 -22.36 5.42
N LEU D 267 -24.03 -22.02 6.69
CA LEU D 267 -23.24 -20.83 7.01
C LEU D 267 -21.81 -20.97 6.53
N THR D 268 -21.24 -22.18 6.67
CA THR D 268 -19.86 -22.39 6.22
C THR D 268 -19.73 -22.15 4.73
N MET D 269 -20.70 -22.63 3.93
CA MET D 269 -20.67 -22.36 2.50
C MET D 269 -20.81 -20.88 2.21
N THR D 270 -21.66 -20.18 2.96
CA THR D 270 -21.89 -18.76 2.71
C THR D 270 -20.61 -17.97 2.91
N THR D 271 -19.87 -18.23 3.99
CA THR D 271 -18.65 -17.48 4.25
C THR D 271 -17.56 -17.81 3.23
N LEU D 272 -17.51 -19.06 2.76
CA LEU D 272 -16.51 -19.42 1.75
C LEU D 272 -16.72 -18.62 0.46
N SER D 273 -17.98 -18.46 0.05
CA SER D 273 -18.24 -17.67 -1.16
C SER D 273 -17.76 -16.24 -1.00
N ILE D 274 -18.04 -15.62 0.15
CA ILE D 274 -17.58 -14.27 0.38
C ILE D 274 -16.06 -14.22 0.45
N SER D 275 -15.45 -15.14 1.20
CA SER D 275 -13.99 -15.16 1.31
C SER D 275 -13.34 -15.48 -0.03
N ALA D 276 -13.93 -16.40 -0.79
CA ALA D 276 -13.34 -16.80 -2.06
C ALA D 276 -13.23 -15.64 -3.03
N ARG D 277 -14.26 -14.80 -3.09
CA ARG D 277 -14.29 -13.69 -4.04
C ARG D 277 -13.53 -12.46 -3.55
N ASN D 278 -12.99 -12.49 -2.33
CA ASN D 278 -12.21 -11.34 -1.86
C ASN D 278 -10.99 -11.11 -2.74
N SER D 279 -10.28 -12.18 -3.10
CA SER D 279 -9.16 -12.04 -4.02
C SER D 279 -9.63 -11.88 -5.46
N LEU D 280 -10.74 -12.50 -5.82
CA LEU D 280 -11.23 -12.41 -7.19
C LEU D 280 -11.64 -10.99 -7.52
N PRO D 281 -11.43 -10.54 -8.76
CA PRO D 281 -11.88 -9.19 -9.13
C PRO D 281 -13.39 -9.05 -9.02
N LYS D 282 -13.82 -7.82 -8.72
CA LYS D 282 -15.25 -7.52 -8.54
C LYS D 282 -15.94 -7.47 -9.89
N VAL D 283 -16.09 -8.65 -10.48
CA VAL D 283 -16.74 -8.80 -11.78
C VAL D 283 -18.23 -9.00 -11.57
N ALA D 284 -19.04 -8.30 -12.37
CA ALA D 284 -20.50 -8.37 -12.24
C ALA D 284 -21.09 -9.46 -13.14
N TYR D 285 -20.58 -10.67 -13.00
CA TYR D 285 -21.16 -11.82 -13.67
C TYR D 285 -20.71 -13.09 -12.95
N ALA D 286 -21.44 -14.18 -13.19
CA ALA D 286 -21.17 -15.44 -12.52
C ALA D 286 -20.06 -16.19 -13.23
N THR D 287 -19.09 -16.68 -12.45
CA THR D 287 -18.00 -17.48 -12.96
C THR D 287 -18.31 -18.96 -12.78
N ALA D 288 -17.44 -19.80 -13.35
CA ALA D 288 -17.62 -21.24 -13.22
C ALA D 288 -17.53 -21.67 -11.76
N MET D 289 -16.60 -21.07 -11.01
CA MET D 289 -16.49 -21.39 -9.59
C MET D 289 -17.76 -21.00 -8.84
N ASP D 290 -18.37 -19.87 -9.21
CA ASP D 290 -19.59 -19.44 -8.53
C ASP D 290 -20.70 -20.46 -8.71
N TRP D 291 -20.85 -21.00 -9.91
CA TRP D 291 -21.87 -22.03 -10.13
C TRP D 291 -21.60 -23.26 -9.28
N PHE D 292 -20.33 -23.67 -9.18
CA PHE D 292 -19.99 -24.82 -8.35
C PHE D 292 -20.37 -24.57 -6.89
N ILE D 293 -20.09 -23.37 -6.39
CA ILE D 293 -20.46 -23.04 -5.02
C ILE D 293 -21.97 -23.06 -4.86
N ALA D 294 -22.69 -22.48 -5.83
CA ALA D 294 -24.14 -22.46 -5.75
C ALA D 294 -24.72 -23.87 -5.72
N VAL D 295 -24.20 -24.76 -6.56
CA VAL D 295 -24.68 -26.14 -6.56
C VAL D 295 -24.39 -26.79 -5.22
N CYS D 296 -23.19 -26.60 -4.69
CA CYS D 296 -22.86 -27.15 -3.38
C CYS D 296 -23.76 -26.57 -2.30
N TYR D 297 -24.10 -25.28 -2.42
CA TYR D 297 -25.01 -24.66 -1.47
C TYR D 297 -26.38 -25.33 -1.52
N ALA D 298 -26.84 -25.68 -2.72
CA ALA D 298 -28.15 -26.33 -2.86
C ALA D 298 -28.17 -27.66 -2.13
N PHE D 299 -27.11 -28.46 -2.27
CA PHE D 299 -27.09 -29.78 -1.63
C PHE D 299 -27.20 -29.66 -0.12
N VAL D 300 -26.38 -28.82 0.49
CA VAL D 300 -26.46 -28.62 1.94
C VAL D 300 -27.79 -28.02 2.33
N PHE D 301 -28.25 -27.02 1.57
CA PHE D 301 -29.54 -26.41 1.84
C PHE D 301 -30.67 -27.40 1.64
N SER D 302 -30.59 -28.21 0.58
CA SER D 302 -31.63 -29.21 0.32
C SER D 302 -31.68 -30.25 1.43
N ALA D 303 -30.51 -30.65 1.94
CA ALA D 303 -30.48 -31.64 3.01
C ALA D 303 -31.26 -31.16 4.23
N LEU D 304 -31.09 -29.88 4.59
CA LEU D 304 -31.84 -29.33 5.71
C LEU D 304 -33.34 -29.37 5.44
N LEU D 305 -33.75 -29.07 4.20
CA LEU D 305 -35.18 -29.12 3.86
C LEU D 305 -35.73 -30.53 4.05
N GLU D 306 -34.96 -31.54 3.64
CA GLU D 306 -35.41 -32.92 3.81
C GLU D 306 -35.61 -33.24 5.29
N PHE D 307 -34.67 -32.82 6.13
CA PHE D 307 -34.82 -33.03 7.57
C PHE D 307 -36.03 -32.30 8.11
N ALA D 308 -36.23 -31.05 7.69
CA ALA D 308 -37.41 -30.30 8.13
C ALA D 308 -38.68 -30.96 7.63
N PHE D 309 -38.70 -31.40 6.38
CA PHE D 309 -39.87 -32.08 5.83
C PHE D 309 -40.13 -33.38 6.58
N VAL D 310 -39.08 -34.13 6.89
CA VAL D 310 -39.25 -35.39 7.63
C VAL D 310 -39.84 -35.13 9.01
N ASN D 311 -39.31 -34.12 9.70
CA ASN D 311 -39.79 -33.82 11.05
C ASN D 311 -41.24 -33.36 11.06
N TYR D 312 -41.74 -32.83 9.93
CA TYR D 312 -43.12 -32.36 9.87
C TYR D 312 -44.11 -33.52 9.76
N ILE D 313 -43.73 -34.60 9.08
CA ILE D 313 -44.62 -35.73 8.85
C ILE D 313 -44.19 -36.97 9.63
N THR D 314 -43.16 -36.85 10.48
CA THR D 314 -42.69 -37.99 11.24
C THR D 314 -43.74 -38.51 12.22
N LYS D 315 -44.77 -37.72 12.51
CA LYS D 315 -45.84 -38.13 13.41
C LYS D 315 -47.06 -38.69 12.68
N SER D 316 -47.34 -38.22 11.47
CA SER D 316 -48.52 -38.67 10.75
C SER D 316 -48.26 -39.99 10.04
N GLN D 317 -47.28 -40.02 9.14
CA GLN D 317 -46.95 -41.20 8.35
C GLN D 317 -45.46 -41.47 8.47
N PRO D 318 -45.03 -42.07 9.57
CA PRO D 318 -43.59 -42.35 9.73
C PRO D 318 -43.01 -43.23 8.65
N ALA D 319 -43.84 -44.09 8.03
CA ALA D 319 -43.32 -45.03 7.05
C ALA D 319 -42.66 -44.31 5.88
N ARG D 320 -43.32 -43.28 5.35
CA ARG D 320 -42.74 -42.53 4.24
C ARG D 320 -41.52 -41.74 4.70
N ALA D 321 -41.57 -41.20 5.91
CA ALA D 321 -40.45 -40.41 6.42
C ALA D 321 -39.19 -41.25 6.51
N ALA D 322 -39.30 -42.48 7.02
CA ALA D 322 -38.14 -43.35 7.13
C ALA D 322 -37.60 -43.71 5.74
N LYS D 323 -38.50 -43.96 4.79
CA LYS D 323 -38.06 -44.32 3.44
C LYS D 323 -37.25 -43.19 2.81
N ILE D 324 -37.69 -41.94 2.98
CA ILE D 324 -36.97 -40.82 2.40
C ILE D 324 -35.58 -40.70 3.00
N ASP D 325 -35.47 -40.86 4.33
CA ASP D 325 -34.17 -40.75 4.98
C ASP D 325 -33.21 -41.79 4.47
N LYS D 326 -33.67 -43.04 4.34
CA LYS D 326 -32.80 -44.09 3.79
C LYS D 326 -32.43 -43.79 2.34
N MET D 327 -33.40 -43.34 1.54
CA MET D 327 -33.13 -43.02 0.15
C MET D 327 -32.15 -41.86 0.03
N SER D 328 -32.28 -40.85 0.90
CA SER D 328 -31.40 -39.69 0.82
C SER D 328 -29.94 -40.08 1.02
N ARG D 329 -29.67 -41.10 1.82
CA ARG D 329 -28.30 -41.52 2.07
C ARG D 329 -27.61 -41.98 0.78
N ILE D 330 -28.37 -42.39 -0.23
CA ILE D 330 -27.81 -42.90 -1.46
C ILE D 330 -27.94 -41.89 -2.60
N VAL D 331 -29.09 -41.23 -2.71
CA VAL D 331 -29.33 -40.34 -3.84
C VAL D 331 -28.37 -39.15 -3.79
N PHE D 332 -28.28 -38.49 -2.63
CA PHE D 332 -27.49 -37.27 -2.54
C PHE D 332 -26.02 -37.49 -2.88
N PRO D 333 -25.32 -38.48 -2.31
CA PRO D 333 -23.92 -38.68 -2.72
C PRO D 333 -23.75 -38.94 -4.21
N ILE D 334 -24.68 -39.68 -4.82
CA ILE D 334 -24.56 -39.99 -6.24
C ILE D 334 -24.66 -38.72 -7.08
N LEU D 335 -25.64 -37.86 -6.76
CA LEU D 335 -25.82 -36.64 -7.54
C LEU D 335 -24.60 -35.73 -7.41
N PHE D 336 -24.06 -35.59 -6.20
CA PHE D 336 -22.88 -34.75 -6.01
C PHE D 336 -21.69 -35.30 -6.79
N GLY D 337 -21.49 -36.62 -6.74
CA GLY D 337 -20.40 -37.21 -7.49
C GLY D 337 -20.60 -37.08 -8.99
N THR D 338 -21.82 -37.31 -9.47
CA THR D 338 -22.10 -37.18 -10.89
C THR D 338 -21.91 -35.73 -11.35
N PHE D 339 -22.33 -34.77 -10.53
CA PHE D 339 -22.18 -33.37 -10.91
C PHE D 339 -20.72 -32.99 -11.08
N ASN D 340 -19.85 -33.48 -10.20
CA ASN D 340 -18.43 -33.12 -10.30
C ASN D 340 -17.84 -33.60 -11.61
N LEU D 341 -18.17 -34.83 -12.03
CA LEU D 341 -17.62 -35.35 -13.28
C LEU D 341 -18.03 -34.48 -14.46
N VAL D 342 -19.29 -34.06 -14.51
CA VAL D 342 -19.74 -33.16 -15.57
C VAL D 342 -19.03 -31.82 -15.46
N TYR D 343 -18.94 -31.28 -14.25
CA TYR D 343 -18.32 -29.97 -14.07
C TYR D 343 -16.85 -29.99 -14.47
N TRP D 344 -16.08 -30.93 -13.92
CA TRP D 344 -14.66 -30.98 -14.23
C TRP D 344 -14.42 -31.35 -15.69
N ALA D 345 -15.16 -32.32 -16.21
CA ALA D 345 -14.97 -32.73 -17.60
C ALA D 345 -15.35 -31.62 -18.57
N THR D 346 -16.40 -30.85 -18.24
CA THR D 346 -16.86 -29.81 -19.15
C THR D 346 -15.78 -28.77 -19.41
N TYR D 347 -15.08 -28.33 -18.35
CA TYR D 347 -14.05 -27.32 -18.50
C TYR D 347 -12.68 -27.92 -18.80
N LEU D 348 -12.37 -29.08 -18.23
CA LEU D 348 -11.08 -29.74 -18.46
C LEU D 348 -11.18 -30.62 -19.71
N ASN D 349 -11.32 -29.95 -20.85
CA ASN D 349 -11.42 -30.63 -22.13
C ASN D 349 -11.43 -29.62 -23.28
N ASN E 14 49.08 26.31 -1.18
CA ASN E 14 49.21 24.96 -0.64
C ASN E 14 48.01 24.11 -1.03
N ILE E 15 46.86 24.75 -1.17
CA ILE E 15 45.62 24.07 -1.55
C ILE E 15 45.42 24.20 -3.06
N THR E 16 45.94 25.29 -3.64
CA THR E 16 45.78 25.51 -5.07
C THR E 16 46.48 24.43 -5.89
N ILE E 17 47.47 23.74 -5.31
CA ILE E 17 48.15 22.68 -6.04
C ILE E 17 47.17 21.58 -6.44
N PHE E 18 46.28 21.20 -5.51
CA PHE E 18 45.31 20.17 -5.82
C PHE E 18 44.38 20.60 -6.96
N THR E 19 43.99 21.88 -6.97
CA THR E 19 43.08 22.36 -8.01
C THR E 19 43.70 22.21 -9.38
N ARG E 20 44.99 22.55 -9.52
CA ARG E 20 45.65 22.42 -10.82
C ARG E 20 45.71 20.96 -11.26
N ILE E 21 45.95 20.04 -10.32
CA ILE E 21 46.03 18.62 -10.67
C ILE E 21 44.71 18.15 -11.26
N LEU E 22 43.59 18.52 -10.62
CA LEU E 22 42.29 18.09 -11.12
C LEU E 22 42.02 18.64 -12.51
N ASP E 23 42.37 19.90 -12.75
CA ASP E 23 42.16 20.49 -14.08
C ASP E 23 42.99 19.75 -15.13
N GLY E 24 44.23 19.40 -14.80
CA GLY E 24 45.07 18.72 -15.77
C GLY E 24 44.51 17.36 -16.17
N LEU E 25 44.01 16.60 -15.19
CA LEU E 25 43.47 15.28 -15.50
C LEU E 25 42.26 15.38 -16.41
N LEU E 26 41.37 16.35 -16.15
CA LEU E 26 40.18 16.52 -16.97
C LEU E 26 40.49 17.11 -18.34
N ASP E 27 41.69 17.63 -18.55
CA ASP E 27 42.07 18.19 -19.84
C ASP E 27 42.41 17.06 -20.80
N GLY E 28 41.65 16.96 -21.88
CA GLY E 28 41.85 15.90 -22.86
C GLY E 28 41.33 14.54 -22.44
N TYR E 29 40.52 14.47 -21.38
CA TYR E 29 39.98 13.22 -20.89
C TYR E 29 38.53 13.07 -21.36
N ASP E 30 38.23 11.95 -22.02
CA ASP E 30 36.90 11.66 -22.51
C ASP E 30 36.27 10.61 -21.61
N ASN E 31 35.10 10.92 -21.04
CA ASN E 31 34.41 10.00 -20.15
C ASN E 31 33.58 8.97 -20.90
N ARG E 32 33.45 9.09 -22.22
CA ARG E 32 32.68 8.15 -23.02
C ARG E 32 33.50 6.97 -23.52
N LEU E 33 34.80 6.95 -23.25
CA LEU E 33 35.69 5.89 -23.71
C LEU E 33 36.30 5.19 -22.50
N ARG E 34 36.25 3.86 -22.51
CA ARG E 34 36.83 3.09 -21.42
C ARG E 34 38.35 3.17 -21.47
N PRO E 35 39.02 3.03 -20.32
CA PRO E 35 40.48 3.07 -20.33
C PRO E 35 41.07 1.91 -21.10
N GLY E 36 42.21 2.16 -21.74
CA GLY E 36 42.88 1.11 -22.50
C GLY E 36 42.05 0.58 -23.64
N LEU E 37 41.33 1.45 -24.34
CA LEU E 37 40.50 1.02 -25.45
C LEU E 37 41.38 0.61 -26.63
N GLY E 38 41.09 -0.57 -27.19
CA GLY E 38 41.86 -1.05 -28.33
C GLY E 38 43.31 -1.36 -28.01
N GLU E 39 43.66 -1.48 -26.74
CA GLU E 39 45.04 -1.76 -26.34
C GLU E 39 45.10 -2.96 -25.40
N ARG E 40 44.04 -3.16 -24.63
CA ARG E 40 43.98 -4.26 -23.66
C ARG E 40 42.54 -4.44 -23.24
N ILE E 41 42.32 -5.30 -22.24
CA ILE E 41 40.99 -5.59 -21.71
C ILE E 41 40.91 -5.00 -20.31
N THR E 42 39.92 -4.14 -20.08
CA THR E 42 39.75 -3.52 -18.78
C THR E 42 39.42 -4.57 -17.73
N GLN E 43 40.10 -4.49 -16.59
CA GLN E 43 39.89 -5.40 -15.47
C GLN E 43 39.33 -4.63 -14.30
N VAL E 44 38.22 -5.10 -13.75
CA VAL E 44 37.52 -4.45 -12.65
C VAL E 44 37.43 -5.42 -11.49
N ARG E 45 37.83 -4.97 -10.30
CA ARG E 45 37.73 -5.74 -9.07
C ARG E 45 36.57 -5.20 -8.24
N THR E 46 35.67 -6.09 -7.83
CA THR E 46 34.46 -5.72 -7.12
C THR E 46 34.48 -6.31 -5.71
N ASP E 47 34.19 -5.47 -4.72
CA ASP E 47 34.04 -5.89 -3.34
C ASP E 47 32.72 -5.34 -2.81
N MET E 48 32.01 -6.17 -2.05
CA MET E 48 30.67 -5.84 -1.57
C MET E 48 30.61 -5.98 -0.05
N TYR E 49 29.93 -5.03 0.59
CA TYR E 49 29.66 -5.07 2.02
C TYR E 49 28.17 -4.89 2.22
N VAL E 50 27.55 -5.81 2.97
CA VAL E 50 26.11 -5.81 3.18
C VAL E 50 25.85 -5.09 4.51
N ASN E 51 25.42 -3.83 4.42
CA ASN E 51 25.09 -3.08 5.63
C ASN E 51 23.92 -3.70 6.37
N SER E 52 22.88 -4.12 5.63
CA SER E 52 21.70 -4.71 6.24
C SER E 52 20.96 -5.52 5.20
N PHE E 53 20.50 -6.70 5.59
CA PHE E 53 19.73 -7.58 4.71
C PHE E 53 18.25 -7.33 5.00
N GLY E 54 17.59 -6.61 4.09
CA GLY E 54 16.21 -6.24 4.27
C GLY E 54 15.29 -7.43 4.35
N PRO E 55 13.99 -7.18 4.53
CA PRO E 55 13.04 -8.29 4.66
C PRO E 55 12.92 -9.08 3.37
N VAL E 56 12.64 -10.37 3.51
CA VAL E 56 12.45 -11.29 2.39
C VAL E 56 10.94 -11.49 2.24
N SER E 57 10.37 -10.87 1.22
CA SER E 57 8.93 -10.97 0.97
C SER E 57 8.64 -12.24 0.17
N ASP E 58 7.95 -13.19 0.80
CA ASP E 58 7.63 -14.44 0.13
C ASP E 58 6.51 -14.28 -0.89
N THR E 59 5.57 -13.35 -0.64
CA THR E 59 4.45 -13.17 -1.56
C THR E 59 4.92 -12.75 -2.95
N GLU E 60 5.87 -11.82 -3.00
CA GLU E 60 6.37 -11.31 -4.27
C GLU E 60 7.66 -11.98 -4.72
N MET E 61 8.16 -12.97 -3.97
CA MET E 61 9.39 -13.67 -4.33
C MET E 61 10.53 -12.69 -4.54
N GLU E 62 10.64 -11.71 -3.64
CA GLU E 62 11.68 -10.70 -3.72
C GLU E 62 12.26 -10.47 -2.34
N TYR E 63 13.48 -9.91 -2.31
CA TYR E 63 14.13 -9.55 -1.07
C TYR E 63 14.83 -8.21 -1.26
N THR E 64 14.94 -7.46 -0.16
CA THR E 64 15.58 -6.16 -0.17
C THR E 64 16.92 -6.27 0.54
N ILE E 65 17.96 -5.72 -0.08
CA ILE E 65 19.31 -5.75 0.47
C ILE E 65 19.96 -4.39 0.26
N ASP E 66 20.63 -3.90 1.31
CA ASP E 66 21.38 -2.65 1.26
C ASP E 66 22.86 -2.98 1.33
N ILE E 67 23.63 -2.56 0.32
CA ILE E 67 25.04 -2.88 0.22
C ILE E 67 25.82 -1.62 -0.15
N PHE E 68 27.11 -1.64 0.18
CA PHE E 68 28.04 -0.60 -0.26
C PHE E 68 28.89 -1.20 -1.38
N PHE E 69 28.33 -1.18 -2.59
CA PHE E 69 29.00 -1.76 -3.73
C PHE E 69 30.22 -0.93 -4.10
N ALA E 70 31.32 -1.60 -4.39
CA ALA E 70 32.58 -0.95 -4.71
C ALA E 70 33.22 -1.61 -5.93
N GLN E 71 33.88 -0.79 -6.74
CA GLN E 71 34.58 -1.26 -7.93
C GLN E 71 35.95 -0.60 -7.98
N THR E 72 36.95 -1.38 -8.42
CA THR E 72 38.31 -0.90 -8.57
C THR E 72 38.81 -1.25 -9.96
N TRP E 73 39.50 -0.30 -10.60
CA TRP E 73 40.04 -0.50 -11.93
C TRP E 73 41.22 0.42 -12.14
N LYS E 74 41.99 0.13 -13.18
CA LYS E 74 43.21 0.86 -13.50
C LYS E 74 42.96 1.78 -14.69
N ASP E 75 43.35 3.04 -14.54
CA ASP E 75 43.20 4.04 -15.61
C ASP E 75 44.48 4.86 -15.65
N GLU E 76 45.22 4.73 -16.76
CA GLU E 76 46.47 5.46 -16.91
C GLU E 76 46.27 6.94 -17.23
N ARG E 77 45.08 7.31 -17.71
CA ARG E 77 44.81 8.71 -18.03
C ARG E 77 44.72 9.60 -16.81
N LEU E 78 44.59 9.02 -15.62
CA LEU E 78 44.45 9.79 -14.38
C LEU E 78 45.75 9.88 -13.59
N ARG E 79 46.87 9.48 -14.19
CA ARG E 79 48.14 9.55 -13.49
C ARG E 79 48.50 11.00 -13.15
N PHE E 80 49.05 11.20 -11.97
CA PHE E 80 49.43 12.53 -11.51
C PHE E 80 50.58 12.41 -10.52
N LYS E 81 51.29 13.53 -10.33
CA LYS E 81 52.39 13.61 -9.39
C LYS E 81 52.17 14.77 -8.45
N GLY E 82 52.31 14.53 -7.15
CA GLY E 82 52.11 15.55 -6.16
C GLY E 82 52.52 15.10 -4.77
N PRO E 83 52.56 16.04 -3.83
CA PRO E 83 52.95 15.68 -2.46
C PRO E 83 52.04 14.66 -1.82
N MET E 84 50.74 14.67 -2.15
CA MET E 84 49.77 13.76 -1.56
C MET E 84 49.58 12.57 -2.49
N GLN E 85 49.68 11.37 -1.92
CA GLN E 85 49.58 10.14 -2.71
C GLN E 85 48.15 9.74 -3.02
N ARG E 86 47.16 10.34 -2.36
CA ARG E 86 45.76 10.00 -2.57
C ARG E 86 44.94 11.28 -2.68
N LEU E 87 43.83 11.20 -3.39
CA LEU E 87 42.94 12.34 -3.64
C LEU E 87 41.51 11.95 -3.31
N PRO E 88 41.15 11.91 -2.02
CA PRO E 88 39.74 11.67 -1.67
C PRO E 88 38.84 12.73 -2.28
N LEU E 89 37.68 12.31 -2.74
CA LEU E 89 36.75 13.20 -3.43
C LEU E 89 35.33 12.73 -3.13
N ASN E 90 34.38 13.28 -3.88
CA ASN E 90 32.96 12.98 -3.68
C ASN E 90 32.32 12.79 -5.05
N ASN E 91 30.99 12.75 -5.09
CA ASN E 91 30.25 12.47 -6.31
C ASN E 91 30.41 13.57 -7.37
N LEU E 92 30.94 14.73 -7.00
CA LEU E 92 31.03 15.83 -7.97
C LEU E 92 31.88 15.45 -9.17
N LEU E 93 33.02 14.80 -8.94
CA LEU E 93 33.91 14.41 -10.02
C LEU E 93 33.56 13.05 -10.61
N ALA E 94 32.62 12.32 -10.02
CA ALA E 94 32.28 10.99 -10.54
C ALA E 94 31.72 11.07 -11.95
N SER E 95 30.85 12.05 -12.21
CA SER E 95 30.26 12.20 -13.53
C SER E 95 31.25 12.73 -14.56
N LYS E 96 32.36 13.32 -14.11
CA LYS E 96 33.34 13.89 -15.01
C LYS E 96 34.26 12.85 -15.64
N ILE E 97 34.27 11.63 -15.13
CA ILE E 97 35.15 10.59 -15.66
C ILE E 97 34.32 9.40 -16.11
N TRP E 98 34.98 8.36 -16.61
CA TRP E 98 34.32 7.16 -17.10
C TRP E 98 34.16 6.15 -15.98
N THR E 99 32.97 5.57 -15.88
CA THR E 99 32.69 4.53 -14.91
C THR E 99 31.97 3.37 -15.59
N PRO E 100 32.14 2.15 -15.11
CA PRO E 100 31.47 1.01 -15.74
C PRO E 100 29.96 1.09 -15.61
N ASP E 101 29.28 0.56 -16.61
CA ASP E 101 27.81 0.52 -16.63
C ASP E 101 27.28 -0.72 -15.91
N THR E 102 27.72 -0.91 -14.68
CA THR E 102 27.32 -2.08 -13.92
C THR E 102 25.83 -2.02 -13.61
N PHE E 103 25.19 -3.19 -13.66
CA PHE E 103 23.76 -3.29 -13.37
C PHE E 103 23.47 -4.70 -12.87
N PHE E 104 22.31 -4.85 -12.24
CA PHE E 104 21.89 -6.14 -11.69
C PHE E 104 20.92 -6.80 -12.67
N HIS E 105 21.31 -7.96 -13.18
CA HIS E 105 20.49 -8.66 -14.17
C HIS E 105 19.17 -9.16 -13.59
N ASN E 106 19.08 -9.30 -12.26
CA ASN E 106 17.87 -9.78 -11.60
C ASN E 106 17.16 -8.72 -10.79
N GLY E 107 17.79 -7.57 -10.54
CA GLY E 107 17.15 -6.52 -9.77
C GLY E 107 15.89 -6.00 -10.42
N LYS E 108 14.81 -5.93 -9.65
CA LYS E 108 13.53 -5.43 -10.16
C LYS E 108 13.38 -3.93 -9.96
N LYS E 109 13.93 -3.38 -8.88
CA LYS E 109 13.86 -1.95 -8.62
C LYS E 109 15.01 -1.57 -7.70
N SER E 110 16.02 -0.89 -8.24
CA SER E 110 17.19 -0.48 -7.50
C SER E 110 17.27 1.04 -7.47
N PHE E 111 17.42 1.59 -6.27
CA PHE E 111 17.54 3.04 -6.08
C PHE E 111 18.64 3.32 -5.07
N ALA E 112 19.25 4.48 -5.20
CA ALA E 112 20.31 4.92 -4.29
C ALA E 112 19.75 5.93 -3.29
N HIS E 113 20.62 6.39 -2.39
CA HIS E 113 20.27 7.37 -1.37
C HIS E 113 20.99 8.67 -1.67
N TRP E 114 20.23 9.75 -1.76
CA TRP E 114 20.76 11.06 -2.13
C TRP E 114 20.85 12.02 -0.95
N MET E 115 20.41 11.61 0.24
CA MET E 115 20.41 12.46 1.42
C MET E 115 21.41 11.93 2.44
N THR E 116 22.18 12.85 3.05
CA THR E 116 22.20 14.28 2.82
C THR E 116 22.85 14.62 1.49
N THR E 117 23.84 13.81 1.11
CA THR E 117 24.57 13.94 -0.13
C THR E 117 24.63 12.58 -0.82
N PRO E 118 24.62 12.54 -2.16
CA PRO E 118 24.78 11.25 -2.84
C PRO E 118 25.94 10.44 -2.29
N ASN E 119 25.64 9.25 -1.78
CA ASN E 119 26.62 8.43 -1.07
C ASN E 119 27.54 7.77 -2.10
N ARG E 120 28.56 8.52 -2.51
CA ARG E 120 29.55 8.04 -3.46
C ARG E 120 30.91 8.56 -3.08
N MET E 121 31.95 7.81 -3.46
CA MET E 121 33.32 8.19 -3.20
C MET E 121 34.16 7.96 -4.45
N LEU E 122 35.25 8.71 -4.57
CA LEU E 122 36.15 8.60 -5.71
C LEU E 122 37.56 8.88 -5.21
N ARG E 123 38.35 7.82 -5.07
CA ARG E 123 39.74 7.92 -4.62
C ARG E 123 40.67 7.51 -5.76
N ILE E 124 41.69 8.32 -6.00
CA ILE E 124 42.62 8.12 -7.11
C ILE E 124 44.04 8.16 -6.56
N TRP E 125 44.86 7.21 -7.00
CA TRP E 125 46.26 7.13 -6.61
C TRP E 125 47.15 7.60 -7.75
N ASN E 126 48.44 7.76 -7.44
CA ASN E 126 49.38 8.24 -8.44
C ASN E 126 49.49 7.27 -9.61
N ASP E 127 49.51 5.98 -9.33
CA ASP E 127 49.64 4.99 -10.40
C ASP E 127 48.44 4.99 -11.34
N GLY E 128 47.33 5.59 -10.93
CA GLY E 128 46.13 5.63 -11.74
C GLY E 128 45.02 4.71 -11.27
N ARG E 129 45.23 3.95 -10.20
CA ARG E 129 44.18 3.10 -9.67
C ARG E 129 43.03 3.95 -9.14
N VAL E 130 41.80 3.48 -9.38
CA VAL E 130 40.60 4.22 -9.05
C VAL E 130 39.71 3.35 -8.17
N LEU E 131 39.21 3.94 -7.09
CA LEU E 131 38.26 3.29 -6.20
C LEU E 131 36.95 4.06 -6.23
N TYR E 132 35.85 3.35 -6.44
CA TYR E 132 34.53 3.96 -6.58
C TYR E 132 33.52 3.09 -5.84
N THR E 133 33.03 3.58 -4.70
CA THR E 133 32.07 2.85 -3.88
C THR E 133 30.72 3.56 -3.94
N LEU E 134 29.66 2.77 -4.01
CA LEU E 134 28.30 3.29 -4.10
C LEU E 134 27.39 2.53 -3.15
N ARG E 135 26.39 3.23 -2.63
CA ARG E 135 25.39 2.63 -1.75
C ARG E 135 24.10 2.42 -2.54
N LEU E 136 23.55 1.21 -2.44
CA LEU E 136 22.37 0.85 -3.22
C LEU E 136 21.42 0.03 -2.37
N THR E 137 20.14 0.06 -2.73
CA THR E 137 19.12 -0.77 -2.14
C THR E 137 18.45 -1.54 -3.27
N ILE E 138 18.68 -2.85 -3.31
CA ILE E 138 18.28 -3.70 -4.44
C ILE E 138 17.09 -4.53 -3.99
N SER E 139 15.99 -4.42 -4.73
CA SER E 139 14.81 -5.26 -4.52
C SER E 139 14.81 -6.42 -5.51
N ALA E 140 15.81 -7.28 -5.37
CA ALA E 140 16.00 -8.38 -6.30
C ALA E 140 14.92 -9.44 -6.10
N GLU E 141 14.81 -10.32 -7.09
CA GLU E 141 13.84 -11.41 -7.08
C GLU E 141 14.54 -12.71 -6.71
N CYS E 142 13.94 -13.45 -5.77
CA CYS E 142 14.51 -14.70 -5.27
C CYS E 142 13.45 -15.79 -5.37
N PRO E 143 13.36 -16.49 -6.51
CA PRO E 143 12.39 -17.58 -6.62
C PRO E 143 12.66 -18.65 -5.58
N MET E 144 11.58 -19.21 -5.03
CA MET E 144 11.65 -20.20 -3.97
C MET E 144 10.80 -21.40 -4.32
N ASP E 145 11.30 -22.58 -3.99
CA ASP E 145 10.57 -23.84 -4.18
C ASP E 145 10.01 -24.24 -2.82
N LEU E 146 8.74 -23.92 -2.60
CA LEU E 146 8.10 -24.19 -1.31
C LEU E 146 7.53 -25.60 -1.25
N GLU E 147 8.37 -26.59 -1.55
CA GLU E 147 7.94 -27.98 -1.48
C GLU E 147 8.06 -28.54 -0.07
N ASP E 148 9.08 -28.12 0.68
CA ASP E 148 9.28 -28.54 2.06
C ASP E 148 8.92 -27.44 3.05
N PHE E 149 8.11 -26.47 2.63
CA PHE E 149 7.78 -25.36 3.49
C PHE E 149 7.06 -25.87 4.75
N PRO E 150 7.40 -25.35 5.95
CA PRO E 150 8.41 -24.31 6.24
C PRO E 150 9.82 -24.85 6.39
N MET E 151 10.03 -26.17 6.28
CA MET E 151 11.36 -26.75 6.36
C MET E 151 12.06 -26.68 5.00
N ASP E 152 12.27 -25.46 4.54
CA ASP E 152 12.85 -25.19 3.23
C ASP E 152 14.08 -24.30 3.36
N GLU E 153 15.07 -24.54 2.51
CA GLU E 153 16.28 -23.74 2.44
C GLU E 153 16.30 -23.00 1.12
N GLN E 154 16.52 -21.69 1.19
CA GLN E 154 16.49 -20.82 0.03
C GLN E 154 17.89 -20.27 -0.26
N ASN E 155 18.25 -20.25 -1.54
CA ASN E 155 19.54 -19.76 -2.00
C ASN E 155 19.28 -18.57 -2.93
N CYS E 156 19.16 -17.38 -2.35
CA CYS E 156 18.87 -16.19 -3.12
C CYS E 156 20.15 -15.69 -3.79
N PRO E 157 20.20 -15.59 -5.12
CA PRO E 157 21.40 -15.10 -5.79
C PRO E 157 21.39 -13.59 -5.96
N LEU E 158 22.52 -13.06 -6.43
CA LEU E 158 22.65 -11.65 -6.74
C LEU E 158 23.58 -11.53 -7.94
N LYS E 159 23.00 -11.30 -9.12
CA LYS E 159 23.74 -11.28 -10.38
C LYS E 159 23.88 -9.85 -10.85
N PHE E 160 25.10 -9.48 -11.24
CA PHE E 160 25.36 -8.16 -11.79
C PHE E 160 26.50 -8.25 -12.80
N GLY E 161 26.56 -7.27 -13.68
CA GLY E 161 27.59 -7.25 -14.70
C GLY E 161 27.43 -6.04 -15.59
N SER E 162 28.29 -5.97 -16.60
CA SER E 162 28.27 -4.86 -17.54
C SER E 162 27.03 -4.96 -18.44
N TYR E 163 26.51 -3.79 -18.83
CA TYR E 163 25.35 -3.72 -19.71
C TYR E 163 25.72 -3.49 -21.17
N ALA E 164 26.84 -2.83 -21.43
CA ALA E 164 27.25 -2.50 -22.79
C ALA E 164 28.62 -3.04 -23.18
N TYR E 165 29.47 -3.40 -22.21
CA TYR E 165 30.82 -3.85 -22.51
C TYR E 165 30.87 -5.36 -22.37
N PRO E 166 31.08 -6.13 -23.46
CA PRO E 166 31.13 -7.59 -23.33
C PRO E 166 32.35 -8.08 -22.56
N ASN E 167 32.46 -9.40 -22.44
CA ASN E 167 33.58 -9.99 -21.71
C ASN E 167 34.92 -9.65 -22.37
N SER E 168 34.92 -9.45 -23.68
CA SER E 168 36.17 -9.16 -24.40
C SER E 168 36.71 -7.77 -24.10
N GLU E 169 35.93 -6.90 -23.45
CA GLU E 169 36.36 -5.54 -23.15
C GLU E 169 36.44 -5.27 -21.65
N VAL E 170 35.42 -5.65 -20.88
CA VAL E 170 35.38 -5.43 -19.44
C VAL E 170 35.15 -6.77 -18.77
N VAL E 171 35.98 -7.07 -17.76
CA VAL E 171 35.89 -8.33 -17.01
C VAL E 171 35.80 -7.99 -15.54
N TYR E 172 34.87 -8.63 -14.84
CA TYR E 172 34.69 -8.45 -13.40
C TYR E 172 35.26 -9.67 -12.68
N VAL E 173 36.06 -9.43 -11.65
CA VAL E 173 36.67 -10.49 -10.86
C VAL E 173 36.60 -10.09 -9.39
N TRP E 174 36.25 -11.06 -8.55
CA TRP E 174 36.23 -10.81 -7.11
C TRP E 174 37.66 -10.61 -6.60
N THR E 175 37.78 -9.76 -5.58
CA THR E 175 39.07 -9.42 -5.00
C THR E 175 39.35 -10.31 -3.80
N ASN E 176 40.54 -10.88 -3.76
CA ASN E 176 40.96 -11.75 -2.65
C ASN E 176 39.99 -12.94 -2.59
N GLY E 177 39.80 -13.51 -1.40
CA GLY E 177 38.94 -14.67 -1.24
C GLY E 177 37.48 -14.30 -1.12
N SER E 178 36.66 -15.34 -0.97
CA SER E 178 35.22 -15.13 -0.86
C SER E 178 34.86 -14.34 0.38
N THR E 179 35.53 -14.63 1.51
CA THR E 179 35.19 -13.95 2.76
C THR E 179 35.43 -12.45 2.64
N LYS E 180 36.56 -12.05 2.05
CA LYS E 180 36.84 -10.62 1.91
C LYS E 180 36.00 -10.00 0.81
N SER E 181 35.68 -10.75 -0.25
CA SER E 181 34.91 -10.18 -1.35
C SER E 181 33.53 -9.74 -0.89
N VAL E 182 32.87 -10.57 -0.09
CA VAL E 182 31.53 -10.28 0.42
C VAL E 182 31.58 -10.32 1.94
N VAL E 183 31.09 -9.25 2.58
CA VAL E 183 31.07 -9.14 4.02
C VAL E 183 29.68 -8.69 4.45
N VAL E 184 29.16 -9.32 5.50
CA VAL E 184 27.84 -9.02 6.04
C VAL E 184 28.00 -8.54 7.48
N ALA E 185 27.37 -7.42 7.79
CA ALA E 185 27.44 -6.88 9.15
C ALA E 185 26.77 -7.82 10.14
N GLU E 186 27.28 -7.81 11.37
CA GLU E 186 26.74 -8.70 12.40
C GLU E 186 25.28 -8.41 12.66
N ASP E 187 24.92 -7.13 12.77
CA ASP E 187 23.54 -6.74 13.00
C ASP E 187 22.73 -6.63 11.71
N GLY E 188 23.38 -6.64 10.55
CA GLY E 188 22.66 -6.56 9.30
C GLY E 188 21.82 -7.79 9.03
N SER E 189 22.36 -8.97 9.32
CA SER E 189 21.67 -10.24 9.06
C SER E 189 20.71 -10.52 10.21
N ARG E 190 19.60 -9.80 10.21
CA ARG E 190 18.53 -9.96 11.20
C ARG E 190 17.21 -10.07 10.46
N LEU E 191 16.76 -11.30 10.24
CA LEU E 191 15.50 -11.57 9.55
C LEU E 191 14.54 -12.24 10.52
N ASN E 192 13.29 -11.78 10.52
CA ASN E 192 12.31 -12.29 11.47
C ASN E 192 11.94 -13.74 11.21
N GLN E 193 12.13 -14.23 9.98
CA GLN E 193 11.76 -15.61 9.65
C GLN E 193 12.81 -16.28 8.78
N TYR E 194 14.08 -15.91 8.95
CA TYR E 194 15.17 -16.52 8.19
C TYR E 194 16.47 -16.39 8.97
N HIS E 195 17.38 -17.33 8.71
CA HIS E 195 18.72 -17.31 9.24
C HIS E 195 19.72 -17.28 8.09
N LEU E 196 20.70 -16.39 8.18
CA LEU E 196 21.74 -16.27 7.15
C LEU E 196 22.85 -17.25 7.49
N MET E 197 22.84 -18.40 6.83
CA MET E 197 23.79 -19.47 7.12
C MET E 197 25.16 -19.25 6.49
N GLY E 198 25.28 -18.35 5.53
CA GLY E 198 26.55 -18.09 4.89
C GLY E 198 26.36 -17.43 3.55
N GLN E 199 27.49 -17.18 2.89
CA GLN E 199 27.51 -16.53 1.59
C GLN E 199 28.51 -17.24 0.70
N THR E 200 28.26 -17.17 -0.61
CA THR E 200 29.17 -17.73 -1.60
C THR E 200 29.16 -16.85 -2.84
N VAL E 201 30.25 -16.93 -3.61
CA VAL E 201 30.43 -16.12 -4.80
C VAL E 201 30.89 -17.00 -5.95
N GLY E 202 30.72 -16.50 -7.17
CA GLY E 202 31.14 -17.23 -8.34
C GLY E 202 31.08 -16.34 -9.56
N THR E 203 31.74 -16.80 -10.62
CA THR E 203 31.79 -16.07 -11.89
C THR E 203 31.49 -17.03 -13.03
N GLU E 204 30.87 -16.50 -14.08
CA GLU E 204 30.54 -17.30 -15.25
C GLU E 204 30.35 -16.39 -16.45
N ASN E 205 30.39 -16.98 -17.63
CA ASN E 205 30.19 -16.27 -18.89
C ASN E 205 28.90 -16.77 -19.53
N ILE E 206 28.05 -15.83 -19.94
CA ILE E 206 26.78 -16.15 -20.59
C ILE E 206 26.86 -15.71 -22.04
N SER E 207 26.36 -16.55 -22.95
CA SER E 207 26.34 -16.25 -24.36
C SER E 207 25.01 -15.60 -24.72
N THR E 208 25.08 -14.39 -25.26
CA THR E 208 23.89 -13.61 -25.61
C THR E 208 24.01 -13.13 -27.05
N SER E 209 22.85 -12.81 -27.64
CA SER E 209 22.85 -12.28 -29.00
C SER E 209 23.71 -11.04 -29.13
N THR E 210 23.70 -10.18 -28.11
CA THR E 210 24.53 -8.99 -28.12
C THR E 210 26.01 -9.31 -27.96
N GLY E 211 26.33 -10.44 -27.36
CA GLY E 211 27.71 -10.86 -27.14
C GLY E 211 27.82 -11.65 -25.86
N GLU E 212 29.05 -11.94 -25.46
CA GLU E 212 29.33 -12.68 -24.24
C GLU E 212 29.64 -11.69 -23.12
N TYR E 213 28.98 -11.86 -21.98
CA TYR E 213 29.14 -11.01 -20.82
C TYR E 213 29.48 -11.85 -19.60
N THR E 214 30.44 -11.36 -18.82
CA THR E 214 30.78 -12.01 -17.56
C THR E 214 29.73 -11.67 -16.51
N ILE E 215 29.37 -12.67 -15.70
CA ILE E 215 28.34 -12.52 -14.68
C ILE E 215 28.97 -12.79 -13.32
N MET E 216 28.79 -11.86 -12.39
CA MET E 216 29.26 -12.00 -11.02
C MET E 216 28.05 -12.33 -10.15
N THR E 217 28.00 -13.57 -9.66
CA THR E 217 26.86 -14.07 -8.90
C THR E 217 27.26 -14.31 -7.46
N ALA E 218 26.46 -13.78 -6.53
CA ALA E 218 26.65 -14.00 -5.10
C ALA E 218 25.39 -14.67 -4.56
N HIS E 219 25.57 -15.79 -3.87
CA HIS E 219 24.46 -16.57 -3.33
C HIS E 219 24.44 -16.47 -1.82
N PHE E 220 23.27 -16.22 -1.26
CA PHE E 220 23.07 -16.15 0.19
C PHE E 220 22.25 -17.35 0.63
N HIS E 221 22.77 -18.11 1.60
CA HIS E 221 22.11 -19.29 2.12
C HIS E 221 21.14 -18.87 3.21
N LEU E 222 19.86 -19.19 3.03
CA LEU E 222 18.81 -18.83 3.99
C LEU E 222 18.20 -20.09 4.56
N LYS E 223 18.12 -20.16 5.88
CA LYS E 223 17.49 -21.27 6.60
C LYS E 223 16.31 -20.71 7.38
N ARG E 224 15.11 -20.98 6.89
CA ARG E 224 13.91 -20.47 7.56
C ARG E 224 13.85 -20.98 8.99
N LYS E 225 13.57 -20.07 9.92
CA LYS E 225 13.48 -20.41 11.33
C LYS E 225 12.04 -20.76 11.69
N ILE E 226 11.87 -21.92 12.31
CA ILE E 226 10.54 -22.39 12.67
C ILE E 226 10.21 -21.91 14.08
N GLY E 227 8.92 -21.80 14.37
CA GLY E 227 8.45 -21.33 15.65
C GLY E 227 7.30 -20.36 15.54
N TYR E 228 7.30 -19.55 14.47
CA TYR E 228 6.17 -18.68 14.21
C TYR E 228 4.97 -19.47 13.71
N PHE E 229 5.21 -20.44 12.83
CA PHE E 229 4.12 -21.27 12.31
C PHE E 229 3.64 -22.27 13.35
N VAL E 230 4.51 -22.67 14.27
CA VAL E 230 4.10 -23.58 15.34
C VAL E 230 3.01 -22.93 16.18
N ILE E 231 3.21 -21.66 16.55
CA ILE E 231 2.22 -20.95 17.33
C ILE E 231 1.05 -20.48 16.48
N GLN E 232 1.20 -20.48 15.17
CA GLN E 232 0.18 -19.96 14.25
C GLN E 232 -0.70 -21.05 13.66
N THR E 233 -0.10 -22.14 13.18
CA THR E 233 -0.84 -23.18 12.48
C THR E 233 -0.79 -24.52 13.19
N TYR E 234 0.41 -25.02 13.52
CA TYR E 234 0.52 -26.39 14.03
C TYR E 234 -0.20 -26.54 15.36
N LEU E 235 0.09 -25.66 16.32
CA LEU E 235 -0.49 -25.81 17.65
C LEU E 235 -2.01 -25.77 17.63
N PRO E 236 -2.66 -24.80 16.98
CA PRO E 236 -4.13 -24.86 16.90
C PRO E 236 -4.65 -26.15 16.30
N CYS E 237 -3.97 -26.66 15.27
CA CYS E 237 -4.37 -27.94 14.69
C CYS E 237 -4.20 -29.08 15.68
N ILE E 238 -3.07 -29.10 16.40
CA ILE E 238 -2.80 -30.18 17.35
C ILE E 238 -3.85 -30.19 18.45
N MET E 239 -4.13 -29.01 19.02
CA MET E 239 -5.13 -28.93 20.07
C MET E 239 -6.52 -29.23 19.55
N THR E 240 -6.81 -28.86 18.31
CA THR E 240 -8.12 -29.15 17.73
C THR E 240 -8.35 -30.65 17.64
N VAL E 241 -7.34 -31.42 17.22
CA VAL E 241 -7.47 -32.87 17.15
C VAL E 241 -7.72 -33.44 18.53
N ILE E 242 -6.97 -32.98 19.54
CA ILE E 242 -7.18 -33.46 20.90
C ILE E 242 -8.59 -33.13 21.37
N LEU E 243 -9.10 -31.96 20.98
CA LEU E 243 -10.45 -31.58 21.37
C LEU E 243 -11.48 -32.58 20.83
N SER E 244 -11.32 -33.01 19.58
CA SER E 244 -12.24 -33.98 19.01
C SER E 244 -12.20 -35.30 19.76
N GLN E 245 -10.99 -35.75 20.15
CA GLN E 245 -10.85 -37.02 20.84
C GLN E 245 -11.59 -37.03 22.18
N VAL E 246 -11.90 -35.86 22.73
CA VAL E 246 -12.65 -35.81 23.99
C VAL E 246 -14.02 -36.42 23.82
N SER E 247 -14.60 -36.32 22.62
CA SER E 247 -15.92 -36.89 22.39
C SER E 247 -15.93 -38.41 22.60
N PHE E 248 -14.78 -39.06 22.41
CA PHE E 248 -14.71 -40.49 22.62
C PHE E 248 -14.95 -40.88 24.07
N TRP E 249 -14.76 -39.96 25.00
CA TRP E 249 -14.97 -40.23 26.42
C TRP E 249 -16.39 -39.89 26.88
N LEU E 250 -17.26 -39.49 25.97
CA LEU E 250 -18.64 -39.14 26.29
C LEU E 250 -19.57 -40.30 25.98
N ASN E 251 -20.71 -40.31 26.65
CA ASN E 251 -21.69 -41.37 26.47
C ASN E 251 -22.28 -41.33 25.07
N ARG E 252 -22.60 -42.52 24.54
CA ARG E 252 -23.15 -42.60 23.19
C ARG E 252 -24.50 -41.90 23.11
N GLU E 253 -25.35 -42.07 24.12
CA GLU E 253 -26.67 -41.45 24.09
C GLU E 253 -26.61 -39.93 24.04
N SER E 254 -25.48 -39.33 24.45
CA SER E 254 -25.30 -37.90 24.39
C SER E 254 -25.00 -37.49 22.94
N VAL E 255 -26.03 -37.65 22.10
CA VAL E 255 -25.87 -37.40 20.67
C VAL E 255 -25.54 -35.93 20.44
N ALA E 256 -26.28 -35.03 21.10
CA ALA E 256 -26.07 -33.60 20.88
C ALA E 256 -24.69 -33.16 21.34
N ALA E 257 -24.26 -33.66 22.51
CA ALA E 257 -22.97 -33.23 23.06
C ALA E 257 -21.82 -33.59 22.12
N ARG E 258 -21.82 -34.83 21.62
CA ARG E 258 -20.73 -35.26 20.74
C ARG E 258 -20.83 -34.65 19.35
N THR E 259 -22.03 -34.24 18.93
CA THR E 259 -22.18 -33.62 17.61
C THR E 259 -21.43 -32.30 17.55
N VAL E 260 -21.47 -31.53 18.63
CA VAL E 260 -20.80 -30.22 18.63
C VAL E 260 -19.31 -30.38 18.40
N PHE E 261 -18.68 -31.35 19.07
CA PHE E 261 -17.24 -31.54 18.92
C PHE E 261 -16.87 -31.81 17.47
N GLY E 262 -17.58 -32.75 16.83
CA GLY E 262 -17.23 -33.10 15.46
C GLY E 262 -17.43 -31.94 14.50
N VAL E 263 -18.57 -31.26 14.59
CA VAL E 263 -18.86 -30.17 13.66
C VAL E 263 -17.91 -28.99 13.92
N THR E 264 -17.77 -28.60 15.19
CA THR E 264 -16.95 -27.43 15.51
C THR E 264 -15.49 -27.66 15.14
N THR E 265 -14.96 -28.84 15.44
CA THR E 265 -13.55 -29.12 15.14
C THR E 265 -13.30 -29.11 13.64
N VAL E 266 -14.20 -29.70 12.86
CA VAL E 266 -14.00 -29.76 11.41
C VAL E 266 -13.98 -28.35 10.82
N LEU E 267 -14.93 -27.51 11.24
CA LEU E 267 -14.96 -26.14 10.74
C LEU E 267 -13.73 -25.37 11.19
N THR E 268 -13.29 -25.60 12.43
CA THR E 268 -12.10 -24.91 12.93
C THR E 268 -10.88 -25.24 12.09
N MET E 269 -10.71 -26.50 11.73
CA MET E 269 -9.60 -26.89 10.86
C MET E 269 -9.72 -26.23 9.49
N THR E 270 -10.95 -26.17 8.96
CA THR E 270 -11.15 -25.60 7.62
C THR E 270 -10.72 -24.14 7.58
N THR E 271 -11.11 -23.35 8.59
CA THR E 271 -10.77 -21.93 8.59
C THR E 271 -9.27 -21.73 8.80
N LEU E 272 -8.63 -22.60 9.58
CA LEU E 272 -7.19 -22.47 9.79
C LEU E 272 -6.43 -22.64 8.48
N SER E 273 -6.84 -23.60 7.65
CA SER E 273 -6.18 -23.81 6.37
C SER E 273 -6.30 -22.57 5.50
N ILE E 274 -7.49 -21.97 5.44
CA ILE E 274 -7.68 -20.76 4.64
C ILE E 274 -6.86 -19.62 5.23
N SER E 275 -6.94 -19.43 6.55
CA SER E 275 -6.20 -18.35 7.18
C SER E 275 -4.70 -18.58 7.07
N ALA E 276 -4.26 -19.82 7.20
CA ALA E 276 -2.82 -20.11 7.17
C ALA E 276 -2.21 -19.72 5.84
N ARG E 277 -2.91 -20.01 4.74
CA ARG E 277 -2.37 -19.75 3.40
C ARG E 277 -2.57 -18.30 2.95
N ASN E 278 -3.23 -17.46 3.75
CA ASN E 278 -3.38 -16.06 3.37
C ASN E 278 -2.01 -15.39 3.24
N SER E 279 -1.12 -15.62 4.20
CA SER E 279 0.23 -15.09 4.10
C SER E 279 1.09 -15.87 3.12
N LEU E 280 0.85 -17.17 3.00
CA LEU E 280 1.64 -18.00 2.11
C LEU E 280 1.40 -17.59 0.66
N PRO E 281 2.43 -17.66 -0.19
CA PRO E 281 2.22 -17.34 -1.62
C PRO E 281 1.24 -18.31 -2.26
N LYS E 282 0.52 -17.80 -3.26
CA LYS E 282 -0.50 -18.58 -3.97
C LYS E 282 0.18 -19.56 -4.91
N VAL E 283 0.78 -20.59 -4.32
CA VAL E 283 1.48 -21.63 -5.06
C VAL E 283 0.49 -22.74 -5.38
N ALA E 284 0.53 -23.22 -6.62
CA ALA E 284 -0.39 -24.27 -7.08
C ALA E 284 0.19 -25.67 -6.86
N TYR E 285 0.60 -25.95 -5.62
CA TYR E 285 1.03 -27.29 -5.26
C TYR E 285 0.95 -27.42 -3.75
N ALA E 286 0.94 -28.67 -3.28
CA ALA E 286 0.78 -28.95 -1.86
C ALA E 286 2.14 -28.85 -1.16
N THR E 287 2.16 -28.14 -0.03
CA THR E 287 3.35 -28.01 0.79
C THR E 287 3.30 -29.03 1.93
N ALA E 288 4.42 -29.09 2.67
CA ALA E 288 4.47 -30.01 3.81
C ALA E 288 3.44 -29.64 4.86
N MET E 289 3.26 -28.33 5.10
CA MET E 289 2.25 -27.89 6.06
C MET E 289 0.86 -28.31 5.60
N ASP E 290 0.59 -28.22 4.30
CA ASP E 290 -0.73 -28.60 3.80
C ASP E 290 -1.04 -30.07 4.09
N TRP E 291 -0.06 -30.95 3.90
CA TRP E 291 -0.28 -32.36 4.21
C TRP E 291 -0.56 -32.55 5.70
N PHE E 292 0.16 -31.84 6.56
CA PHE E 292 -0.09 -31.95 7.99
C PHE E 292 -1.52 -31.51 8.33
N ILE E 293 -1.99 -30.42 7.72
CA ILE E 293 -3.35 -29.97 7.95
C ILE E 293 -4.34 -31.02 7.46
N ALA E 294 -4.09 -31.58 6.27
CA ALA E 294 -4.99 -32.58 5.72
C ALA E 294 -5.08 -33.79 6.62
N VAL E 295 -3.94 -34.26 7.14
CA VAL E 295 -3.95 -35.40 8.05
C VAL E 295 -4.73 -35.06 9.32
N CYS E 296 -4.49 -33.88 9.88
CA CYS E 296 -5.25 -33.46 11.05
C CYS E 296 -6.74 -33.38 10.74
N TYR E 297 -7.08 -32.91 9.53
CA TYR E 297 -8.48 -32.86 9.13
C TYR E 297 -9.10 -34.25 9.10
N ALA E 298 -8.34 -35.24 8.64
CA ALA E 298 -8.85 -36.61 8.58
C ALA E 298 -9.19 -37.13 9.98
N PHE E 299 -8.33 -36.87 10.96
CA PHE E 299 -8.57 -37.38 12.30
C PHE E 299 -9.87 -36.82 12.87
N VAL E 300 -10.05 -35.50 12.81
CA VAL E 300 -11.28 -34.89 13.31
C VAL E 300 -12.47 -35.35 12.48
N PHE E 301 -12.31 -35.40 11.16
CA PHE E 301 -13.39 -35.87 10.30
C PHE E 301 -13.68 -37.34 10.56
N SER E 302 -12.63 -38.15 10.74
CA SER E 302 -12.83 -39.57 10.99
C SER E 302 -13.55 -39.79 12.32
N ALA E 303 -13.22 -38.99 13.34
CA ALA E 303 -13.87 -39.14 14.63
C ALA E 303 -15.37 -38.95 14.52
N LEU E 304 -15.80 -37.97 13.73
CA LEU E 304 -17.23 -37.76 13.53
C LEU E 304 -17.87 -38.96 12.85
N LEU E 305 -17.18 -39.56 11.87
CA LEU E 305 -17.71 -40.74 11.21
C LEU E 305 -17.90 -41.88 12.19
N GLU E 306 -16.95 -42.07 13.10
CA GLU E 306 -17.08 -43.13 14.10
C GLU E 306 -18.31 -42.90 14.97
N PHE E 307 -18.53 -41.65 15.40
CA PHE E 307 -19.72 -41.34 16.18
C PHE E 307 -20.99 -41.59 15.38
N ALA E 308 -21.00 -41.16 14.11
CA ALA E 308 -22.17 -41.42 13.27
C ALA E 308 -22.38 -42.90 13.06
N PHE E 309 -21.30 -43.65 12.82
CA PHE E 309 -21.40 -45.10 12.65
C PHE E 309 -21.91 -45.75 13.92
N VAL E 310 -21.42 -45.30 15.08
CA VAL E 310 -21.86 -45.88 16.34
C VAL E 310 -23.34 -45.63 16.55
N ASN E 311 -23.79 -44.40 16.29
CA ASN E 311 -25.19 -44.06 16.49
C ASN E 311 -26.11 -44.84 15.57
N TYR E 312 -25.60 -45.32 14.43
CA TYR E 312 -26.42 -46.07 13.50
C TYR E 312 -26.70 -47.49 13.97
N ILE E 313 -25.73 -48.10 14.66
CA ILE E 313 -25.83 -49.49 15.10
C ILE E 313 -25.98 -49.59 16.62
N THR E 314 -26.10 -48.46 17.31
CA THR E 314 -26.22 -48.50 18.76
C THR E 314 -27.49 -49.18 19.23
N LYS E 315 -28.47 -49.35 18.33
CA LYS E 315 -29.73 -50.02 18.66
C LYS E 315 -29.73 -51.49 18.30
N SER E 316 -29.02 -51.89 17.24
CA SER E 316 -29.03 -53.27 16.80
C SER E 316 -28.07 -54.12 17.62
N GLN E 317 -26.78 -53.77 17.60
CA GLN E 317 -25.74 -54.53 18.29
C GLN E 317 -24.93 -53.55 19.15
N PRO E 318 -25.45 -53.17 20.31
CA PRO E 318 -24.70 -52.22 21.17
C PRO E 318 -23.34 -52.74 21.59
N ALA E 319 -23.16 -54.06 21.66
CA ALA E 319 -21.90 -54.62 22.14
C ALA E 319 -20.73 -54.16 21.28
N ARG E 320 -20.87 -54.25 19.96
CA ARG E 320 -19.80 -53.81 19.07
C ARG E 320 -19.62 -52.31 19.13
N ALA E 321 -20.72 -51.56 19.25
CA ALA E 321 -20.62 -50.10 19.30
C ALA E 321 -19.82 -49.64 20.51
N ALA E 322 -20.06 -50.24 21.68
CA ALA E 322 -19.31 -49.87 22.86
C ALA E 322 -17.84 -50.22 22.71
N LYS E 323 -17.54 -51.37 22.12
CA LYS E 323 -16.15 -51.78 21.94
C LYS E 323 -15.39 -50.78 21.07
N ILE E 324 -16.02 -50.31 19.98
CA ILE E 324 -15.35 -49.36 19.10
C ILE E 324 -15.06 -48.05 19.84
N ASP E 325 -16.02 -47.58 20.62
CA ASP E 325 -15.83 -46.32 21.34
C ASP E 325 -14.65 -46.42 22.31
N LYS E 326 -14.58 -47.53 23.06
CA LYS E 326 -13.46 -47.72 23.97
C LYS E 326 -12.15 -47.83 23.20
N MET E 327 -12.15 -48.57 22.08
CA MET E 327 -10.94 -48.72 21.30
C MET E 327 -10.50 -47.38 20.70
N SER E 328 -11.46 -46.57 20.26
CA SER E 328 -11.12 -45.29 19.65
C SER E 328 -10.37 -44.38 20.60
N ARG E 329 -10.66 -44.47 21.91
CA ARG E 329 -9.98 -43.64 22.89
C ARG E 329 -8.49 -43.88 22.92
N ILE E 330 -8.04 -45.06 22.48
CA ILE E 330 -6.63 -45.42 22.52
C ILE E 330 -5.99 -45.36 21.13
N VAL E 331 -6.68 -45.86 20.11
CA VAL E 331 -6.10 -45.94 18.78
C VAL E 331 -5.81 -44.53 18.24
N PHE E 332 -6.81 -43.65 18.30
CA PHE E 332 -6.66 -42.34 17.67
C PHE E 332 -5.51 -41.54 18.26
N PRO E 333 -5.36 -41.39 19.57
CA PRO E 333 -4.20 -40.65 20.10
C PRO E 333 -2.88 -41.24 19.67
N ILE E 334 -2.78 -42.57 19.61
CA ILE E 334 -1.51 -43.20 19.24
C ILE E 334 -1.14 -42.87 17.80
N LEU E 335 -2.12 -42.95 16.89
CA LEU E 335 -1.83 -42.67 15.48
C LEU E 335 -1.40 -41.22 15.29
N PHE E 336 -2.09 -40.29 15.95
CA PHE E 336 -1.73 -38.88 15.83
C PHE E 336 -0.33 -38.63 16.38
N GLY E 337 0.00 -39.23 17.52
CA GLY E 337 1.35 -39.07 18.06
C GLY E 337 2.40 -39.70 17.18
N THR E 338 2.12 -40.90 16.68
CA THR E 338 3.08 -41.57 15.79
C THR E 338 3.28 -40.77 14.50
N PHE E 339 2.20 -40.21 13.96
CA PHE E 339 2.31 -39.43 12.72
C PHE E 339 3.22 -38.23 12.91
N ASN E 340 3.10 -37.54 14.06
CA ASN E 340 3.93 -36.36 14.28
C ASN E 340 5.41 -36.71 14.28
N LEU E 341 5.79 -37.81 14.93
CA LEU E 341 7.20 -38.18 14.96
C LEU E 341 7.74 -38.43 13.56
N VAL E 342 6.97 -39.12 12.72
CA VAL E 342 7.39 -39.33 11.34
C VAL E 342 7.46 -38.00 10.59
N TYR E 343 6.44 -37.16 10.77
CA TYR E 343 6.41 -35.88 10.06
C TYR E 343 7.57 -34.99 10.46
N TRP E 344 7.75 -34.77 11.76
CA TRP E 344 8.82 -33.89 12.22
C TRP E 344 10.19 -34.48 11.91
N ALA E 345 10.36 -35.78 12.15
CA ALA E 345 11.66 -36.41 11.90
C ALA E 345 12.00 -36.41 10.42
N THR E 346 11.00 -36.59 9.56
CA THR E 346 11.27 -36.67 8.12
C THR E 346 11.89 -35.39 7.60
N TYR E 347 11.37 -34.23 8.02
CA TYR E 347 11.88 -32.95 7.55
C TYR E 347 13.02 -32.43 8.41
N LEU E 348 12.96 -32.66 9.73
CA LEU E 348 14.01 -32.20 10.64
C LEU E 348 15.11 -33.25 10.72
N ASN E 349 15.82 -33.39 9.60
CA ASN E 349 16.91 -34.36 9.50
C ASN E 349 17.63 -34.22 8.17
C1 NAG F . 38.56 8.49 17.74
C2 NAG F . 38.75 8.42 19.26
C3 NAG F . 39.14 9.78 19.82
C4 NAG F . 40.35 10.30 19.08
C5 NAG F . 40.10 10.31 17.58
C6 NAG F . 41.36 10.74 16.82
C7 NAG F . 37.46 6.79 20.53
C8 NAG F . 36.13 6.44 21.14
N2 NAG F . 37.53 7.95 19.89
O3 NAG F . 39.43 9.65 21.20
O4 NAG F . 40.64 11.61 19.51
O5 NAG F . 39.72 9.02 17.12
O6 NAG F . 41.66 12.07 17.16
O7 NAG F . 38.41 6.02 20.66
H2 NAG F . 39.55 7.72 19.47
H3 NAG F . 38.29 10.45 19.70
H4 NAG F . 41.20 9.65 19.31
H5 NAG F . 39.31 11.01 17.36
H61 NAG F . 42.18 10.08 17.08
H62 NAG F . 41.18 10.66 15.75
H81 NAG F . 35.77 5.51 20.69
H82 NAG F . 36.24 6.32 22.21
H83 NAG F . 35.42 7.24 20.93
HN2 NAG F . 36.72 8.56 19.86
HO3 NAG F . 39.32 8.71 21.47
HO4 NAG F . 39.98 11.88 20.19
HO6 NAG F . 40.99 12.43 17.77
N QMJ G . 31.83 2.91 3.54
C QMJ G . 34.21 -2.28 0.95
O QMJ G . 33.96 0.09 1.12
C1 QMJ G . 34.46 -0.99 0.27
C10 QMJ G . 31.38 3.51 7.20
C11 QMJ G . 31.42 2.84 5.98
C12 QMJ G . 31.08 1.39 6.05
C13 QMJ G . 32.82 0.69 4.39
C14 QMJ G . 33.06 -0.75 3.93
C15 QMJ G . 33.16 -1.52 5.24
C16 QMJ G . 32.18 -0.83 6.19
C17 QMJ G . 30.49 6.39 8.68
C2 QMJ G . 32.64 0.26 1.15
C3 QMJ G . 32.25 1.43 1.97
C4 QMJ G . 32.32 1.62 3.33
C5 QMJ G . 31.48 3.41 2.31
C6 QMJ G . 31.73 3.55 4.80
C7 QMJ G . 31.99 4.91 4.86
C8 QMJ G . 31.95 5.58 6.08
C9 QMJ G . 31.63 4.88 7.23
N1 QMJ G . 31.72 2.54 1.34
N2 QMJ G . 31.97 0.50 5.57
O1 QMJ G . 31.86 -0.45 0.57
O2 QMJ G . 30.02 1.03 6.53
O3 QMJ G . 31.60 5.54 8.43
H2 QMJ G . 34.54 -3.11 0.33
H1 QMJ G . 33.14 -2.45 1.15
H3 QMJ G . 34.72 -2.37 1.90
H4 QMJ G . 33.98 -0.95 -0.71
H5 QMJ G . 35.53 -0.82 0.10
H9 QMJ G . 31.13 2.96 8.10
H QMJ G . 33.75 1.14 4.75
H11 QMJ G . 32.28 -1.12 3.29
H10 QMJ G . 33.98 -0.83 3.35
H12 QMJ G . 32.92 -2.57 5.11
H13 QMJ G . 34.17 -1.51 5.63
H14 QMJ G . 32.57 -0.72 7.20
H15 QMJ G . 31.24 -1.37 6.29
H16 QMJ G . 30.68 7.17 9.41
H17 QMJ G . 29.72 5.71 9.04
H18 QMJ G . 30.12 6.86 7.75
H6 QMJ G . 31.06 4.40 2.16
H7 QMJ G . 32.25 5.48 3.97
H8 QMJ G . 32.15 6.64 6.13
C1 NAG H . 6.25 39.47 16.57
C2 NAG H . 5.17 40.14 17.40
C3 NAG H . 4.68 41.41 16.74
C4 NAG H . 5.87 42.32 16.45
C5 NAG H . 6.93 41.57 15.65
C6 NAG H . 8.16 42.44 15.45
C7 NAG H . 3.72 38.75 18.78
C8 NAG H . 2.55 37.81 18.83
N2 NAG H . 4.05 39.22 17.59
O3 NAG H . 3.77 42.08 17.60
O4 NAG H . 5.43 43.44 15.72
O5 NAG H . 7.31 40.38 16.31
O6 NAG H . 7.82 43.56 14.66
O7 NAG H . 4.31 39.04 19.82
H2 NAG H . 5.59 40.39 18.38
H3 NAG H . 4.18 41.15 15.81
H4 NAG H . 6.29 42.64 17.40
H5 NAG H . 6.51 41.32 14.68
H61 NAG H . 8.55 42.75 16.41
H62 NAG H . 8.94 41.87 14.94
H81 NAG H . 2.87 36.85 19.22
H82 NAG H . 1.77 38.23 19.48
H83 NAG H . 2.16 37.68 17.82
HN2 NAG H . 3.50 38.97 16.78
HO3 NAG H . 3.67 41.56 18.42
HO4 NAG H . 4.47 43.38 15.57
HO6 NAG H . 6.88 43.51 14.40
N QMJ I . 14.82 25.98 11.75
C QMJ I . 19.23 23.72 15.59
O QMJ I . 18.51 24.99 13.70
C1 QMJ I . 19.67 24.40 14.35
C10 QMJ I . 11.53 27.40 12.79
C11 QMJ I . 12.66 26.57 12.78
C12 QMJ I . 12.68 25.52 13.84
C13 QMJ I . 15.13 25.74 14.29
C14 QMJ I . 15.91 24.92 15.32
C15 QMJ I . 15.07 25.04 16.58
C16 QMJ I . 13.61 25.10 16.09
C17 QMJ I . 9.29 28.98 10.85
C2 QMJ I . 17.70 24.14 13.06
C3 QMJ I . 16.59 24.84 12.36
C4 QMJ I . 15.50 25.52 12.87
C5 QMJ I . 15.52 25.55 10.66
C6 QMJ I . 13.64 26.77 11.80
C7 QMJ I . 13.49 27.77 10.84
C8 QMJ I . 12.36 28.58 10.86
C9 QMJ I . 11.39 28.39 11.83
N1 QMJ I . 16.59 24.87 10.97
N2 QMJ I . 13.74 25.47 14.67
O1 QMJ I . 17.86 22.95 13.04
O2 QMJ I . 11.76 24.73 13.93
O3 QMJ I . 10.28 29.20 11.86
H2 QMJ I . 20.08 23.26 16.09
H1 QMJ I . 18.50 22.95 15.40
H3 QMJ I . 18.78 24.41 16.31
H4 QMJ I . 20.17 23.71 13.67
H5 QMJ I . 20.39 25.19 14.55
H9 QMJ I . 10.77 27.25 13.56
H QMJ I . 15.28 26.81 14.47
H11 QMJ I . 16.04 23.89 15.02
H10 QMJ I . 16.92 25.31 15.47
H12 QMJ I . 15.22 24.21 17.27
H13 QMJ I . 15.32 25.93 17.15
H14 QMJ I . 13.01 25.82 16.63
H15 QMJ I . 13.10 24.14 16.20
H16 QMJ I . 8.67 29.85 10.66
H17 QMJ I . 8.70 28.17 11.27
H18 QMJ I . 9.73 28.64 9.92
H6 QMJ I . 15.22 25.77 9.63
H7 QMJ I . 14.23 27.93 10.07
H8 QMJ I . 12.23 29.37 10.12
C1 NAG J . -17.11 33.65 -21.13
C2 NAG J . -18.53 33.57 -21.69
C3 NAG J . -18.52 33.71 -23.20
C4 NAG J . -17.79 34.98 -23.59
C5 NAG J . -16.41 35.01 -22.96
C6 NAG J . -15.69 36.33 -23.26
C7 NAG J . -20.20 32.25 -20.50
C8 NAG J . -20.72 30.88 -20.20
N2 NAG J . -19.14 32.31 -21.31
O3 NAG J . -19.86 33.76 -23.68
O4 NAG J . -17.66 35.04 -25.00
O5 NAG J . -16.48 34.84 -21.56
O6 NAG J . -15.48 36.43 -24.65
O7 NAG J . -20.74 33.25 -20.02
H2 NAG J . -19.11 34.40 -21.27
H3 NAG J . -18.03 32.84 -23.62
H4 NAG J . -18.37 35.84 -23.24
H5 NAG J . -15.81 34.19 -23.38
H61 NAG J . -16.30 37.16 -22.90
H62 NAG J . -14.74 36.35 -22.74
H81 NAG J . -20.68 30.70 -19.13
H82 NAG J . -21.76 30.81 -20.53
H83 NAG J . -20.12 30.14 -20.72
HN2 NAG J . -18.77 31.47 -21.71
HO3 NAG J . -20.47 33.71 -22.92
HO4 NAG J . -18.08 34.25 -25.39
HO6 NAG J . -15.80 35.61 -25.10
N QMJ K . -5.82 30.20 -9.35
C QMJ K . -5.93 33.54 -4.03
O QMJ K . -5.07 33.02 -6.21
C1 QMJ K . -4.81 33.78 -4.98
C10 QMJ K . -8.80 29.04 -11.26
C11 QMJ K . -7.99 29.37 -10.17
C12 QMJ K . -8.61 29.18 -8.83
C13 QMJ K . -7.63 31.25 -7.84
C14 QMJ K . -7.84 31.73 -6.41
C15 QMJ K . -9.35 31.65 -6.25
C16 QMJ K . -9.80 30.46 -7.08
C17 QMJ K . -8.83 27.61 -14.29
C2 QMJ K . -4.86 31.71 -6.15
C3 QMJ K . -5.07 31.05 -7.47
C4 QMJ K . -6.23 30.85 -8.19
C5 QMJ K . -4.46 30.04 -9.25
C6 QMJ K . -6.68 29.82 -10.41
C7 QMJ K . -6.19 29.93 -11.71
C8 QMJ K . -7.01 29.60 -12.78
C9 QMJ K . -8.30 29.16 -12.55
N1 QMJ K . -3.97 30.54 -8.13
N2 QMJ K . -8.67 30.23 -7.99
O1 QMJ K . -4.54 31.12 -5.15
O2 QMJ K . -9.08 28.10 -8.52
O3 QMJ K . -9.11 28.83 -13.62
H2 QMJ K . -5.75 34.06 -3.10
H1 QMJ K . -6.05 32.48 -3.80
H3 QMJ K . -6.88 33.88 -4.42
H4 QMJ K . -3.86 33.47 -4.56
H5 QMJ K . -4.72 34.83 -5.24
H9 QMJ K . -9.82 28.69 -11.08
H QMJ K . -7.88 32.05 -8.55
H11 QMJ K . -7.32 31.11 -5.68
H10 QMJ K . -7.46 32.74 -6.26
H12 QMJ K . -9.65 31.56 -5.21
H13 QMJ K . -9.82 32.58 -6.57
H14 QMJ K . -10.72 30.65 -7.64
H15 QMJ K . -10.00 29.59 -6.48
H16 QMJ K . -9.20 27.59 -15.32
H17 QMJ K . -9.36 26.86 -13.69
H18 QMJ K . -7.77 27.38 -14.29
H6 QMJ K . -3.86 29.56 -10.02
H7 QMJ K . -5.18 30.27 -11.90
H8 QMJ K . -6.65 29.68 -13.80
C1 NAG L . 0.69 -0.92 -43.26
C2 NAG L . 0.35 -2.20 -44.02
C3 NAG L . 1.53 -2.70 -44.83
C4 NAG L . 2.03 -1.58 -45.73
C5 NAG L . 2.31 -0.31 -44.92
C6 NAG L . 2.71 0.83 -45.83
C7 NAG L . -1.30 -3.72 -43.06
C8 NAG L . -1.58 -4.78 -42.04
N2 NAG L . -0.06 -3.23 -43.08
O3 NAG L . 1.15 -3.80 -45.61
O4 NAG L . 3.21 -1.98 -46.38
O5 NAG L . 1.18 0.07 -44.16
O6 NAG L . 3.93 0.53 -46.47
O7 NAG L . -2.18 -3.36 -43.84
H2 NAG L . -0.48 -1.99 -44.70
H3 NAG L . 2.32 -2.99 -44.14
H4 NAG L . 1.26 -1.36 -46.47
H5 NAG L . 3.13 -0.52 -44.24
H61 NAG L . 1.92 1.01 -46.56
H62 NAG L . 2.83 1.75 -45.24
H81 NAG L . -2.38 -4.43 -41.38
H82 NAG L . -1.90 -5.70 -42.54
H83 NAG L . -0.69 -4.98 -41.46
HN2 NAG L . 0.62 -3.60 -42.44
HO3 NAG L . 0.20 -3.99 -45.45
HO4 NAG L . 3.44 -2.90 -46.10
HO6 NAG L . 4.25 -0.34 -46.16
N QMJ M . -1.60 9.71 -30.62
C QMJ M . -6.54 13.58 -30.82
O QMJ M . -4.22 13.08 -31.10
C1 QMJ M . -5.19 14.16 -31.02
C10 QMJ M . -1.56 6.17 -31.75
C11 QMJ M . -2.02 7.35 -31.19
C12 QMJ M . -3.42 7.30 -30.66
C13 QMJ M . -4.03 9.58 -31.45
C14 QMJ M . -5.39 10.25 -31.24
C15 QMJ M . -6.37 9.19 -31.70
C16 QMJ M . -5.74 7.85 -31.32
C17 QMJ M . 1.11 4.16 -32.04
C2 QMJ M . -3.90 12.49 -29.95
C3 QMJ M . -2.84 11.47 -30.11
C4 QMJ M . -2.89 10.24 -30.75
C5 QMJ M . -0.88 10.64 -29.92
C6 QMJ M . -1.17 8.47 -31.15
C7 QMJ M . 0.12 8.39 -31.65
C8 QMJ M . 0.57 7.20 -32.20
C9 QMJ M . -0.26 6.09 -32.26
N1 QMJ M . -1.58 11.70 -29.60
N2 QMJ M . -4.32 8.18 -31.12
O1 QMJ M . -4.40 12.76 -28.89
O2 QMJ M . -3.72 6.46 -29.82
O3 QMJ M . 0.19 4.92 -32.80
H2 QMJ M . -7.28 14.37 -30.73
H1 QMJ M . -6.60 12.97 -29.92
H3 QMJ M . -6.84 12.94 -31.65
H4 QMJ M . -4.92 14.84 -30.21
H5 QMJ M . -5.13 14.74 -31.94
H9 QMJ M . -2.21 5.30 -31.79
H QMJ M . -3.76 9.60 -32.50
H11 QMJ M . -5.56 10.54 -30.21
H10 QMJ M . -5.49 11.17 -31.82
H12 QMJ M . -7.36 9.31 -31.26
H13 QMJ M . -6.56 9.25 -32.78
H14 QMJ M . -5.85 7.08 -32.09
H15 QMJ M . -6.17 7.43 -30.42
H16 QMJ M . 1.73 3.50 -32.64
H17 QMJ M . 0.48 3.59 -31.38
H18 QMJ M . 1.77 4.79 -31.44
H6 QMJ M . 0.18 10.50 -29.65
H7 QMJ M . 0.79 9.24 -31.62
H8 QMJ M . 1.59 7.12 -32.60
C1 NAG N . 35.08 -16.46 -19.24
C2 NAG N . 35.73 -17.74 -18.70
C3 NAG N . 37.15 -17.47 -18.23
C4 NAG N . 37.93 -16.81 -19.35
C5 NAG N . 37.21 -15.58 -19.86
C6 NAG N . 37.95 -14.96 -21.05
C7 NAG N . 34.31 -19.45 -17.70
C8 NAG N . 33.53 -19.88 -16.49
N2 NAG N . 34.94 -18.27 -17.62
O3 NAG N . 37.75 -18.69 -17.87
O4 NAG N . 39.21 -16.45 -18.87
O5 NAG N . 35.88 -15.88 -20.25
O6 NAG N . 39.21 -14.51 -20.63
O7 NAG N . 34.35 -20.17 -18.70
H2 NAG N . 35.76 -18.46 -19.51
H3 NAG N . 37.10 -16.82 -17.36
H4 NAG N . 38.04 -17.54 -20.17
H5 NAG N . 37.18 -14.84 -19.06
H61 NAG N . 38.04 -15.70 -21.84
H62 NAG N . 37.37 -14.13 -21.43
H81 NAG N . 32.48 -20.00 -16.76
H82 NAG N . 33.92 -20.82 -16.12
H83 NAG N . 33.61 -19.11 -15.71
HN2 NAG N . 34.90 -17.75 -16.76
HO3 NAG N . 37.13 -19.43 -18.01
HO4 NAG N . 39.29 -16.70 -17.93
HO6 NAG N . 39.32 -14.66 -19.66
N QMJ O . 21.66 -7.16 -22.66
C QMJ O . 18.27 -8.56 -27.74
O QMJ O . 19.91 -7.28 -26.57
C1 QMJ O . 19.09 -7.33 -27.77
C10 QMJ O . 23.26 -9.61 -20.35
C11 QMJ O . 22.32 -9.05 -21.22
C12 QMJ O . 21.12 -9.88 -21.46
C13 QMJ O . 20.97 -9.31 -23.89
C14 QMJ O . 19.89 -9.82 -24.85
C15 QMJ O . 19.90 -11.33 -24.61
C16 QMJ O . 20.21 -11.49 -23.11
C17 QMJ O . 25.41 -8.95 -17.85
C2 QMJ O . 19.29 -6.95 -25.44
C3 QMJ O . 20.22 -6.85 -24.30
C4 QMJ O . 20.94 -7.83 -23.64
C5 QMJ O . 21.35 -5.83 -22.78
C6 QMJ O . 22.57 -7.77 -21.74
C7 QMJ O . 23.73 -7.08 -21.42
C8 QMJ O . 24.65 -7.65 -20.55
C9 QMJ O . 24.42 -8.90 -20.03
N1 QMJ O . 20.49 -5.60 -23.75
N2 QMJ O . 20.80 -10.19 -22.74
O1 QMJ O . 18.10 -6.75 -25.36
O2 QMJ O . 20.44 -10.27 -20.53
O3 QMJ O . 25.34 -9.47 -19.18
H2 QMJ O . 17.62 -8.61 -28.61
H1 QMJ O . 17.62 -8.62 -26.86
H3 QMJ O . 18.87 -9.47 -27.74
H4 QMJ O . 18.46 -6.44 -27.83
H5 QMJ O . 19.75 -7.30 -28.64
H9 QMJ O . 23.08 -10.61 -19.94
H QMJ O . 21.95 -9.50 -24.30
H11 QMJ O . 18.92 -9.38 -24.67
H10 QMJ O . 20.12 -9.59 -25.89
H12 QMJ O . 18.96 -11.79 -24.87
H13 QMJ O . 20.64 -11.81 -25.22
H14 QMJ O . 20.91 -12.30 -22.91
H15 QMJ O . 19.32 -11.69 -22.53
H16 QMJ O . 26.37 -9.12 -17.37
H17 QMJ O . 24.62 -9.49 -17.34
H18 QMJ O . 25.18 -7.89 -17.83
H6 QMJ O . 21.76 -5.05 -22.14
H7 QMJ O . 23.92 -6.08 -21.81
H8 QMJ O . 25.56 -7.11 -20.29
#